data_6D63
#
_entry.id   6D63
#
_cell.length_a   99.724
_cell.length_b   74.656
_cell.length_c   103.611
_cell.angle_alpha   90.00
_cell.angle_beta   96.69
_cell.angle_gamma   90.00
#
_symmetry.space_group_name_H-M   'P 1 21 1'
#
loop_
_entity.id
_entity.type
_entity.pdbx_description
1 polymer atzH
2 non-polymer '3-oxopentanedioic acid'
3 water water
#
_entity_poly.entity_id   1
_entity_poly.type   'polypeptide(L)'
_entity_poly.pdbx_seq_one_letter_code
;MGSSHHHHHHHSSGLVPRGSHHMLEMQINLPEVHAEVTAQFVRYEKALTSNDTAVLNELFWNSPQTLRYGATENLYGYEA
IAGFRATRSPNNLEKEIVRTVITTYGHDFATANIEFRRLSHSQLTGRQSQTWMRTSQGWRVVAAHVSLIALPVS
;
_entity_poly.pdbx_strand_id   A,B,C,D,E,F,G,H,I,J,K,L
#
loop_
_chem_comp.id
_chem_comp.type
_chem_comp.name
_chem_comp.formula
6JN non-polymer '3-oxopentanedioic acid' 'C5 H6 O5'
#
# COMPACT_ATOMS: atom_id res chain seq x y z
N GLU A 25 -7.52 10.72 -20.72
CA GLU A 25 -8.37 11.29 -21.81
C GLU A 25 -7.77 11.14 -23.22
N MET A 26 -7.29 12.25 -23.74
CA MET A 26 -6.96 12.37 -25.15
C MET A 26 -5.51 11.85 -25.40
N GLN A 27 -5.40 10.53 -25.35
CA GLN A 27 -4.17 9.84 -25.64
C GLN A 27 -3.07 10.09 -24.66
N ILE A 28 -3.22 9.51 -23.49
CA ILE A 28 -2.30 9.72 -22.38
C ILE A 28 -1.16 8.71 -22.46
N ASN A 29 0.08 9.23 -22.49
CA ASN A 29 1.26 8.38 -22.44
C ASN A 29 1.32 7.34 -23.55
N LEU A 30 1.11 7.80 -24.78
CA LEU A 30 1.37 6.96 -25.94
C LEU A 30 2.84 6.54 -25.85
N PRO A 31 3.12 5.23 -25.96
CA PRO A 31 4.47 4.73 -25.69
C PRO A 31 5.60 5.44 -26.45
N GLU A 32 5.40 5.68 -27.74
CA GLU A 32 6.45 6.29 -28.54
C GLU A 32 6.66 7.74 -28.15
N VAL A 33 5.56 8.44 -27.86
CA VAL A 33 5.64 9.84 -27.44
C VAL A 33 6.31 9.94 -26.06
N HIS A 34 5.86 9.11 -25.13
CA HIS A 34 6.44 9.11 -23.79
C HIS A 34 7.96 8.79 -23.84
N ALA A 35 8.34 7.89 -24.74
CA ALA A 35 9.75 7.57 -24.92
C ALA A 35 10.56 8.77 -25.43
N GLU A 36 10.02 9.50 -26.38
CA GLU A 36 10.72 10.69 -26.92
C GLU A 36 10.91 11.73 -25.84
N VAL A 37 9.87 11.99 -25.07
CA VAL A 37 9.96 13.04 -24.05
C VAL A 37 10.90 12.62 -22.94
N THR A 38 10.85 11.36 -22.53
CA THR A 38 11.74 10.86 -21.49
C THR A 38 13.19 11.01 -21.96
N ALA A 39 13.46 10.75 -23.23
CA ALA A 39 14.81 10.90 -23.78
C ALA A 39 15.29 12.31 -23.65
N GLN A 40 14.43 13.27 -24.00
CA GLN A 40 14.80 14.68 -23.93
C GLN A 40 15.01 15.12 -22.50
N PHE A 41 14.22 14.57 -21.59
CA PHE A 41 14.39 14.88 -20.17
C PHE A 41 15.75 14.36 -19.70
N VAL A 42 16.13 13.16 -20.09
CA VAL A 42 17.44 12.64 -19.72
C VAL A 42 18.55 13.53 -20.32
N ARG A 43 18.36 13.94 -21.58
CA ARG A 43 19.27 14.88 -22.20
C ARG A 43 19.44 16.14 -21.36
N TYR A 44 18.32 16.67 -20.88
CA TYR A 44 18.35 17.90 -20.09
C TYR A 44 19.14 17.68 -18.80
N GLU A 45 18.86 16.59 -18.12
CA GLU A 45 19.52 16.29 -16.85
C GLU A 45 21.03 16.09 -17.05
N LYS A 46 21.41 15.44 -18.14
CA LYS A 46 22.83 15.27 -18.46
C LYS A 46 23.52 16.61 -18.72
N ALA A 47 22.82 17.51 -19.42
CA ALA A 47 23.38 18.82 -19.72
C ALA A 47 23.54 19.69 -18.48
N LEU A 48 22.66 19.51 -17.49
CA LEU A 48 22.80 20.22 -16.23
C LEU A 48 24.09 19.81 -15.52
N THR A 49 24.35 18.49 -15.46
CA THR A 49 25.49 18.01 -14.72
C THR A 49 26.82 18.38 -15.36
N SER A 50 26.86 18.46 -16.67
CA SER A 50 28.08 18.89 -17.38
C SER A 50 28.07 20.40 -17.68
N ASN A 51 27.07 21.12 -17.19
CA ASN A 51 26.84 22.51 -17.56
C ASN A 51 27.00 22.77 -19.06
N ASP A 52 26.40 21.90 -19.86
CA ASP A 52 26.39 22.04 -21.31
C ASP A 52 25.31 23.06 -21.69
N THR A 53 25.69 24.33 -21.69
CA THR A 53 24.76 25.43 -21.92
C THR A 53 24.18 25.41 -23.34
N ALA A 54 24.95 24.90 -24.30
CA ALA A 54 24.43 24.76 -25.67
C ALA A 54 23.18 23.87 -25.69
N VAL A 55 23.24 22.72 -25.04
CA VAL A 55 22.10 21.81 -24.98
C VAL A 55 20.99 22.41 -24.09
N LEU A 56 21.36 23.04 -22.99
CA LEU A 56 20.37 23.64 -22.09
C LEU A 56 19.56 24.70 -22.83
N ASN A 57 20.22 25.54 -23.62
CA ASN A 57 19.54 26.55 -24.42
C ASN A 57 18.76 25.94 -25.57
N GLU A 58 19.33 24.93 -26.22
CA GLU A 58 18.64 24.23 -27.31
C GLU A 58 17.27 23.71 -26.85
N LEU A 59 17.17 23.24 -25.61
CA LEU A 59 15.96 22.56 -25.15
C LEU A 59 14.85 23.49 -24.66
N PHE A 60 15.17 24.76 -24.42
CA PHE A 60 14.16 25.74 -24.04
C PHE A 60 13.59 26.40 -25.28
N TRP A 61 12.27 26.56 -25.29
CA TRP A 61 11.58 27.16 -26.42
C TRP A 61 12.05 28.60 -26.61
N ASN A 62 12.50 28.91 -27.83
CA ASN A 62 12.96 30.28 -28.14
C ASN A 62 11.77 31.18 -28.42
N SER A 63 11.27 31.83 -27.36
CA SER A 63 10.09 32.68 -27.44
C SER A 63 10.11 33.64 -26.25
N PRO A 64 9.53 34.84 -26.42
CA PRO A 64 9.41 35.72 -25.25
C PRO A 64 8.42 35.17 -24.20
N GLN A 65 7.55 34.24 -24.59
CA GLN A 65 6.57 33.71 -23.65
C GLN A 65 7.22 32.70 -22.67
N THR A 66 8.29 32.02 -23.12
CA THR A 66 8.96 31.05 -22.30
C THR A 66 9.40 31.66 -20.98
N LEU A 67 9.26 30.91 -19.88
CA LEU A 67 9.68 31.43 -18.59
C LEU A 67 10.17 30.34 -17.69
N ARG A 68 10.97 30.74 -16.71
CA ARG A 68 11.51 29.84 -15.72
C ARG A 68 11.46 30.48 -14.35
N TYR A 69 10.68 29.90 -13.46
CA TYR A 69 10.72 30.25 -12.06
C TYR A 69 11.80 29.39 -11.41
N GLY A 70 13.01 29.94 -11.31
CA GLY A 70 14.12 29.24 -10.68
C GLY A 70 14.03 29.16 -9.18
N ALA A 71 14.96 28.44 -8.58
CA ALA A 71 15.01 28.31 -7.12
C ALA A 71 15.18 29.67 -6.44
N THR A 72 15.89 30.60 -7.11
CA THR A 72 16.22 31.89 -6.53
C THR A 72 15.92 33.11 -7.39
N GLU A 73 15.34 32.89 -8.58
CA GLU A 73 15.09 33.99 -9.52
C GLU A 73 13.91 33.68 -10.43
N ASN A 74 13.22 34.72 -10.90
CA ASN A 74 12.13 34.59 -11.87
C ASN A 74 12.58 35.18 -13.20
N LEU A 75 12.59 34.37 -14.25
CA LEU A 75 13.06 34.81 -15.56
C LEU A 75 11.97 34.72 -16.61
N TYR A 76 11.74 35.82 -17.31
CA TYR A 76 10.73 35.92 -18.36
C TYR A 76 11.38 36.09 -19.72
N GLY A 77 11.09 35.17 -20.63
CA GLY A 77 11.58 35.20 -21.99
C GLY A 77 12.83 34.33 -22.14
N TYR A 78 12.97 33.74 -23.32
CA TYR A 78 14.11 32.91 -23.63
C TYR A 78 15.47 33.64 -23.45
N GLU A 79 15.53 34.89 -23.89
CA GLU A 79 16.78 35.65 -23.79
C GLU A 79 17.24 35.80 -22.34
N ALA A 80 16.31 36.04 -21.43
CA ALA A 80 16.65 36.11 -20.02
C ALA A 80 17.11 34.75 -19.48
N ILE A 81 16.51 33.67 -19.96
CA ILE A 81 16.90 32.33 -19.53
C ILE A 81 18.28 31.96 -20.05
N ALA A 82 18.52 32.19 -21.32
CA ALA A 82 19.83 31.93 -21.94
C ALA A 82 20.95 32.76 -21.28
N GLY A 83 20.66 34.02 -20.97
CA GLY A 83 21.61 34.90 -20.29
C GLY A 83 21.97 34.37 -18.90
N PHE A 84 20.94 33.92 -18.19
CA PHE A 84 21.15 33.29 -16.90
C PHE A 84 22.05 32.05 -16.98
N ARG A 85 21.87 31.25 -18.02
CA ARG A 85 22.66 30.03 -18.19
C ARG A 85 24.10 30.33 -18.44
N ALA A 86 24.40 31.45 -19.13
CA ALA A 86 25.77 31.80 -19.44
C ALA A 86 26.53 32.22 -18.18
N THR A 87 25.84 32.81 -17.20
CA THR A 87 26.48 33.33 -16.01
C THR A 87 26.37 32.43 -14.77
N ARG A 88 25.78 31.25 -14.89
CA ARG A 88 25.54 30.41 -13.71
C ARG A 88 26.76 29.60 -13.30
N SER A 89 26.95 29.50 -11.99
CA SER A 89 27.91 28.58 -11.44
C SER A 89 27.45 27.13 -11.62
N PRO A 90 28.34 26.28 -12.13
CA PRO A 90 27.97 24.88 -12.33
C PRO A 90 28.26 23.97 -11.12
N ASN A 91 28.67 24.52 -9.98
CA ASN A 91 29.37 23.69 -8.98
C ASN A 91 28.44 22.74 -8.21
N ASN A 92 27.37 23.25 -7.60
CA ASN A 92 26.51 22.42 -6.74
C ASN A 92 25.42 21.73 -7.57
N LEU A 93 25.82 21.06 -8.64
CA LEU A 93 24.91 20.68 -9.72
C LEU A 93 24.24 19.36 -9.38
N GLU A 94 25.09 18.35 -9.14
CA GLU A 94 24.69 16.99 -8.86
C GLU A 94 23.56 16.88 -7.82
N LYS A 95 22.69 15.93 -8.03
CA LYS A 95 21.41 15.82 -7.32
C LYS A 95 20.92 14.39 -7.53
N GLU A 96 20.26 13.83 -6.53
CA GLU A 96 19.64 12.53 -6.63
C GLU A 96 18.15 12.74 -6.99
N ILE A 97 17.75 12.16 -8.11
CA ILE A 97 16.36 12.13 -8.49
C ILE A 97 15.66 11.02 -7.71
N VAL A 98 14.53 11.34 -7.11
CA VAL A 98 13.85 10.46 -6.18
C VAL A 98 12.46 10.08 -6.69
N ARG A 99 11.85 10.95 -7.50
CA ARG A 99 10.59 10.63 -8.15
C ARG A 99 10.57 11.36 -9.48
N THR A 100 9.99 10.69 -10.48
CA THR A 100 9.77 11.25 -11.78
C THR A 100 8.34 10.88 -12.22
N VAL A 101 7.57 11.90 -12.63
CA VAL A 101 6.37 11.67 -13.39
C VAL A 101 6.41 12.41 -14.73
N ILE A 102 6.52 11.65 -15.82
CA ILE A 102 6.46 12.21 -17.17
C ILE A 102 5.10 11.79 -17.79
N THR A 103 4.33 12.78 -18.24
CA THR A 103 3.02 12.51 -18.80
C THR A 103 2.88 13.21 -20.14
N THR A 104 2.48 12.45 -21.18
CA THR A 104 2.30 13.02 -22.50
C THR A 104 0.83 13.01 -22.84
N TYR A 105 0.42 14.03 -23.59
CA TYR A 105 -0.98 14.24 -23.96
C TYR A 105 -1.03 14.37 -25.48
N GLY A 106 -1.64 13.40 -26.16
CA GLY A 106 -1.56 13.37 -27.61
C GLY A 106 -0.11 13.19 -28.06
N HIS A 107 0.20 13.78 -29.20
CA HIS A 107 1.51 13.61 -29.79
C HIS A 107 2.47 14.76 -29.54
N ASP A 108 1.99 15.91 -29.06
CA ASP A 108 2.79 17.14 -29.10
C ASP A 108 2.97 17.90 -27.79
N PHE A 109 2.46 17.36 -26.68
CA PHE A 109 2.50 18.07 -25.43
C PHE A 109 2.83 17.15 -24.27
N ALA A 110 3.50 17.69 -23.27
CA ALA A 110 3.91 16.86 -22.14
C ALA A 110 4.22 17.72 -20.92
N THR A 111 4.17 17.10 -19.76
CA THR A 111 4.72 17.65 -18.53
C THR A 111 5.74 16.70 -17.97
N ALA A 112 6.73 17.24 -17.28
CA ALA A 112 7.73 16.44 -16.56
C ALA A 112 7.94 17.04 -15.19
N ASN A 113 7.75 16.21 -14.18
CA ASN A 113 7.82 16.63 -12.79
C ASN A 113 8.71 15.69 -12.03
N ILE A 114 9.70 16.23 -11.34
CA ILE A 114 10.60 15.43 -10.51
C ILE A 114 10.75 15.97 -9.11
N GLU A 115 11.11 15.08 -8.21
CA GLU A 115 11.55 15.42 -6.87
C GLU A 115 13.01 15.01 -6.79
N PHE A 116 13.79 15.83 -6.08
CA PHE A 116 15.21 15.50 -5.97
C PHE A 116 15.74 15.91 -4.61
N ARG A 117 16.93 15.42 -4.31
N ARG A 117 16.94 15.41 -4.31
CA ARG A 117 17.57 15.59 -3.01
CA ARG A 117 17.57 15.60 -3.01
C ARG A 117 19.03 15.90 -3.29
C ARG A 117 19.03 15.90 -3.28
N ARG A 118 19.70 16.58 -2.37
CA ARG A 118 21.13 16.79 -2.45
C ARG A 118 21.74 16.46 -1.12
N LEU A 119 22.89 15.78 -1.10
CA LEU A 119 23.67 15.62 0.15
C LEU A 119 24.19 16.93 0.75
N SER A 120 24.41 17.95 -0.08
CA SER A 120 24.86 19.25 0.37
C SER A 120 23.81 20.07 1.12
N HIS A 121 22.52 19.75 0.96
CA HIS A 121 21.47 20.43 1.71
C HIS A 121 20.44 19.44 2.16
N SER A 122 20.87 18.57 3.08
CA SER A 122 20.03 17.42 3.51
C SER A 122 18.68 17.83 4.07
N GLN A 123 18.58 19.08 4.55
CA GLN A 123 17.32 19.59 5.05
C GLN A 123 16.32 20.06 3.97
N LEU A 124 16.71 20.07 2.68
CA LEU A 124 15.80 20.58 1.63
C LEU A 124 15.49 19.53 0.57
N THR A 125 14.21 19.35 0.26
CA THR A 125 13.78 18.53 -0.86
C THR A 125 13.42 19.39 -2.05
N GLY A 126 13.88 18.98 -3.22
CA GLY A 126 13.69 19.76 -4.45
C GLY A 126 12.52 19.31 -5.30
N ARG A 127 11.86 20.26 -5.97
CA ARG A 127 10.84 19.97 -6.96
C ARG A 127 11.17 20.73 -8.23
N GLN A 128 10.94 20.09 -9.38
CA GLN A 128 11.18 20.69 -10.69
C GLN A 128 10.05 20.29 -11.62
N SER A 129 9.35 21.28 -12.17
CA SER A 129 8.25 21.03 -13.09
C SER A 129 8.57 21.67 -14.42
N GLN A 130 8.25 20.96 -15.50
CA GLN A 130 8.43 21.46 -16.84
C GLN A 130 7.20 21.12 -17.69
N THR A 131 6.88 22.02 -18.61
CA THR A 131 5.89 21.73 -19.64
C THR A 131 6.61 21.72 -20.99
N TRP A 132 6.40 20.65 -21.76
CA TRP A 132 7.11 20.43 -23.02
C TRP A 132 6.14 20.48 -24.18
N MET A 133 6.61 21.01 -25.31
CA MET A 133 5.86 21.10 -26.54
C MET A 133 6.71 20.64 -27.70
N ARG A 134 6.13 19.90 -28.63
CA ARG A 134 6.88 19.46 -29.80
C ARG A 134 6.84 20.57 -30.85
N THR A 135 8.00 21.12 -31.17
CA THR A 135 8.13 22.11 -32.23
C THR A 135 8.73 21.47 -33.49
N SER A 136 8.84 22.25 -34.55
CA SER A 136 9.43 21.76 -35.79
C SER A 136 10.91 21.42 -35.62
N GLN A 137 11.55 21.97 -34.58
CA GLN A 137 12.95 21.62 -34.30
C GLN A 137 13.10 20.61 -33.19
N GLY A 138 11.99 20.02 -32.74
CA GLY A 138 12.01 19.05 -31.65
C GLY A 138 11.30 19.54 -30.39
N TRP A 139 11.39 18.73 -29.35
CA TRP A 139 10.74 19.03 -28.09
C TRP A 139 11.41 20.20 -27.39
N ARG A 140 10.61 21.10 -26.85
CA ARG A 140 11.11 22.26 -26.13
C ARG A 140 10.34 22.50 -24.84
N VAL A 141 11.05 23.01 -23.84
CA VAL A 141 10.43 23.43 -22.60
C VAL A 141 9.83 24.83 -22.80
N VAL A 142 8.52 24.96 -22.53
CA VAL A 142 7.85 26.23 -22.66
C VAL A 142 7.70 26.98 -21.33
N ALA A 143 7.82 26.24 -20.22
CA ALA A 143 7.73 26.82 -18.90
C ALA A 143 8.31 25.84 -17.88
N ALA A 144 9.05 26.36 -16.91
CA ALA A 144 9.64 25.56 -15.85
C ALA A 144 9.55 26.29 -14.52
N HIS A 145 9.59 25.49 -13.45
CA HIS A 145 9.46 26.00 -12.10
C HIS A 145 10.25 25.06 -11.16
N VAL A 146 11.21 25.61 -10.42
CA VAL A 146 12.04 24.85 -9.50
C VAL A 146 11.93 25.48 -8.12
N SER A 147 11.81 24.63 -7.09
CA SER A 147 11.73 25.12 -5.73
C SER A 147 12.23 24.10 -4.74
N LEU A 148 12.71 24.59 -3.60
CA LEU A 148 13.24 23.74 -2.53
C LEU A 148 12.42 24.02 -1.29
N ILE A 149 12.02 22.96 -0.61
CA ILE A 149 11.28 23.08 0.63
C ILE A 149 11.83 22.12 1.67
N ALA A 150 11.46 22.32 2.91
CA ALA A 150 11.82 21.50 4.03
C ALA A 150 10.98 20.22 4.09
N LEU A 151 11.64 19.16 4.49
CA LEU A 151 11.08 17.82 4.55
C LEU A 151 9.88 17.64 5.47
N LEU B 24 1.67 23.43 -33.18
CA LEU B 24 1.24 24.24 -31.98
C LEU B 24 1.96 25.59 -31.93
N GLU B 25 3.25 25.57 -32.20
CA GLU B 25 4.06 26.76 -32.21
C GLU B 25 3.58 27.77 -33.25
N MET B 26 2.76 27.34 -34.19
CA MET B 26 2.19 28.28 -35.14
C MET B 26 0.95 28.97 -34.60
N GLN B 27 0.42 28.49 -33.47
CA GLN B 27 -0.85 29.00 -32.94
C GLN B 27 -0.71 29.37 -31.49
N ILE B 28 0.09 30.39 -31.23
CA ILE B 28 0.32 30.90 -29.89
C ILE B 28 -0.71 31.97 -29.58
N ASN B 29 -1.45 31.79 -28.48
CA ASN B 29 -2.40 32.79 -28.01
C ASN B 29 -3.45 33.17 -29.03
N LEU B 30 -4.07 32.16 -29.62
CA LEU B 30 -5.28 32.38 -30.43
C LEU B 30 -6.28 33.07 -29.51
N PRO B 31 -6.84 34.22 -29.96
CA PRO B 31 -7.66 35.05 -29.07
C PRO B 31 -8.80 34.30 -28.37
N GLU B 32 -9.53 33.46 -29.09
CA GLU B 32 -10.67 32.78 -28.48
C GLU B 32 -10.22 31.75 -27.47
N VAL B 33 -9.12 31.07 -27.75
CA VAL B 33 -8.56 30.08 -26.83
C VAL B 33 -8.02 30.78 -25.58
N HIS B 34 -7.24 31.83 -25.78
CA HIS B 34 -6.68 32.59 -24.66
C HIS B 34 -7.81 33.14 -23.75
N ALA B 35 -8.91 33.56 -24.36
CA ALA B 35 -10.04 34.06 -23.60
C ALA B 35 -10.67 32.95 -22.74
N GLU B 36 -10.84 31.76 -23.30
CA GLU B 36 -11.42 30.65 -22.54
C GLU B 36 -10.55 30.29 -21.34
N VAL B 37 -9.25 30.20 -21.57
CA VAL B 37 -8.35 29.79 -20.50
C VAL B 37 -8.28 30.85 -19.42
N THR B 38 -8.23 32.11 -19.81
CA THR B 38 -8.20 33.20 -18.85
C THR B 38 -9.44 33.14 -17.97
N ALA B 39 -10.59 32.85 -18.57
CA ALA B 39 -11.84 32.76 -17.81
C ALA B 39 -11.76 31.69 -16.75
N GLN B 40 -11.25 30.52 -17.14
CA GLN B 40 -11.14 29.40 -16.19
C GLN B 40 -10.14 29.69 -15.11
N PHE B 41 -9.08 30.41 -15.46
CA PHE B 41 -8.11 30.80 -14.45
C PHE B 41 -8.73 31.72 -13.42
N VAL B 42 -9.51 32.70 -13.89
CA VAL B 42 -10.21 33.59 -12.96
C VAL B 42 -11.18 32.78 -12.09
N ARG B 43 -11.90 31.83 -12.69
CA ARG B 43 -12.75 30.94 -11.93
C ARG B 43 -11.98 30.25 -10.82
N TYR B 44 -10.79 29.75 -11.15
CA TYR B 44 -9.98 29.03 -10.17
C TYR B 44 -9.61 29.96 -9.02
N GLU B 45 -9.15 31.16 -9.34
CA GLU B 45 -8.71 32.11 -8.33
C GLU B 45 -9.88 32.53 -7.42
N LYS B 46 -11.07 32.70 -8.01
CA LYS B 46 -12.27 33.00 -7.23
C LYS B 46 -12.63 31.87 -6.28
N ALA B 47 -12.49 30.62 -6.74
CA ALA B 47 -12.81 29.47 -5.91
C ALA B 47 -11.82 29.29 -4.75
N LEU B 48 -10.58 29.71 -4.95
CA LEU B 48 -9.60 29.68 -3.86
C LEU B 48 -10.02 30.65 -2.75
N THR B 49 -10.42 31.86 -3.12
CA THR B 49 -10.74 32.88 -2.13
C THR B 49 -11.99 32.54 -1.33
N SER B 50 -12.96 31.87 -1.94
CA SER B 50 -14.17 31.43 -1.24
C SER B 50 -14.05 30.00 -0.71
N ASN B 51 -12.88 29.38 -0.86
CA ASN B 51 -12.69 27.95 -0.59
C ASN B 51 -13.82 27.09 -1.14
N ASP B 52 -14.21 27.36 -2.39
CA ASP B 52 -15.21 26.57 -3.08
C ASP B 52 -14.55 25.28 -3.59
N THR B 53 -14.50 24.26 -2.73
CA THR B 53 -13.79 23.02 -3.06
C THR B 53 -14.44 22.26 -4.22
N ALA B 54 -15.75 22.40 -4.39
CA ALA B 54 -16.42 21.79 -5.53
C ALA B 54 -15.83 22.29 -6.85
N VAL B 55 -15.67 23.60 -6.98
CA VAL B 55 -15.10 24.18 -8.20
C VAL B 55 -13.60 23.86 -8.28
N LEU B 56 -12.91 23.91 -7.15
CA LEU B 56 -11.47 23.60 -7.14
C LEU B 56 -11.21 22.19 -7.63
N ASN B 57 -12.01 21.23 -7.19
CA ASN B 57 -11.89 19.86 -7.65
C ASN B 57 -12.36 19.69 -9.09
N GLU B 58 -13.43 20.37 -9.47
CA GLU B 58 -13.91 20.35 -10.86
C GLU B 58 -12.79 20.73 -11.84
N LEU B 59 -11.95 21.69 -11.47
CA LEU B 59 -10.97 22.27 -12.40
C LEU B 59 -9.67 21.48 -12.53
N PHE B 60 -9.42 20.56 -11.60
CA PHE B 60 -8.26 19.71 -11.68
C PHE B 60 -8.61 18.45 -12.44
N TRP B 61 -7.71 18.04 -13.34
CA TRP B 61 -7.92 16.86 -14.16
C TRP B 61 -8.05 15.62 -13.25
N ASN B 62 -9.15 14.88 -13.43
CA ASN B 62 -9.39 13.68 -12.61
C ASN B 62 -8.62 12.51 -13.22
N SER B 63 -7.40 12.31 -12.74
CA SER B 63 -6.50 11.31 -13.25
C SER B 63 -5.45 11.01 -12.17
N PRO B 64 -4.93 9.78 -12.11
CA PRO B 64 -3.82 9.53 -11.18
C PRO B 64 -2.53 10.27 -11.59
N GLN B 65 -2.43 10.69 -12.85
CA GLN B 65 -1.23 11.39 -13.31
C GLN B 65 -1.19 12.83 -12.83
N THR B 66 -2.33 13.43 -12.60
CA THR B 66 -2.40 14.82 -12.12
C THR B 66 -1.58 14.99 -10.85
N LEU B 67 -0.86 16.09 -10.73
CA LEU B 67 -0.08 16.34 -9.54
C LEU B 67 0.02 17.79 -9.19
N ARG B 68 0.29 18.04 -7.91
CA ARG B 68 0.44 19.37 -7.41
C ARG B 68 1.60 19.43 -6.44
N TYR B 69 2.64 20.17 -6.81
CA TYR B 69 3.69 20.50 -5.88
C TYR B 69 3.28 21.77 -5.15
N GLY B 70 2.70 21.61 -3.98
CA GLY B 70 2.27 22.73 -3.14
C GLY B 70 3.43 23.44 -2.47
N ALA B 71 3.13 24.52 -1.77
CA ALA B 71 4.15 25.29 -1.07
C ALA B 71 4.87 24.47 -0.01
N THR B 72 4.18 23.51 0.60
CA THR B 72 4.77 22.69 1.66
C THR B 72 4.54 21.18 1.52
N GLU B 73 3.88 20.75 0.45
CA GLU B 73 3.60 19.31 0.27
C GLU B 73 3.57 18.93 -1.21
N ASN B 74 3.90 17.69 -1.51
CA ASN B 74 3.90 17.15 -2.86
C ASN B 74 2.79 16.11 -2.96
N LEU B 75 1.82 16.33 -3.84
CA LEU B 75 0.65 15.47 -3.95
C LEU B 75 0.57 14.85 -5.34
N TYR B 76 0.46 13.51 -5.36
CA TYR B 76 0.39 12.76 -6.62
C TYR B 76 -0.99 12.12 -6.79
N GLY B 77 -1.66 12.47 -7.87
CA GLY B 77 -2.98 11.96 -8.18
C GLY B 77 -4.06 12.91 -7.77
N TYR B 78 -5.13 12.92 -8.55
CA TYR B 78 -6.31 13.72 -8.25
C TYR B 78 -6.87 13.44 -6.84
N GLU B 79 -6.95 12.16 -6.47
CA GLU B 79 -7.49 11.80 -5.17
C GLU B 79 -6.73 12.44 -4.01
N ALA B 80 -5.41 12.47 -4.12
CA ALA B 80 -4.58 13.11 -3.11
C ALA B 80 -4.79 14.61 -3.12
N ILE B 81 -5.01 15.22 -4.27
CA ILE B 81 -5.24 16.67 -4.34
C ILE B 81 -6.61 17.03 -3.76
N ALA B 82 -7.63 16.29 -4.14
CA ALA B 82 -8.99 16.51 -3.61
C ALA B 82 -9.02 16.32 -2.07
N GLY B 83 -8.34 15.28 -1.60
CA GLY B 83 -8.26 14.99 -0.17
C GLY B 83 -7.58 16.09 0.60
N PHE B 84 -6.51 16.64 0.03
CA PHE B 84 -5.82 17.78 0.61
C PHE B 84 -6.75 18.98 0.74
N ARG B 85 -7.57 19.22 -0.27
CA ARG B 85 -8.49 20.36 -0.26
C ARG B 85 -9.55 20.20 0.83
N ALA B 86 -9.97 18.96 1.11
CA ALA B 86 -10.97 18.71 2.14
C ALA B 86 -10.44 19.00 3.55
N THR B 87 -9.14 18.81 3.77
CA THR B 87 -8.54 18.98 5.09
C THR B 87 -7.83 20.32 5.30
N ARG B 88 -7.82 21.19 4.31
CA ARG B 88 -7.19 22.50 4.40
C ARG B 88 -8.11 23.50 5.09
N SER B 89 -7.53 24.33 5.95
CA SER B 89 -8.28 25.30 6.69
C SER B 89 -8.48 26.53 5.79
N PRO B 90 -9.72 27.03 5.68
CA PRO B 90 -9.93 28.26 4.93
C PRO B 90 -9.36 29.51 5.58
N ASN B 91 -8.67 29.40 6.71
CA ASN B 91 -8.06 30.57 7.34
C ASN B 91 -6.74 30.96 6.65
N ASN B 92 -6.46 32.26 6.58
CA ASN B 92 -5.18 32.77 6.02
C ASN B 92 -4.93 32.20 4.63
N LEU B 93 -5.89 32.42 3.74
CA LEU B 93 -5.80 32.01 2.34
C LEU B 93 -5.63 33.17 1.37
N GLU B 94 -5.93 34.40 1.78
CA GLU B 94 -5.88 35.55 0.89
C GLU B 94 -4.51 35.72 0.22
N LYS B 95 -4.51 36.11 -1.05
CA LYS B 95 -3.29 36.32 -1.77
C LYS B 95 -3.44 37.36 -2.86
N GLU B 96 -2.44 38.22 -2.99
CA GLU B 96 -2.45 39.30 -3.96
C GLU B 96 -1.67 38.88 -5.19
N ILE B 97 -2.34 38.83 -6.34
CA ILE B 97 -1.67 38.48 -7.59
C ILE B 97 -1.00 39.73 -8.13
N VAL B 98 0.25 39.59 -8.54
N VAL B 98 0.26 39.59 -8.54
CA VAL B 98 1.08 40.73 -8.94
CA VAL B 98 1.07 40.74 -8.97
C VAL B 98 1.46 40.66 -10.43
C VAL B 98 1.45 40.65 -10.44
N ARG B 99 1.55 39.44 -10.96
CA ARG B 99 1.90 39.21 -12.35
C ARG B 99 1.21 37.97 -12.86
N THR B 100 0.75 38.00 -14.10
CA THR B 100 0.04 36.88 -14.70
C THR B 100 0.42 36.73 -16.14
N VAL B 101 0.90 35.57 -16.54
CA VAL B 101 1.17 35.25 -17.94
C VAL B 101 0.43 33.98 -18.32
N ILE B 102 -0.54 34.13 -19.20
CA ILE B 102 -1.31 33.02 -19.73
C ILE B 102 -0.92 32.83 -21.20
N THR B 103 -0.49 31.62 -21.55
CA THR B 103 -0.08 31.33 -22.92
C THR B 103 -0.77 30.07 -23.41
N THR B 104 -1.42 30.15 -24.57
CA THR B 104 -2.11 29.01 -25.14
C THR B 104 -1.40 28.55 -26.39
N TYR B 105 -1.44 27.24 -26.61
CA TYR B 105 -0.73 26.59 -27.70
C TYR B 105 -1.74 25.76 -28.47
N GLY B 106 -2.02 26.14 -29.72
CA GLY B 106 -3.09 25.48 -30.44
C GLY B 106 -4.42 25.73 -29.77
N HIS B 107 -5.31 24.76 -29.85
CA HIS B 107 -6.66 24.91 -29.32
C HIS B 107 -6.86 24.25 -27.96
N ASP B 108 -5.93 23.39 -27.53
CA ASP B 108 -6.22 22.48 -26.41
C ASP B 108 -5.25 22.48 -25.23
N PHE B 109 -4.26 23.35 -25.27
CA PHE B 109 -3.22 23.33 -24.23
C PHE B 109 -2.84 24.75 -23.81
N ALA B 110 -2.48 24.90 -22.56
CA ALA B 110 -2.11 26.20 -22.04
C ALA B 110 -1.25 26.08 -20.79
N THR B 111 -0.50 27.15 -20.52
CA THR B 111 0.14 27.34 -19.24
C THR B 111 -0.33 28.63 -18.62
N ALA B 112 -0.34 28.66 -17.29
CA ALA B 112 -0.67 29.87 -16.53
C ALA B 112 0.35 30.01 -15.43
N ASN B 113 1.04 31.14 -15.44
CA ASN B 113 2.12 31.41 -14.51
C ASN B 113 1.92 32.75 -13.87
N ILE B 114 1.90 32.77 -12.53
CA ILE B 114 1.65 33.98 -11.78
C ILE B 114 2.67 34.18 -10.69
N GLU B 115 2.84 35.44 -10.30
CA GLU B 115 3.55 35.80 -9.10
C GLU B 115 2.52 36.37 -8.14
N PHE B 116 2.69 36.11 -6.87
CA PHE B 116 1.78 36.64 -5.87
C PHE B 116 2.51 36.99 -4.59
N ARG B 117 1.80 37.69 -3.72
CA ARG B 117 2.23 37.85 -2.33
C ARG B 117 1.13 37.33 -1.38
N ARG B 118 1.50 36.55 -0.39
CA ARG B 118 0.57 36.15 0.63
C ARG B 118 0.72 37.07 1.87
N LEU B 119 -0.42 37.45 2.42
CA LEU B 119 -0.40 38.47 3.50
C LEU B 119 0.31 38.04 4.80
N SER B 120 0.31 36.73 5.06
CA SER B 120 0.98 36.21 6.28
C SER B 120 2.52 36.18 6.16
N HIS B 121 3.03 36.08 4.93
CA HIS B 121 4.48 36.03 4.70
C HIS B 121 4.91 37.16 3.76
N SER B 122 4.67 38.39 4.23
CA SER B 122 4.87 39.60 3.43
C SER B 122 6.29 39.74 2.85
N GLN B 123 7.25 39.07 3.47
CA GLN B 123 8.62 39.09 2.99
C GLN B 123 8.92 38.07 1.87
N LEU B 124 7.93 37.30 1.43
CA LEU B 124 8.16 36.23 0.43
C LEU B 124 7.38 36.53 -0.84
N THR B 125 8.01 36.27 -1.99
CA THR B 125 7.28 36.32 -3.28
C THR B 125 6.87 34.91 -3.69
N GLY B 126 5.59 34.78 -4.04
CA GLY B 126 5.00 33.49 -4.40
C GLY B 126 5.01 33.28 -5.94
N ARG B 127 5.20 32.04 -6.36
CA ARG B 127 5.10 31.65 -7.74
C ARG B 127 4.13 30.47 -7.85
N GLN B 128 3.29 30.50 -8.87
CA GLN B 128 2.35 29.45 -9.16
C GLN B 128 2.37 29.18 -10.66
N SER B 129 2.67 27.93 -11.02
CA SER B 129 2.62 27.50 -12.40
C SER B 129 1.56 26.43 -12.55
N GLN B 130 0.84 26.52 -13.64
CA GLN B 130 -0.20 25.53 -13.97
C GLN B 130 -0.11 25.19 -15.44
N THR B 131 -0.38 23.93 -15.76
CA THR B 131 -0.52 23.49 -17.14
C THR B 131 -1.96 23.03 -17.33
N TRP B 132 -2.61 23.57 -18.37
CA TRP B 132 -4.03 23.33 -18.60
C TRP B 132 -4.21 22.55 -19.91
N MET B 133 -5.22 21.68 -19.91
CA MET B 133 -5.57 20.87 -21.08
C MET B 133 -7.07 20.93 -21.28
N ARG B 134 -7.51 21.03 -22.51
CA ARG B 134 -8.94 21.00 -22.81
C ARG B 134 -9.42 19.57 -22.89
N THR B 135 -10.30 19.18 -21.98
CA THR B 135 -10.93 17.86 -22.02
C THR B 135 -12.35 17.98 -22.54
N SER B 136 -13.01 16.84 -22.70
CA SER B 136 -14.40 16.84 -23.17
C SER B 136 -15.33 17.50 -22.17
N GLN B 137 -14.91 17.61 -20.91
CA GLN B 137 -15.71 18.29 -19.89
C GLN B 137 -15.22 19.71 -19.60
N GLY B 138 -14.31 20.21 -20.43
CA GLY B 138 -13.77 21.56 -20.25
C GLY B 138 -12.29 21.56 -19.88
N TRP B 139 -11.78 22.76 -19.64
CA TRP B 139 -10.39 22.95 -19.32
C TRP B 139 -10.06 22.40 -17.93
N ARG B 140 -8.93 21.71 -17.83
CA ARG B 140 -8.49 21.14 -16.55
C ARG B 140 -7.01 21.37 -16.32
N VAL B 141 -6.66 21.53 -15.05
CA VAL B 141 -5.28 21.60 -14.64
C VAL B 141 -4.70 20.18 -14.56
N VAL B 142 -3.62 19.93 -15.29
CA VAL B 142 -2.99 18.61 -15.28
C VAL B 142 -1.78 18.56 -14.35
N ALA B 143 -1.23 19.72 -14.03
CA ALA B 143 -0.06 19.81 -13.16
C ALA B 143 0.08 21.22 -12.64
N ALA B 144 0.45 21.35 -11.38
CA ALA B 144 0.62 22.65 -10.74
C ALA B 144 1.80 22.60 -9.78
N HIS B 145 2.40 23.76 -9.56
CA HIS B 145 3.58 23.90 -8.74
C HIS B 145 3.55 25.30 -8.10
N VAL B 146 3.58 25.36 -6.78
CA VAL B 146 3.55 26.59 -6.00
C VAL B 146 4.76 26.62 -5.09
N SER B 147 5.40 27.77 -5.01
CA SER B 147 6.54 27.98 -4.12
C SER B 147 6.68 29.42 -3.70
N LEU B 148 7.25 29.63 -2.52
CA LEU B 148 7.53 30.97 -1.98
C LEU B 148 9.02 31.12 -1.77
N ILE B 149 9.55 32.24 -2.20
CA ILE B 149 10.97 32.53 -2.04
C ILE B 149 11.18 33.98 -1.60
N ALA B 150 12.36 34.25 -1.10
CA ALA B 150 12.72 35.67 -0.81
C ALA B 150 13.57 36.09 -1.98
N LEU B 151 13.27 37.24 -2.57
CA LEU B 151 14.05 37.69 -3.72
C LEU B 151 15.23 38.48 -3.18
N MET C 23 -33.07 1.88 14.51
CA MET C 23 -32.22 2.33 13.38
C MET C 23 -31.49 3.62 13.83
N LEU C 24 -30.29 3.47 14.36
CA LEU C 24 -29.60 4.58 15.04
C LEU C 24 -29.25 5.70 14.06
N GLU C 25 -28.70 5.32 12.91
CA GLU C 25 -28.25 6.30 11.94
C GLU C 25 -29.41 7.14 11.41
N MET C 26 -30.66 6.70 11.65
CA MET C 26 -31.79 7.50 11.26
C MET C 26 -32.16 8.53 12.31
N GLN C 27 -31.56 8.44 13.50
CA GLN C 27 -31.89 9.33 14.59
C GLN C 27 -30.65 10.01 15.16
N ILE C 28 -30.04 10.85 14.35
CA ILE C 28 -28.87 11.61 14.76
C ILE C 28 -29.32 12.93 15.36
N ASN C 29 -28.88 13.20 16.59
CA ASN C 29 -29.13 14.49 17.25
C ASN C 29 -30.60 14.80 17.38
N LEU C 30 -31.38 13.84 17.86
CA LEU C 30 -32.77 14.11 18.21
C LEU C 30 -32.76 15.21 19.27
N PRO C 31 -33.53 16.29 19.05
CA PRO C 31 -33.40 17.50 19.87
C PRO C 31 -33.46 17.27 21.37
N GLU C 32 -34.41 16.48 21.84
CA GLU C 32 -34.55 16.29 23.28
C GLU C 32 -33.39 15.49 23.85
N VAL C 33 -32.94 14.51 23.10
CA VAL C 33 -31.79 13.68 23.52
C VAL C 33 -30.51 14.55 23.53
N HIS C 34 -30.29 15.29 22.45
CA HIS C 34 -29.12 16.14 22.36
C HIS C 34 -29.10 17.18 23.49
N ALA C 35 -30.26 17.70 23.85
CA ALA C 35 -30.35 18.66 24.93
C ALA C 35 -29.95 18.04 26.27
N GLU C 36 -30.43 16.80 26.54
CA GLU C 36 -30.07 16.22 27.81
C GLU C 36 -28.60 15.88 27.90
N VAL C 37 -28.01 15.39 26.83
CA VAL C 37 -26.61 15.02 26.87
C VAL C 37 -25.73 16.27 26.97
N THR C 38 -26.09 17.32 26.24
CA THR C 38 -25.33 18.56 26.30
C THR C 38 -25.32 19.08 27.72
N ALA C 39 -26.47 19.00 28.42
CA ALA C 39 -26.54 19.48 29.78
C ALA C 39 -25.58 18.73 30.68
N GLN C 40 -25.56 17.39 30.54
CA GLN C 40 -24.70 16.57 31.38
C GLN C 40 -23.22 16.84 31.06
N PHE C 41 -22.92 17.09 29.80
CA PHE C 41 -21.56 17.40 29.43
C PHE C 41 -21.12 18.74 30.07
N VAL C 42 -21.98 19.72 30.02
CA VAL C 42 -21.69 21.00 30.67
C VAL C 42 -21.51 20.80 32.18
N ARG C 43 -22.38 19.99 32.78
CA ARG C 43 -22.19 19.63 34.18
C ARG C 43 -20.81 19.05 34.44
N TYR C 44 -20.36 18.17 33.58
CA TYR C 44 -19.05 17.53 33.77
C TYR C 44 -17.95 18.60 33.71
N GLU C 45 -18.00 19.48 32.71
CA GLU C 45 -16.99 20.49 32.54
C GLU C 45 -16.95 21.47 33.73
N LYS C 46 -18.13 21.82 34.24
CA LYS C 46 -18.21 22.68 35.42
C LYS C 46 -17.63 21.99 36.65
N ALA C 47 -17.86 20.70 36.79
CA ALA C 47 -17.35 19.93 37.92
C ALA C 47 -15.83 19.79 37.87
N LEU C 48 -15.25 19.77 36.68
CA LEU C 48 -13.79 19.77 36.57
C LEU C 48 -13.21 21.05 37.10
N THR C 49 -13.80 22.19 36.73
CA THR C 49 -13.26 23.49 37.12
C THR C 49 -13.36 23.73 38.64
N SER C 50 -14.42 23.23 39.27
CA SER C 50 -14.56 23.34 40.72
C SER C 50 -14.03 22.13 41.47
N ASN C 51 -13.43 21.19 40.76
CA ASN C 51 -13.09 19.87 41.31
C ASN C 51 -14.20 19.26 42.19
N ASP C 52 -15.43 19.31 41.67
CA ASP C 52 -16.57 18.69 42.33
C ASP C 52 -16.55 17.17 42.03
N THR C 53 -15.84 16.45 42.89
CA THR C 53 -15.63 15.02 42.68
C THR C 53 -16.94 14.21 42.77
N ALA C 54 -17.89 14.68 43.57
CA ALA C 54 -19.19 14.02 43.65
C ALA C 54 -19.86 13.94 42.28
N VAL C 55 -19.88 15.08 41.57
CA VAL C 55 -20.51 15.10 40.26
C VAL C 55 -19.64 14.34 39.24
N LEU C 56 -18.30 14.50 39.35
CA LEU C 56 -17.42 13.81 38.44
C LEU C 56 -17.61 12.29 38.52
N ASN C 57 -17.72 11.77 39.73
CA ASN C 57 -17.94 10.33 39.92
C ASN C 57 -19.33 9.91 39.53
N GLU C 58 -20.33 10.74 39.85
CA GLU C 58 -21.71 10.44 39.45
C GLU C 58 -21.81 10.17 37.94
N LEU C 59 -21.05 10.93 37.15
CA LEU C 59 -21.23 10.89 35.70
C LEU C 59 -20.51 9.74 34.98
N PHE C 60 -19.58 9.08 35.65
CA PHE C 60 -18.92 7.91 35.05
C PHE C 60 -19.69 6.63 35.33
N TRP C 61 -19.81 5.79 34.31
CA TRP C 61 -20.53 4.53 34.41
C TRP C 61 -19.86 3.65 35.44
N ASN C 62 -20.64 3.19 36.43
CA ASN C 62 -20.13 2.29 37.43
C ASN C 62 -20.08 0.85 36.89
N SER C 63 -18.93 0.49 36.35
CA SER C 63 -18.71 -0.82 35.75
C SER C 63 -17.21 -1.09 35.66
N PRO C 64 -16.79 -2.37 35.73
CA PRO C 64 -15.37 -2.64 35.50
C PRO C 64 -14.93 -2.37 34.06
N GLN C 65 -15.88 -2.31 33.13
CA GLN C 65 -15.54 -2.05 31.73
C GLN C 65 -15.17 -0.60 31.47
N THR C 66 -15.73 0.30 32.26
CA THR C 66 -15.46 1.73 32.10
C THR C 66 -13.97 2.00 32.17
N LEU C 67 -13.49 2.89 31.31
CA LEU C 67 -12.07 3.22 31.31
C LEU C 67 -11.83 4.66 30.95
N ARG C 68 -10.66 5.15 31.35
CA ARG C 68 -10.25 6.50 31.05
C ARG C 68 -8.77 6.50 30.70
N TYR C 69 -8.46 6.83 29.45
CA TYR C 69 -7.10 7.08 29.05
C TYR C 69 -6.81 8.55 29.31
N GLY C 70 -6.21 8.82 30.46
CA GLY C 70 -5.85 10.18 30.86
C GLY C 70 -4.63 10.70 30.08
N ALA C 71 -4.31 11.96 30.33
CA ALA C 71 -3.19 12.62 29.68
C ALA C 71 -1.86 11.89 29.86
N THR C 72 -1.67 11.25 31.00
CA THR C 72 -0.39 10.54 31.25
C THR C 72 -0.55 9.11 31.78
N GLU C 73 -1.78 8.64 31.99
CA GLU C 73 -2.03 7.39 32.68
C GLU C 73 -3.34 6.74 32.22
N ASN C 74 -3.35 5.40 32.28
CA ASN C 74 -4.47 4.60 31.79
C ASN C 74 -5.16 3.97 32.98
N LEU C 75 -6.45 4.25 33.15
CA LEU C 75 -7.22 3.73 34.27
C LEU C 75 -8.33 2.80 33.78
N TYR C 76 -8.35 1.58 34.33
CA TYR C 76 -9.32 0.57 33.96
C TYR C 76 -10.27 0.27 35.10
N GLY C 77 -11.56 0.43 34.83
CA GLY C 77 -12.61 0.16 35.80
C GLY C 77 -13.02 1.43 36.55
N TYR C 78 -14.31 1.49 36.89
CA TYR C 78 -14.85 2.63 37.62
C TYR C 78 -14.12 2.88 38.94
N GLU C 79 -13.83 1.81 39.69
CA GLU C 79 -13.20 1.96 41.00
C GLU C 79 -11.86 2.68 40.88
N ALA C 80 -11.07 2.32 39.86
CA ALA C 80 -9.80 2.97 39.66
C ALA C 80 -9.99 4.45 39.26
N ILE C 81 -11.03 4.75 38.48
CA ILE C 81 -11.24 6.11 38.04
C ILE C 81 -11.74 6.98 39.21
N ALA C 82 -12.70 6.46 39.97
CA ALA C 82 -13.22 7.18 41.12
C ALA C 82 -12.17 7.43 42.18
N GLY C 83 -11.32 6.41 42.42
CA GLY C 83 -10.24 6.53 43.38
C GLY C 83 -9.25 7.58 42.98
N PHE C 84 -8.92 7.63 41.69
CA PHE C 84 -8.05 8.66 41.17
C PHE C 84 -8.59 10.06 41.41
N ARG C 85 -9.91 10.22 41.22
CA ARG C 85 -10.53 11.53 41.41
C ARG C 85 -10.51 11.97 42.86
N ALA C 86 -10.59 11.04 43.77
CA ALA C 86 -10.57 11.37 45.22
C ALA C 86 -9.22 11.86 45.67
N THR C 87 -8.15 11.36 45.04
CA THR C 87 -6.77 11.71 45.45
C THR C 87 -6.13 12.74 44.51
N ARG C 88 -6.82 13.02 43.42
CA ARG C 88 -6.40 13.93 42.39
C ARG C 88 -6.43 15.42 42.80
N LEU C 93 -5.76 23.70 36.89
CA LEU C 93 -5.21 24.75 36.04
C LEU C 93 -6.13 25.13 34.84
N GLU C 94 -5.76 26.17 34.13
CA GLU C 94 -6.55 26.71 33.03
C GLU C 94 -6.94 25.66 31.98
N LYS C 95 -8.17 25.74 31.46
CA LYS C 95 -8.51 24.99 30.26
C LYS C 95 -9.57 25.74 29.47
N GLU C 96 -9.18 26.36 28.34
CA GLU C 96 -10.08 27.08 27.49
C GLU C 96 -10.57 26.16 26.36
N ILE C 97 -11.88 25.98 26.29
CA ILE C 97 -12.48 25.10 25.30
C ILE C 97 -12.58 25.86 23.97
N VAL C 98 -12.18 25.20 22.90
CA VAL C 98 -12.05 25.83 21.59
C VAL C 98 -13.00 25.21 20.56
N ARG C 99 -13.35 23.95 20.76
CA ARG C 99 -14.27 23.25 19.87
C ARG C 99 -15.02 22.21 20.64
N THR C 100 -16.30 22.05 20.37
CA THR C 100 -17.14 21.11 21.12
C THR C 100 -18.13 20.48 20.17
N VAL C 101 -18.09 19.15 20.06
CA VAL C 101 -19.01 18.42 19.20
C VAL C 101 -19.72 17.35 20.04
N ILE C 102 -21.02 17.52 20.24
CA ILE C 102 -21.84 16.53 20.87
C ILE C 102 -22.78 15.91 19.87
N THR C 103 -22.74 14.58 19.74
CA THR C 103 -23.57 13.87 18.78
C THR C 103 -24.31 12.72 19.47
N THR C 104 -25.62 12.66 19.28
CA THR C 104 -26.43 11.60 19.86
C THR C 104 -26.96 10.69 18.78
N TYR C 105 -27.08 9.42 19.12
CA TYR C 105 -27.46 8.35 18.18
C TYR C 105 -28.64 7.60 18.82
N GLY C 106 -29.80 7.71 18.21
CA GLY C 106 -30.99 7.14 18.83
C GLY C 106 -31.29 7.89 20.12
N HIS C 107 -31.84 7.16 21.09
CA HIS C 107 -32.22 7.76 22.35
C HIS C 107 -31.22 7.53 23.47
N ASP C 108 -30.28 6.63 23.31
CA ASP C 108 -29.50 6.10 24.44
C ASP C 108 -27.98 6.17 24.36
N PHE C 109 -27.45 6.75 23.29
CA PHE C 109 -25.99 6.76 23.07
C PHE C 109 -25.54 8.11 22.55
N ALA C 110 -24.33 8.48 22.92
CA ALA C 110 -23.77 9.75 22.49
C ALA C 110 -22.26 9.75 22.56
N THR C 111 -21.65 10.65 21.81
CA THR C 111 -20.23 10.97 21.96
C THR C 111 -20.09 12.45 22.23
N ALA C 112 -19.05 12.82 22.97
CA ALA C 112 -18.70 14.20 23.22
C ALA C 112 -17.22 14.39 23.02
N ASN C 113 -16.86 15.30 22.11
CA ASN C 113 -15.50 15.53 21.73
C ASN C 113 -15.18 17.00 21.78
N ILE C 114 -14.10 17.36 22.48
CA ILE C 114 -13.68 18.74 22.56
C ILE C 114 -12.20 18.92 22.24
N GLU C 115 -11.85 20.12 21.83
CA GLU C 115 -10.48 20.59 21.80
C GLU C 115 -10.38 21.68 22.84
N PHE C 116 -9.23 21.76 23.49
CA PHE C 116 -8.99 22.83 24.44
C PHE C 116 -7.54 23.27 24.41
N ARG C 117 -7.26 24.38 25.07
CA ARG C 117 -5.91 24.92 25.19
C ARG C 117 -5.70 25.40 26.57
N ARG C 118 -4.45 25.62 26.92
CA ARG C 118 -4.09 26.32 28.17
C ARG C 118 -3.12 27.38 27.86
N LEU C 119 -3.44 28.55 27.30
CA LEU C 119 -2.34 29.46 26.84
C LEU C 119 -1.40 29.97 27.97
N SER C 120 -1.92 30.03 29.19
CA SER C 120 -1.18 30.41 30.37
C SER C 120 -0.13 29.39 30.85
N HIS C 121 -0.21 28.14 30.43
CA HIS C 121 0.73 27.10 30.80
C HIS C 121 1.63 26.60 29.65
N SER C 122 1.14 26.59 28.42
CA SER C 122 1.79 25.99 27.27
C SER C 122 1.09 26.34 25.94
N GLN C 123 1.77 26.12 24.84
CA GLN C 123 1.16 26.17 23.51
C GLN C 123 0.69 24.82 23.00
N LEU C 124 0.46 23.85 23.85
CA LEU C 124 -0.05 22.50 23.46
C LEU C 124 -1.58 22.48 23.32
N THR C 125 -2.08 21.75 22.34
CA THR C 125 -3.52 21.62 22.12
C THR C 125 -4.06 20.33 22.73
N GLY C 126 -5.16 20.44 23.45
CA GLY C 126 -5.77 19.33 24.17
C GLY C 126 -6.93 18.73 23.41
N ARG C 127 -7.10 17.41 23.52
CA ARG C 127 -8.26 16.70 22.98
C ARG C 127 -8.86 15.86 24.09
N GLN C 128 -10.19 15.85 24.14
CA GLN C 128 -10.91 15.03 25.12
C GLN C 128 -12.10 14.39 24.45
N SER C 129 -12.15 13.06 24.48
CA SER C 129 -13.25 12.32 23.85
C SER C 129 -13.96 11.51 24.91
N GLN C 130 -15.27 11.46 24.81
CA GLN C 130 -16.12 10.66 25.70
C GLN C 130 -17.19 9.96 24.90
N THR C 131 -17.55 8.77 25.35
CA THR C 131 -18.74 8.06 24.86
C THR C 131 -19.73 7.96 26.02
N TRP C 132 -20.98 8.33 25.77
CA TRP C 132 -22.01 8.38 26.80
C TRP C 132 -23.11 7.37 26.50
N MET C 133 -23.67 6.79 27.55
CA MET C 133 -24.77 5.83 27.44
C MET C 133 -25.84 6.19 28.46
N ARG C 134 -27.09 6.08 28.08
CA ARG C 134 -28.19 6.32 28.99
C ARG C 134 -28.46 5.07 29.79
N THR C 135 -28.24 5.15 31.11
CA THR C 135 -28.57 4.06 32.01
C THR C 135 -29.87 4.38 32.74
N SER C 136 -30.34 3.43 33.53
CA SER C 136 -31.57 3.63 34.32
C SER C 136 -31.38 4.73 35.36
N GLN C 137 -30.14 5.05 35.72
CA GLN C 137 -29.86 6.15 36.65
C GLN C 137 -29.41 7.42 35.97
N GLY C 138 -29.55 7.48 34.64
CA GLY C 138 -29.16 8.65 33.86
C GLY C 138 -27.96 8.41 32.94
N TRP C 139 -27.54 9.47 32.28
CA TRP C 139 -26.44 9.41 31.34
C TRP C 139 -25.13 9.20 32.03
N ARG C 140 -24.30 8.31 31.49
CA ARG C 140 -22.99 8.01 32.06
C ARG C 140 -21.92 7.90 30.99
N VAL C 141 -20.70 8.30 31.33
CA VAL C 141 -19.55 8.13 30.49
C VAL C 141 -19.04 6.68 30.60
N VAL C 142 -18.96 5.98 29.48
CA VAL C 142 -18.51 4.60 29.46
C VAL C 142 -17.03 4.46 29.09
N ALA C 143 -16.49 5.49 28.43
CA ALA C 143 -15.09 5.49 28.04
C ALA C 143 -14.67 6.92 27.71
N ALA C 144 -13.44 7.26 28.08
CA ALA C 144 -12.91 8.60 27.86
C ALA C 144 -11.43 8.54 27.55
N HIS C 145 -10.95 9.55 26.84
CA HIS C 145 -9.58 9.60 26.35
C HIS C 145 -9.16 11.07 26.24
N VAL C 146 -8.09 11.44 26.93
CA VAL C 146 -7.56 12.80 26.95
C VAL C 146 -6.10 12.76 26.51
N SER C 147 -5.71 13.73 25.68
CA SER C 147 -4.33 13.83 25.25
C SER C 147 -3.96 15.25 24.85
N LEU C 148 -2.67 15.58 24.97
CA LEU C 148 -2.15 16.86 24.57
C LEU C 148 -1.09 16.68 23.52
N ILE C 149 -1.14 17.51 22.49
CA ILE C 149 -0.18 17.46 21.39
C ILE C 149 0.24 18.87 21.00
N ALA C 150 1.28 18.98 20.17
CA ALA C 150 1.58 20.25 19.51
C ALA C 150 0.85 20.27 18.17
N LEU C 151 0.18 21.37 17.86
CA LEU C 151 -0.55 21.44 16.59
C LEU C 151 0.39 21.76 15.45
N MET D 26 -27.20 -1.41 29.13
CA MET D 26 -28.18 -2.50 28.85
C MET D 26 -27.42 -3.80 28.61
N GLN D 27 -27.69 -4.48 27.51
CA GLN D 27 -27.03 -5.76 27.23
C GLN D 27 -25.52 -5.70 26.97
N ILE D 28 -24.66 -5.95 27.96
CA ILE D 28 -23.27 -5.67 27.81
C ILE D 28 -22.54 -6.90 27.26
N ASN D 29 -21.84 -6.74 26.15
CA ASN D 29 -21.02 -7.79 25.59
C ASN D 29 -21.79 -9.06 25.27
N LEU D 30 -22.90 -8.90 24.57
CA LEU D 30 -23.57 -10.06 23.96
C LEU D 30 -22.55 -10.75 23.06
N PRO D 31 -22.36 -12.07 23.25
CA PRO D 31 -21.28 -12.77 22.56
C PRO D 31 -21.24 -12.57 21.04
N GLU D 32 -22.39 -12.63 20.37
CA GLU D 32 -22.38 -12.51 18.92
C GLU D 32 -22.03 -11.10 18.48
N VAL D 33 -22.52 -10.11 19.23
CA VAL D 33 -22.21 -8.70 18.94
C VAL D 33 -20.73 -8.43 19.20
N HIS D 34 -20.24 -8.86 20.35
CA HIS D 34 -18.82 -8.67 20.70
C HIS D 34 -17.91 -9.34 19.63
N ALA D 35 -18.32 -10.49 19.12
CA ALA D 35 -17.55 -11.14 18.08
C ALA D 35 -17.53 -10.32 16.78
N GLU D 36 -18.65 -9.76 16.40
CA GLU D 36 -18.71 -8.90 15.19
C GLU D 36 -17.79 -7.70 15.31
N VAL D 37 -17.85 -7.04 16.45
CA VAL D 37 -17.05 -5.82 16.65
C VAL D 37 -15.57 -6.15 16.72
N THR D 38 -15.22 -7.23 17.38
CA THR D 38 -13.83 -7.69 17.41
C THR D 38 -13.31 -7.94 16.00
N ALA D 39 -14.14 -8.54 15.17
CA ALA D 39 -13.79 -8.79 13.76
C ALA D 39 -13.52 -7.52 13.03
N GLN D 40 -14.35 -6.51 13.22
CA GLN D 40 -14.21 -5.21 12.56
C GLN D 40 -12.96 -4.52 13.03
N PHE D 41 -12.62 -4.68 14.32
CA PHE D 41 -11.39 -4.10 14.83
C PHE D 41 -10.18 -4.76 14.11
N VAL D 42 -10.21 -6.08 13.98
CA VAL D 42 -9.13 -6.77 13.31
C VAL D 42 -9.06 -6.30 11.81
N ARG D 43 -10.23 -6.16 11.17
CA ARG D 43 -10.28 -5.63 9.84
C ARG D 43 -9.59 -4.27 9.75
N TYR D 44 -9.86 -3.39 10.72
CA TYR D 44 -9.26 -2.08 10.70
C TYR D 44 -7.75 -2.16 10.81
N GLU D 45 -7.27 -2.97 11.75
CA GLU D 45 -5.83 -3.09 11.97
C GLU D 45 -5.14 -3.67 10.72
N LYS D 46 -5.77 -4.65 10.06
CA LYS D 46 -5.22 -5.20 8.84
C LYS D 46 -5.13 -4.16 7.72
N ALA D 47 -6.16 -3.31 7.61
CA ALA D 47 -6.16 -2.29 6.55
C ALA D 47 -5.09 -1.21 6.80
N LEU D 48 -4.79 -0.94 8.07
CA LEU D 48 -3.71 0.00 8.37
C LEU D 48 -2.37 -0.54 7.89
N THR D 49 -2.10 -1.82 8.16
CA THR D 49 -0.79 -2.38 7.83
C THR D 49 -0.57 -2.52 6.34
N SER D 50 -1.62 -2.77 5.58
CA SER D 50 -1.51 -2.81 4.10
C SER D 50 -1.83 -1.47 3.45
N ASN D 51 -2.06 -0.42 4.25
CA ASN D 51 -2.54 0.86 3.76
C ASN D 51 -3.67 0.71 2.76
N ASP D 52 -4.64 -0.14 3.10
CA ASP D 52 -5.83 -0.33 2.28
C ASP D 52 -6.78 0.82 2.56
N THR D 53 -6.62 1.93 1.85
CA THR D 53 -7.39 3.14 2.10
C THR D 53 -8.88 2.94 1.78
N ALA D 54 -9.19 2.08 0.83
CA ALA D 54 -10.60 1.76 0.52
C ALA D 54 -11.30 1.20 1.75
N VAL D 55 -10.68 0.24 2.42
CA VAL D 55 -11.26 -0.36 3.63
C VAL D 55 -11.22 0.66 4.79
N LEU D 56 -10.15 1.41 4.91
CA LEU D 56 -10.04 2.41 5.98
C LEU D 56 -11.16 3.44 5.88
N ASN D 57 -11.44 3.90 4.67
CA ASN D 57 -12.54 4.85 4.47
C ASN D 57 -13.90 4.17 4.63
N GLU D 58 -14.04 2.96 4.15
CA GLU D 58 -15.28 2.19 4.31
C GLU D 58 -15.67 2.09 5.78
N LEU D 59 -14.72 1.93 6.67
CA LEU D 59 -15.01 1.66 8.09
C LEU D 59 -15.37 2.90 8.92
N PHE D 60 -15.06 4.10 8.42
CA PHE D 60 -15.45 5.31 9.09
C PHE D 60 -16.84 5.75 8.64
N TRP D 61 -17.66 6.19 9.60
CA TRP D 61 -19.02 6.62 9.32
C TRP D 61 -18.99 7.83 8.38
N ASN D 62 -19.71 7.73 7.27
CA ASN D 62 -19.80 8.85 6.32
C ASN D 62 -20.79 9.90 6.80
N SER D 63 -20.28 10.87 7.55
CA SER D 63 -21.09 11.94 8.14
C SER D 63 -20.18 13.11 8.48
N PRO D 64 -20.70 14.34 8.45
CA PRO D 64 -19.88 15.46 8.91
C PRO D 64 -19.60 15.41 10.42
N GLN D 65 -20.37 14.66 11.17
CA GLN D 65 -20.19 14.58 12.63
C GLN D 65 -18.96 13.70 12.98
N THR D 66 -18.65 12.72 12.13
CA THR D 66 -17.53 11.84 12.37
C THR D 66 -16.24 12.63 12.58
N LEU D 67 -15.42 12.20 13.53
CA LEU D 67 -14.16 12.91 13.76
C LEU D 67 -13.08 11.98 14.23
N ARG D 68 -11.85 12.41 14.02
CA ARG D 68 -10.68 11.64 14.40
C ARG D 68 -9.62 12.56 14.97
N TYR D 69 -9.33 12.38 16.26
CA TYR D 69 -8.19 13.02 16.86
C TYR D 69 -7.00 12.08 16.67
N GLY D 70 -6.24 12.33 15.60
CA GLY D 70 -5.04 11.55 15.31
C GLY D 70 -3.87 11.87 16.25
N ALA D 71 -2.80 11.13 16.10
CA ALA D 71 -1.60 11.33 16.90
C ALA D 71 -1.04 12.75 16.78
N THR D 72 -1.19 13.36 15.62
CA THR D 72 -0.60 14.64 15.29
C THR D 72 -1.54 15.67 14.67
N GLU D 73 -2.82 15.32 14.51
CA GLU D 73 -3.76 16.17 13.74
C GLU D 73 -5.19 15.88 14.18
N ASN D 74 -6.03 16.92 14.11
CA ASN D 74 -7.43 16.82 14.48
C ASN D 74 -8.27 16.99 13.23
N LEU D 75 -9.08 15.99 12.90
CA LEU D 75 -9.87 16.00 11.68
C LEU D 75 -11.36 15.94 11.99
N TYR D 76 -12.12 16.89 11.42
CA TYR D 76 -13.56 16.97 11.62
C TYR D 76 -14.32 16.67 10.33
N GLY D 77 -15.17 15.66 10.37
CA GLY D 77 -15.96 15.25 9.22
C GLY D 77 -15.33 14.13 8.45
N TYR D 78 -16.15 13.26 7.89
CA TYR D 78 -15.69 12.15 7.06
C TYR D 78 -14.82 12.62 5.90
N GLU D 79 -15.24 13.69 5.20
CA GLU D 79 -14.47 14.17 4.08
C GLU D 79 -13.03 14.53 4.45
N ALA D 80 -12.86 15.16 5.58
CA ALA D 80 -11.52 15.51 6.07
C ALA D 80 -10.74 14.26 6.44
N ILE D 81 -11.40 13.23 6.98
CA ILE D 81 -10.70 12.00 7.36
C ILE D 81 -10.28 11.22 6.10
N ALA D 82 -11.22 11.07 5.16
CA ALA D 82 -10.91 10.39 3.91
C ALA D 82 -9.80 11.09 3.12
N GLY D 83 -9.87 12.41 3.09
CA GLY D 83 -8.86 13.21 2.38
C GLY D 83 -7.50 13.06 3.00
N PHE D 84 -7.44 13.03 4.32
CA PHE D 84 -6.21 12.79 5.03
C PHE D 84 -5.59 11.45 4.69
N ARG D 85 -6.44 10.42 4.57
CA ARG D 85 -5.95 9.09 4.20
C ARG D 85 -5.38 9.05 2.78
N ALA D 86 -5.93 9.84 1.88
CA ALA D 86 -5.45 9.88 0.49
C ALA D 86 -4.05 10.51 0.39
N THR D 87 -3.74 11.44 1.27
CA THR D 87 -2.49 12.20 1.28
C THR D 87 -1.37 11.61 2.20
N ARG D 88 -1.67 10.60 2.99
CA ARG D 88 -0.70 10.22 4.04
C ARG D 88 0.35 9.25 3.55
N LYS D 95 2.78 -1.83 14.58
CA LYS D 95 2.56 -1.60 15.97
C LYS D 95 2.09 -2.88 16.66
N GLU D 96 2.59 -3.09 17.88
CA GLU D 96 2.25 -4.24 18.67
C GLU D 96 1.14 -3.88 19.65
N ILE D 97 0.03 -4.61 19.56
CA ILE D 97 -1.07 -4.45 20.49
C ILE D 97 -0.75 -5.12 21.82
N VAL D 98 -0.97 -4.41 22.91
CA VAL D 98 -0.57 -4.84 24.24
C VAL D 98 -1.78 -5.04 25.15
N ARG D 99 -2.85 -4.28 24.90
CA ARG D 99 -4.09 -4.44 25.66
C ARG D 99 -5.25 -4.08 24.77
N THR D 100 -6.37 -4.76 24.95
CA THR D 100 -7.56 -4.57 24.14
C THR D 100 -8.76 -4.70 25.06
N VAL D 101 -9.63 -3.69 25.03
CA VAL D 101 -10.93 -3.76 25.69
C VAL D 101 -11.99 -3.39 24.67
N ILE D 102 -12.78 -4.37 24.24
CA ILE D 102 -13.91 -4.16 23.34
C ILE D 102 -15.18 -4.38 24.15
N THR D 103 -16.08 -3.39 24.13
CA THR D 103 -17.30 -3.45 24.90
C THR D 103 -18.48 -3.08 24.03
N THR D 104 -19.49 -3.95 24.00
CA THR D 104 -20.67 -3.72 23.18
C THR D 104 -21.85 -3.47 24.09
N TYR D 105 -22.74 -2.61 23.61
CA TYR D 105 -23.91 -2.17 24.37
C TYR D 105 -25.13 -2.42 23.50
N GLY D 106 -26.00 -3.35 23.90
CA GLY D 106 -27.07 -3.78 23.03
C GLY D 106 -26.52 -4.41 21.76
N HIS D 107 -27.23 -4.21 20.65
CA HIS D 107 -26.86 -4.84 19.41
C HIS D 107 -26.13 -3.92 18.44
N ASP D 108 -26.14 -2.61 18.68
CA ASP D 108 -25.76 -1.64 17.64
C ASP D 108 -24.67 -0.64 17.99
N PHE D 109 -24.08 -0.74 19.17
CA PHE D 109 -23.10 0.22 19.63
C PHE D 109 -21.96 -0.44 20.34
N ALA D 110 -20.77 0.16 20.21
CA ALA D 110 -19.59 -0.43 20.83
C ALA D 110 -18.49 0.59 20.98
N THR D 111 -17.57 0.31 21.90
CA THR D 111 -16.31 1.01 21.99
C THR D 111 -15.18 0.01 21.88
N ALA D 112 -14.06 0.46 21.35
CA ALA D 112 -12.83 -0.35 21.25
C ALA D 112 -11.66 0.50 21.68
N ASN D 113 -10.97 0.01 22.69
CA ASN D 113 -9.86 0.75 23.30
C ASN D 113 -8.67 -0.15 23.40
N ILE D 114 -7.55 0.29 22.84
CA ILE D 114 -6.33 -0.51 22.88
C ILE D 114 -5.13 0.31 23.33
N GLU D 115 -4.13 -0.40 23.83
CA GLU D 115 -2.81 0.13 24.06
C GLU D 115 -1.89 -0.56 23.07
N PHE D 116 -0.92 0.18 22.58
CA PHE D 116 0.05 -0.41 21.66
C PHE D 116 1.42 0.18 21.88
N ARG D 117 2.40 -0.48 21.28
CA ARG D 117 3.82 -0.16 21.43
C ARG D 117 4.43 -0.21 20.04
N ARG D 118 5.49 0.56 19.86
CA ARG D 118 6.20 0.55 18.58
C ARG D 118 7.68 0.36 18.86
N GLN D 123 9.86 3.42 23.88
CA GLN D 123 9.90 4.63 24.73
C GLN D 123 8.53 5.31 24.88
N LEU D 124 7.70 5.23 23.83
CA LEU D 124 6.34 5.80 23.87
C LEU D 124 5.26 4.70 23.81
N THR D 125 4.25 4.82 24.67
CA THR D 125 3.12 3.92 24.65
C THR D 125 1.93 4.58 23.94
N GLY D 126 1.29 3.81 23.07
CA GLY D 126 0.16 4.30 22.30
C GLY D 126 -1.19 3.95 22.89
N ARG D 127 -2.16 4.84 22.71
CA ARG D 127 -3.57 4.57 23.05
C ARG D 127 -4.42 4.89 21.85
N GLN D 128 -5.40 4.05 21.58
CA GLN D 128 -6.35 4.24 20.50
C GLN D 128 -7.76 3.92 20.98
N SER D 129 -8.64 4.89 20.87
CA SER D 129 -10.03 4.72 21.30
C SER D 129 -10.93 4.91 20.10
N GLN D 130 -11.93 4.06 19.97
CA GLN D 130 -12.91 4.15 18.89
C GLN D 130 -14.31 3.89 19.43
N THR D 131 -15.29 4.57 18.86
CA THR D 131 -16.70 4.30 19.13
C THR D 131 -17.32 3.81 17.83
N TRP D 132 -18.00 2.65 17.90
CA TRP D 132 -18.53 2.00 16.72
C TRP D 132 -20.05 1.96 16.78
N MET D 133 -20.69 2.10 15.63
CA MET D 133 -22.14 2.05 15.48
C MET D 133 -22.49 1.15 14.32
N ARG D 134 -23.53 0.34 14.48
CA ARG D 134 -23.98 -0.53 13.40
C ARG D 134 -24.92 0.27 12.48
N THR D 135 -24.53 0.49 11.25
CA THR D 135 -25.36 1.15 10.26
C THR D 135 -25.92 0.13 9.28
N SER D 136 -26.75 0.61 8.36
CA SER D 136 -27.34 -0.26 7.35
C SER D 136 -26.28 -0.84 6.42
N GLN D 137 -25.11 -0.20 6.34
CA GLN D 137 -24.01 -0.73 5.54
C GLN D 137 -22.97 -1.49 6.37
N GLY D 138 -23.25 -1.71 7.65
CA GLY D 138 -22.32 -2.37 8.54
C GLY D 138 -21.78 -1.48 9.64
N TRP D 139 -20.86 -2.02 10.44
CA TRP D 139 -20.28 -1.30 11.55
C TRP D 139 -19.38 -0.17 11.04
N ARG D 140 -19.50 0.99 11.70
CA ARG D 140 -18.71 2.15 11.37
C ARG D 140 -18.16 2.85 12.60
N VAL D 141 -16.99 3.43 12.46
CA VAL D 141 -16.40 4.26 13.48
C VAL D 141 -17.02 5.66 13.40
N VAL D 142 -17.59 6.12 14.50
CA VAL D 142 -18.19 7.45 14.56
C VAL D 142 -17.24 8.48 15.17
N ALA D 143 -16.26 8.01 15.94
CA ALA D 143 -15.28 8.89 16.56
C ALA D 143 -14.06 8.07 16.99
N ALA D 144 -12.88 8.64 16.79
CA ALA D 144 -11.64 7.99 17.19
C ALA D 144 -10.65 9.00 17.73
N HIS D 145 -9.75 8.50 18.57
CA HIS D 145 -8.75 9.31 19.24
C HIS D 145 -7.49 8.46 19.46
N VAL D 146 -6.36 8.91 18.93
CA VAL D 146 -5.07 8.22 19.06
C VAL D 146 -4.08 9.17 19.69
N SER D 147 -3.29 8.67 20.63
CA SER D 147 -2.28 9.48 21.30
C SER D 147 -1.12 8.63 21.80
N LEU D 148 0.05 9.26 21.88
CA LEU D 148 1.25 8.62 22.39
C LEU D 148 1.77 9.35 23.58
N ILE D 149 2.13 8.60 24.62
CA ILE D 149 2.68 9.17 25.84
C ILE D 149 3.87 8.36 26.31
N ALA D 150 4.63 8.90 27.25
CA ALA D 150 5.77 8.18 27.85
C ALA D 150 5.35 7.20 28.94
N MET E 26 2.91 -7.30 -12.03
CA MET E 26 2.99 -7.08 -10.54
C MET E 26 3.87 -5.90 -10.21
N GLN E 27 3.26 -4.82 -9.73
CA GLN E 27 4.00 -3.62 -9.25
C GLN E 27 4.90 -3.06 -10.35
N ILE E 28 4.26 -2.51 -11.35
CA ILE E 28 4.95 -1.92 -12.49
C ILE E 28 5.24 -0.46 -12.20
N ASN E 29 6.52 -0.10 -12.30
CA ASN E 29 6.95 1.30 -12.17
C ASN E 29 6.54 1.91 -10.83
N LEU E 30 6.82 1.20 -9.74
CA LEU E 30 6.75 1.77 -8.42
C LEU E 30 7.62 3.01 -8.40
N PRO E 31 7.07 4.15 -7.96
CA PRO E 31 7.78 5.44 -8.14
C PRO E 31 9.19 5.47 -7.61
N GLU E 32 9.41 4.95 -6.40
CA GLU E 32 10.72 5.00 -5.78
C GLU E 32 11.69 4.11 -6.52
N VAL E 33 11.23 2.94 -6.97
CA VAL E 33 12.07 2.00 -7.69
C VAL E 33 12.41 2.57 -9.06
N HIS E 34 11.41 3.08 -9.77
CA HIS E 34 11.65 3.68 -11.08
C HIS E 34 12.65 4.84 -10.99
N ALA E 35 12.55 5.62 -9.91
CA ALA E 35 13.48 6.73 -9.72
C ALA E 35 14.92 6.23 -9.52
N GLU E 36 15.10 5.18 -8.74
CA GLU E 36 16.44 4.64 -8.51
C GLU E 36 17.06 4.14 -9.80
N VAL E 37 16.28 3.40 -10.58
CA VAL E 37 16.82 2.80 -11.79
C VAL E 37 17.11 3.89 -12.82
N THR E 38 16.23 4.88 -12.95
CA THR E 38 16.47 5.96 -13.89
C THR E 38 17.77 6.67 -13.53
N ALA E 39 18.03 6.88 -12.24
CA ALA E 39 19.26 7.55 -11.83
C ALA E 39 20.48 6.76 -12.27
N GLN E 40 20.44 5.44 -12.06
CA GLN E 40 21.58 4.60 -12.44
C GLN E 40 21.77 4.56 -13.93
N PHE E 41 20.66 4.59 -14.67
CA PHE E 41 20.75 4.63 -16.12
C PHE E 41 21.41 5.90 -16.59
N VAL E 42 21.04 7.03 -16.00
CA VAL E 42 21.67 8.29 -16.35
C VAL E 42 23.16 8.25 -16.00
N ARG E 43 23.49 7.68 -14.83
CA ARG E 43 24.88 7.48 -14.47
C ARG E 43 25.64 6.70 -15.55
N TYR E 44 25.01 5.64 -16.05
CA TYR E 44 25.66 4.81 -17.07
C TYR E 44 25.91 5.62 -18.34
N GLU E 45 24.90 6.36 -18.77
CA GLU E 45 25.01 7.15 -20.01
C GLU E 45 26.07 8.24 -19.87
N LYS E 46 26.16 8.85 -18.70
CA LYS E 46 27.22 9.84 -18.43
C LYS E 46 28.60 9.22 -18.48
N ALA E 47 28.74 8.02 -17.96
CA ALA E 47 30.03 7.32 -17.95
C ALA E 47 30.46 6.91 -19.37
N LEU E 48 29.49 6.62 -20.24
CA LEU E 48 29.83 6.35 -21.63
C LEU E 48 30.42 7.57 -22.31
N THR E 49 29.81 8.73 -22.09
CA THR E 49 30.24 9.96 -22.76
C THR E 49 31.64 10.40 -22.30
N SER E 50 31.96 10.19 -21.03
CA SER E 50 33.29 10.52 -20.52
C SER E 50 34.26 9.33 -20.56
N ASN E 51 33.83 8.21 -21.14
CA ASN E 51 34.56 6.95 -21.06
C ASN E 51 35.11 6.65 -19.66
N ASP E 52 34.26 6.83 -18.65
CA ASP E 52 34.60 6.51 -17.28
C ASP E 52 34.45 4.99 -17.08
N THR E 53 35.51 4.26 -17.39
CA THR E 53 35.47 2.79 -17.36
C THR E 53 35.26 2.24 -15.94
N ALA E 54 35.72 2.95 -14.93
CA ALA E 54 35.48 2.55 -13.55
C ALA E 54 33.98 2.43 -13.26
N VAL E 55 33.22 3.47 -13.65
CA VAL E 55 31.78 3.46 -13.44
C VAL E 55 31.10 2.44 -14.38
N LEU E 56 31.59 2.35 -15.61
CA LEU E 56 31.01 1.40 -16.56
C LEU E 56 31.13 -0.04 -16.04
N ASN E 57 32.29 -0.37 -15.50
CA ASN E 57 32.50 -1.70 -14.92
C ASN E 57 31.72 -1.88 -13.61
N GLU E 58 31.66 -0.84 -12.78
CA GLU E 58 30.91 -0.89 -11.54
C GLU E 58 29.44 -1.28 -11.80
N LEU E 59 28.86 -0.78 -12.90
CA LEU E 59 27.44 -0.94 -13.14
C LEU E 59 27.03 -2.26 -13.78
N PHE E 60 28.00 -3.01 -14.32
CA PHE E 60 27.72 -4.34 -14.84
C PHE E 60 27.88 -5.38 -13.75
N TRP E 61 26.92 -6.31 -13.71
CA TRP E 61 26.92 -7.35 -12.71
C TRP E 61 28.18 -8.21 -12.83
N ASN E 62 28.90 -8.33 -11.72
CA ASN E 62 30.13 -9.13 -11.72
C ASN E 62 29.79 -10.60 -11.56
N SER E 63 29.63 -11.28 -12.69
CA SER E 63 29.21 -12.68 -12.72
C SER E 63 29.60 -13.26 -14.08
N PRO E 64 29.88 -14.57 -14.13
CA PRO E 64 30.11 -15.18 -15.45
C PRO E 64 28.85 -15.22 -16.32
N GLN E 65 27.67 -15.09 -15.71
CA GLN E 65 26.43 -15.14 -16.48
C GLN E 65 26.18 -13.84 -17.25
N THR E 66 26.68 -12.73 -16.74
CA THR E 66 26.50 -11.44 -17.38
C THR E 66 27.01 -11.48 -18.82
N LEU E 67 26.29 -10.85 -19.72
CA LEU E 67 26.71 -10.84 -21.10
C LEU E 67 26.32 -9.54 -21.80
N ARG E 68 27.03 -9.25 -22.88
CA ARG E 68 26.80 -8.07 -23.66
C ARG E 68 26.93 -8.38 -25.13
N TYR E 69 25.81 -8.28 -25.85
CA TYR E 69 25.83 -8.36 -27.29
C TYR E 69 26.06 -6.93 -27.81
N GLY E 70 27.33 -6.59 -28.06
CA GLY E 70 27.68 -5.30 -28.58
C GLY E 70 27.35 -5.08 -30.03
N ALA E 71 27.59 -3.87 -30.51
CA ALA E 71 27.31 -3.52 -31.90
C ALA E 71 28.12 -4.38 -32.86
N THR E 72 29.32 -4.80 -32.46
CA THR E 72 30.19 -5.57 -33.35
C THR E 72 30.79 -6.83 -32.72
N GLU E 73 30.45 -7.13 -31.47
CA GLU E 73 31.06 -8.25 -30.74
C GLU E 73 30.10 -8.86 -29.73
N ASN E 74 30.25 -10.15 -29.47
CA ASN E 74 29.48 -10.84 -28.43
C ASN E 74 30.38 -11.22 -27.29
N LEU E 75 30.09 -10.72 -26.08
CA LEU E 75 30.94 -10.97 -24.93
C LEU E 75 30.18 -11.72 -23.84
N TYR E 76 30.78 -12.81 -23.37
CA TYR E 76 30.20 -13.63 -22.29
C TYR E 76 31.02 -13.54 -21.03
N GLY E 77 30.36 -13.14 -19.94
CA GLY E 77 31.00 -13.04 -18.63
C GLY E 77 31.50 -11.62 -18.37
N TYR E 78 31.45 -11.23 -17.10
CA TYR E 78 31.90 -9.91 -16.68
C TYR E 78 33.37 -9.66 -17.07
N GLU E 79 34.23 -10.64 -16.87
CA GLU E 79 35.65 -10.47 -17.19
C GLU E 79 35.88 -10.10 -18.65
N ALA E 80 35.15 -10.73 -19.55
CA ALA E 80 35.25 -10.40 -20.96
C ALA E 80 34.73 -8.99 -21.24
N ILE E 81 33.68 -8.58 -20.53
CA ILE E 81 33.12 -7.25 -20.76
C ILE E 81 34.07 -6.17 -20.21
N ALA E 82 34.58 -6.37 -19.00
CA ALA E 82 35.52 -5.42 -18.39
C ALA E 82 36.81 -5.31 -19.22
N GLY E 83 37.30 -6.44 -19.73
CA GLY E 83 38.49 -6.45 -20.58
C GLY E 83 38.28 -5.68 -21.87
N PHE E 84 37.10 -5.85 -22.46
CA PHE E 84 36.72 -5.07 -23.63
C PHE E 84 36.71 -3.58 -23.37
N ARG E 85 36.22 -3.17 -22.20
CA ARG E 85 36.15 -1.76 -21.84
C ARG E 85 37.56 -1.16 -21.69
N ALA E 86 38.51 -1.95 -21.22
CA ALA E 86 39.87 -1.47 -21.04
C ALA E 86 40.58 -1.19 -22.37
N THR E 87 40.22 -1.95 -23.41
CA THR E 87 40.90 -1.87 -24.71
C THR E 87 40.10 -1.10 -25.77
N ARG E 88 38.98 -0.49 -25.41
CA ARG E 88 38.18 0.30 -26.31
C ARG E 88 38.68 1.74 -26.38
N SER E 89 38.66 2.29 -27.58
CA SER E 89 39.24 3.61 -27.81
C SER E 89 38.31 4.71 -27.33
N GLU E 94 30.32 11.13 -29.07
CA GLU E 94 28.99 11.64 -28.77
C GLU E 94 27.89 10.62 -29.15
N LYS E 95 26.84 10.52 -28.32
CA LYS E 95 25.66 9.84 -28.76
C LYS E 95 24.37 10.52 -28.29
N GLU E 96 23.44 10.66 -29.20
CA GLU E 96 22.20 11.39 -28.93
C GLU E 96 21.09 10.43 -28.63
N ILE E 97 20.56 10.42 -27.41
CA ILE E 97 19.44 9.57 -27.05
C ILE E 97 18.15 10.19 -27.55
N VAL E 98 17.32 9.39 -28.19
CA VAL E 98 16.13 9.87 -28.90
C VAL E 98 14.84 9.32 -28.30
N ARG E 99 14.93 8.13 -27.68
CA ARG E 99 13.80 7.53 -27.00
C ARG E 99 14.26 6.71 -25.85
N THR E 100 13.53 6.73 -24.75
CA THR E 100 13.94 6.05 -23.52
C THR E 100 12.71 5.46 -22.85
N VAL E 101 12.74 4.15 -22.62
CA VAL E 101 11.69 3.48 -21.84
C VAL E 101 12.34 2.71 -20.71
N ILE E 102 12.09 3.17 -19.47
CA ILE E 102 12.54 2.45 -18.29
C ILE E 102 11.32 1.86 -17.60
N THR E 103 11.33 0.55 -17.37
CA THR E 103 10.22 -0.12 -16.71
C THR E 103 10.74 -0.99 -15.57
N THR E 104 10.14 -0.83 -14.39
CA THR E 104 10.54 -1.61 -13.21
C THR E 104 9.44 -2.58 -12.85
N TYR E 105 9.85 -3.72 -12.32
CA TYR E 105 8.94 -4.82 -11.99
C TYR E 105 9.23 -5.20 -10.54
N GLY E 106 8.26 -4.97 -9.64
CA GLY E 106 8.52 -5.14 -8.23
C GLY E 106 9.61 -4.22 -7.76
N HIS E 107 10.41 -4.66 -6.79
CA HIS E 107 11.40 -3.82 -6.18
C HIS E 107 12.82 -4.01 -6.71
N ASP E 108 13.06 -5.11 -7.44
CA ASP E 108 14.45 -5.55 -7.70
C ASP E 108 14.84 -5.79 -9.15
N PHE E 109 13.94 -5.51 -10.08
CA PHE E 109 14.19 -5.79 -11.49
C PHE E 109 13.72 -4.71 -12.39
N ALA E 110 14.41 -4.57 -13.52
CA ALA E 110 14.06 -3.49 -14.47
C ALA E 110 14.61 -3.78 -15.84
N THR E 111 14.01 -3.15 -16.83
CA THR E 111 14.57 -3.08 -18.18
C THR E 111 14.73 -1.63 -18.57
N ALA E 112 15.74 -1.37 -19.39
CA ALA E 112 15.97 -0.03 -19.95
C ALA E 112 16.25 -0.18 -21.43
N ASN E 113 15.42 0.48 -22.23
N ASN E 113 15.42 0.46 -22.23
CA ASN E 113 15.50 0.39 -23.67
CA ASN E 113 15.49 0.37 -23.67
C ASN E 113 15.53 1.77 -24.27
C ASN E 113 15.53 1.77 -24.27
N ILE E 114 16.56 2.03 -25.07
CA ILE E 114 16.70 3.33 -25.71
C ILE E 114 16.94 3.20 -27.20
N GLU E 115 16.60 4.27 -27.91
CA GLU E 115 17.03 4.49 -29.28
C GLU E 115 18.00 5.65 -29.25
N PHE E 116 19.02 5.62 -30.08
CA PHE E 116 19.96 6.72 -30.14
C PHE E 116 20.43 6.93 -31.58
N ARG E 117 21.15 8.03 -31.78
CA ARG E 117 21.97 8.23 -32.96
C ARG E 117 23.42 8.49 -32.56
N ARG E 118 24.33 8.11 -33.44
CA ARG E 118 25.74 8.08 -33.10
C ARG E 118 26.50 9.12 -33.96
N LEU E 119 27.24 10.00 -33.31
CA LEU E 119 27.82 11.16 -33.99
C LEU E 119 29.03 10.74 -34.84
N SER E 120 29.21 9.44 -35.09
CA SER E 120 30.32 8.94 -35.93
C SER E 120 29.92 8.55 -37.39
N LEU E 124 22.56 5.94 -39.31
CA LEU E 124 22.17 4.70 -38.58
C LEU E 124 21.44 5.03 -37.30
N THR E 125 20.36 4.30 -37.02
CA THR E 125 19.67 4.40 -35.73
C THR E 125 20.12 3.28 -34.79
N GLY E 126 20.44 3.66 -33.57
CA GLY E 126 20.95 2.75 -32.56
C GLY E 126 19.87 2.26 -31.62
N ARG E 127 19.97 1.01 -31.18
CA ARG E 127 19.10 0.44 -30.15
C ARG E 127 19.98 -0.15 -29.06
N GLN E 128 19.60 0.10 -27.81
CA GLN E 128 20.32 -0.44 -26.66
C GLN E 128 19.27 -0.96 -25.66
N SER E 129 19.38 -2.25 -25.33
CA SER E 129 18.51 -2.85 -24.33
C SER E 129 19.36 -3.33 -23.17
N GLN E 130 18.86 -3.11 -21.97
CA GLN E 130 19.52 -3.56 -20.75
C GLN E 130 18.47 -4.16 -19.82
N THR E 131 18.90 -5.20 -19.08
CA THR E 131 18.12 -5.72 -17.97
C THR E 131 18.91 -5.43 -16.68
N TRP E 132 18.22 -4.84 -15.70
CA TRP E 132 18.85 -4.42 -14.46
C TRP E 132 18.29 -5.23 -13.29
N MET E 133 19.17 -5.52 -12.33
CA MET E 133 18.81 -6.26 -11.13
C MET E 133 19.40 -5.54 -9.92
N ARG E 134 18.64 -5.48 -8.84
CA ARG E 134 19.15 -4.90 -7.61
C ARG E 134 19.94 -5.93 -6.84
N THR E 135 21.23 -5.69 -6.68
CA THR E 135 22.08 -6.56 -5.88
C THR E 135 22.37 -5.88 -4.52
N SER E 136 23.07 -6.61 -3.67
CA SER E 136 23.45 -6.06 -2.36
C SER E 136 24.40 -4.88 -2.50
N GLN E 137 25.08 -4.76 -3.64
CA GLN E 137 25.96 -3.63 -3.88
C GLN E 137 25.34 -2.57 -4.78
N GLY E 138 24.02 -2.68 -5.03
CA GLY E 138 23.32 -1.72 -5.87
C GLY E 138 22.82 -2.32 -7.18
N TRP E 139 22.23 -1.49 -8.00
CA TRP E 139 21.68 -1.90 -9.28
C TRP E 139 22.79 -2.27 -10.24
N ARG E 140 22.61 -3.37 -10.96
CA ARG E 140 23.57 -3.84 -11.93
C ARG E 140 22.90 -4.30 -13.22
N VAL E 141 23.61 -4.12 -14.32
CA VAL E 141 23.19 -4.64 -15.61
C VAL E 141 23.58 -6.13 -15.68
N VAL E 142 22.59 -6.98 -15.92
CA VAL E 142 22.83 -8.42 -16.02
C VAL E 142 22.95 -8.90 -17.47
N ALA E 143 22.42 -8.11 -18.40
CA ALA E 143 22.49 -8.43 -19.82
C ALA E 143 22.22 -7.17 -20.63
N ALA E 144 22.99 -6.98 -21.69
CA ALA E 144 22.80 -5.84 -22.58
C ALA E 144 22.99 -6.25 -24.03
N HIS E 145 22.34 -5.50 -24.92
CA HIS E 145 22.32 -5.80 -26.34
C HIS E 145 22.23 -4.46 -27.10
N VAL E 146 23.21 -4.20 -27.96
CA VAL E 146 23.28 -2.97 -28.74
C VAL E 146 23.35 -3.35 -30.22
N SER E 147 22.63 -2.61 -31.05
CA SER E 147 22.66 -2.80 -32.48
C SER E 147 22.33 -1.53 -33.24
N LEU E 148 22.86 -1.42 -34.46
CA LEU E 148 22.62 -0.28 -35.32
C LEU E 148 21.97 -0.76 -36.60
N ILE E 149 20.95 -0.03 -37.03
CA ILE E 149 20.25 -0.31 -38.28
C ILE E 149 20.00 0.97 -39.05
N ALA E 150 19.62 0.85 -40.31
CA ALA E 150 19.17 2.05 -41.07
C ALA E 150 17.65 2.06 -40.97
N LEU E 151 17.05 3.19 -40.58
CA LEU E 151 15.58 3.20 -40.47
C LEU E 151 14.99 3.44 -41.87
N GLU F 25 20.37 -11.86 -6.32
CA GLU F 25 21.66 -12.47 -6.72
C GLU F 25 22.02 -13.67 -5.86
N MET F 26 21.30 -13.88 -4.77
CA MET F 26 21.44 -15.11 -4.01
C MET F 26 20.59 -16.23 -4.59
N GLN F 27 19.71 -15.92 -5.56
CA GLN F 27 18.87 -16.98 -6.13
C GLN F 27 18.96 -17.03 -7.65
N ILE F 28 20.14 -17.36 -8.12
CA ILE F 28 20.41 -17.48 -9.54
C ILE F 28 20.14 -18.92 -9.98
N ASN F 29 19.28 -19.06 -10.99
CA ASN F 29 19.02 -20.35 -11.61
C ASN F 29 18.53 -21.41 -10.61
N LEU F 30 17.54 -21.02 -9.80
CA LEU F 30 16.86 -21.98 -8.96
C LEU F 30 16.27 -23.07 -9.87
N PRO F 31 16.55 -24.34 -9.58
CA PRO F 31 16.26 -25.41 -10.54
C PRO F 31 14.84 -25.43 -11.08
N GLU F 32 13.84 -25.27 -10.22
CA GLU F 32 12.46 -25.36 -10.66
C GLU F 32 12.10 -24.17 -11.55
N VAL F 33 12.61 -23.00 -11.19
CA VAL F 33 12.35 -21.79 -11.96
C VAL F 33 13.07 -21.88 -13.31
N HIS F 34 14.34 -22.26 -13.29
CA HIS F 34 15.11 -22.38 -14.52
C HIS F 34 14.45 -23.39 -15.48
N ALA F 35 13.88 -24.48 -14.92
CA ALA F 35 13.22 -25.46 -15.75
C ALA F 35 11.95 -24.87 -16.42
N GLU F 36 11.16 -24.11 -15.68
CA GLU F 36 9.98 -23.52 -16.25
C GLU F 36 10.32 -22.55 -17.39
N VAL F 37 11.32 -21.70 -17.16
CA VAL F 37 11.64 -20.67 -18.13
C VAL F 37 12.26 -21.31 -19.37
N THR F 38 13.12 -22.31 -19.18
CA THR F 38 13.73 -22.98 -20.33
C THR F 38 12.63 -23.58 -21.19
N ALA F 39 11.60 -24.17 -20.56
CA ALA F 39 10.50 -24.76 -21.32
C ALA F 39 9.80 -23.73 -22.17
N GLN F 40 9.52 -22.56 -21.58
CA GLN F 40 8.81 -21.51 -22.30
C GLN F 40 9.66 -20.96 -23.43
N PHE F 41 10.98 -20.89 -23.21
CA PHE F 41 11.85 -20.42 -24.26
C PHE F 41 11.84 -21.40 -25.44
N VAL F 42 11.90 -22.69 -25.14
CA VAL F 42 11.82 -23.69 -26.21
C VAL F 42 10.47 -23.60 -26.92
N ARG F 43 9.40 -23.40 -26.17
CA ARG F 43 8.08 -23.17 -26.77
C ARG F 43 8.12 -22.01 -27.74
N TYR F 44 8.76 -20.92 -27.35
CA TYR F 44 8.83 -19.74 -28.21
C TYR F 44 9.57 -20.08 -29.51
N GLU F 45 10.72 -20.75 -29.39
CA GLU F 45 11.52 -21.09 -30.54
C GLU F 45 10.78 -22.04 -31.49
N LYS F 46 10.05 -22.99 -30.92
CA LYS F 46 9.23 -23.89 -31.74
C LYS F 46 8.11 -23.13 -32.48
N ALA F 47 7.50 -22.16 -31.82
CA ALA F 47 6.44 -21.36 -32.43
C ALA F 47 6.96 -20.48 -33.55
N LEU F 48 8.19 -20.03 -33.45
CA LEU F 48 8.81 -19.25 -34.53
C LEU F 48 8.93 -20.12 -35.79
N THR F 49 9.42 -21.35 -35.62
CA THR F 49 9.67 -22.20 -36.77
C THR F 49 8.38 -22.66 -37.46
N SER F 50 7.32 -22.86 -36.70
CA SER F 50 6.01 -23.20 -37.29
C SER F 50 5.13 -21.96 -37.55
N ASN F 51 5.67 -20.77 -37.34
CA ASN F 51 4.89 -19.54 -37.35
C ASN F 51 3.54 -19.67 -36.62
N ASP F 52 3.59 -20.25 -35.42
CA ASP F 52 2.41 -20.35 -34.57
C ASP F 52 2.18 -18.99 -33.87
N THR F 53 1.46 -18.11 -34.55
CA THR F 53 1.28 -16.74 -34.06
C THR F 53 0.47 -16.68 -32.76
N ALA F 54 -0.44 -17.65 -32.57
CA ALA F 54 -1.20 -17.72 -31.32
C ALA F 54 -0.26 -17.88 -30.13
N VAL F 55 0.69 -18.79 -30.22
CA VAL F 55 1.65 -19.00 -29.14
C VAL F 55 2.62 -17.81 -29.05
N LEU F 56 3.04 -17.28 -30.19
CA LEU F 56 3.97 -16.14 -30.19
C LEU F 56 3.33 -14.94 -29.47
N ASN F 57 2.06 -14.68 -29.72
CA ASN F 57 1.36 -13.60 -29.04
C ASN F 57 1.07 -13.93 -27.58
N GLU F 58 0.72 -15.17 -27.29
CA GLU F 58 0.50 -15.61 -25.92
C GLU F 58 1.72 -15.32 -25.03
N LEU F 59 2.91 -15.49 -25.58
CA LEU F 59 4.13 -15.41 -24.77
C LEU F 59 4.66 -14.00 -24.54
N PHE F 60 4.18 -13.02 -25.30
CA PHE F 60 4.56 -11.63 -25.07
C PHE F 60 3.60 -10.98 -24.08
N TRP F 61 4.18 -10.22 -23.15
CA TRP F 61 3.40 -9.56 -22.13
C TRP F 61 2.41 -8.58 -22.77
N ASN F 62 1.13 -8.71 -22.43
CA ASN F 62 0.11 -7.82 -22.95
C ASN F 62 0.10 -6.52 -22.15
N SER F 63 0.87 -5.54 -22.62
CA SER F 63 1.03 -4.25 -21.95
C SER F 63 1.55 -3.24 -22.96
N PRO F 64 1.19 -1.95 -22.78
CA PRO F 64 1.79 -0.94 -23.66
C PRO F 64 3.30 -0.77 -23.42
N GLN F 65 3.81 -1.21 -22.27
CA GLN F 65 5.23 -1.09 -21.98
C GLN F 65 6.08 -2.08 -22.75
N THR F 66 5.51 -3.23 -23.06
CA THR F 66 6.23 -4.28 -23.78
C THR F 66 6.79 -3.72 -25.10
N LEU F 67 8.01 -4.10 -25.45
CA LEU F 67 8.58 -3.64 -26.69
C LEU F 67 9.50 -4.65 -27.32
N ARG F 68 9.70 -4.50 -28.62
CA ARG F 68 10.53 -5.38 -29.37
C ARG F 68 11.34 -4.59 -30.39
N TYR F 69 12.67 -4.59 -30.20
CA TYR F 69 13.56 -4.06 -31.19
C TYR F 69 13.89 -5.20 -32.15
N GLY F 70 13.16 -5.27 -33.26
CA GLY F 70 13.38 -6.28 -34.29
C GLY F 70 14.62 -6.01 -35.11
N ALA F 71 14.93 -6.95 -36.01
CA ALA F 71 16.09 -6.83 -36.87
C ALA F 71 16.04 -5.58 -37.75
N THR F 72 14.84 -5.16 -38.14
CA THR F 72 14.69 -4.01 -39.04
C THR F 72 13.65 -2.97 -38.59
N GLU F 73 13.01 -3.20 -37.45
CA GLU F 73 11.92 -2.35 -36.98
C GLU F 73 11.84 -2.28 -35.46
N ASN F 74 11.38 -1.14 -34.95
CA ASN F 74 11.22 -0.91 -33.52
C ASN F 74 9.72 -0.84 -33.22
N LEU F 75 9.23 -1.75 -32.36
CA LEU F 75 7.83 -1.80 -32.03
C LEU F 75 7.60 -1.54 -30.55
N TYR F 76 6.70 -0.59 -30.26
CA TYR F 76 6.36 -0.21 -28.90
C TYR F 76 4.90 -0.62 -28.58
N GLY F 77 4.76 -1.44 -27.54
CA GLY F 77 3.47 -1.89 -27.10
C GLY F 77 3.11 -3.25 -27.67
N TYR F 78 2.38 -4.02 -26.88
CA TYR F 78 1.91 -5.34 -27.29
C TYR F 78 1.09 -5.29 -28.58
N GLU F 79 0.19 -4.31 -28.71
CA GLU F 79 -0.65 -4.24 -29.90
C GLU F 79 0.18 -4.10 -31.18
N ALA F 80 1.24 -3.31 -31.14
CA ALA F 80 2.12 -3.16 -32.27
C ALA F 80 2.87 -4.46 -32.56
N ILE F 81 3.25 -5.19 -31.52
CA ILE F 81 3.98 -6.44 -31.71
C ILE F 81 3.06 -7.52 -32.28
N ALA F 82 1.86 -7.66 -31.71
CA ALA F 82 0.88 -8.63 -32.20
C ALA F 82 0.49 -8.34 -33.67
N GLY F 83 0.31 -7.06 -33.98
CA GLY F 83 -0.02 -6.65 -35.35
C GLY F 83 1.08 -7.01 -36.34
N PHE F 84 2.32 -6.79 -35.92
CA PHE F 84 3.47 -7.18 -36.70
C PHE F 84 3.50 -8.69 -36.98
N ARG F 85 3.15 -9.49 -35.98
CA ARG F 85 3.15 -10.94 -36.13
C ARG F 85 2.10 -11.40 -37.13
N ALA F 86 0.97 -10.70 -37.20
CA ALA F 86 -0.10 -11.08 -38.11
C ALA F 86 0.30 -10.83 -39.57
N THR F 87 1.13 -9.81 -39.82
CA THR F 87 1.50 -9.43 -41.18
C THR F 87 2.87 -9.92 -41.64
N ARG F 88 3.57 -10.71 -40.83
CA ARG F 88 4.92 -11.17 -41.16
C ARG F 88 4.90 -12.36 -42.11
N SER F 89 5.83 -12.35 -43.05
CA SER F 89 5.96 -13.47 -43.96
C SER F 89 6.84 -14.52 -43.30
N PRO F 90 6.34 -15.76 -43.15
CA PRO F 90 7.03 -16.73 -42.32
C PRO F 90 8.23 -17.33 -43.08
N ASN F 91 9.31 -16.56 -43.12
CA ASN F 91 10.45 -16.90 -43.95
C ASN F 91 11.76 -17.11 -43.19
N GLU F 94 15.54 -21.37 -42.16
CA GLU F 94 15.96 -22.00 -40.90
C GLU F 94 17.21 -21.33 -40.35
N LYS F 95 17.25 -21.17 -39.01
CA LYS F 95 18.38 -20.55 -38.33
C LYS F 95 19.01 -21.56 -37.35
N GLU F 96 20.34 -21.57 -37.34
CA GLU F 96 21.10 -22.50 -36.51
C GLU F 96 21.52 -21.78 -35.24
N ILE F 97 21.08 -22.30 -34.11
CA ILE F 97 21.36 -21.72 -32.81
C ILE F 97 22.74 -22.20 -32.39
N VAL F 98 23.58 -21.28 -31.93
CA VAL F 98 24.99 -21.56 -31.65
C VAL F 98 25.31 -21.40 -30.17
N ARG F 99 24.56 -20.53 -29.48
CA ARG F 99 24.74 -20.38 -28.04
C ARG F 99 23.43 -19.97 -27.44
N THR F 100 23.16 -20.52 -26.25
CA THR F 100 21.89 -20.21 -25.56
C THR F 100 22.20 -20.08 -24.08
N VAL F 101 21.89 -18.91 -23.51
CA VAL F 101 22.09 -18.66 -22.09
C VAL F 101 20.78 -18.20 -21.48
N ILE F 102 20.22 -19.05 -20.61
CA ILE F 102 19.03 -18.74 -19.86
C ILE F 102 19.42 -18.56 -18.39
N THR F 103 19.07 -17.42 -17.82
CA THR F 103 19.38 -17.14 -16.42
C THR F 103 18.13 -16.64 -15.70
N THR F 104 17.83 -17.23 -14.53
CA THR F 104 16.69 -16.82 -13.73
C THR F 104 17.18 -16.18 -12.45
N TYR F 105 16.40 -15.20 -11.98
CA TYR F 105 16.74 -14.39 -10.83
C TYR F 105 15.55 -14.44 -9.86
N GLY F 106 15.74 -15.06 -8.70
CA GLY F 106 14.60 -15.30 -7.83
C GLY F 106 13.58 -16.19 -8.49
N HIS F 107 12.32 -15.97 -8.20
CA HIS F 107 11.26 -16.85 -8.66
C HIS F 107 10.51 -16.32 -9.88
N ASP F 108 10.68 -15.03 -10.21
CA ASP F 108 9.74 -14.36 -11.13
C ASP F 108 10.36 -13.64 -12.33
N PHE F 109 11.67 -13.70 -12.48
N PHE F 109 11.68 -13.71 -12.48
CA PHE F 109 12.35 -12.94 -13.53
CA PHE F 109 12.35 -12.94 -13.53
C PHE F 109 13.43 -13.75 -14.21
C PHE F 109 13.43 -13.75 -14.21
N ALA F 110 13.64 -13.47 -15.49
CA ALA F 110 14.63 -14.20 -16.25
C ALA F 110 15.08 -13.44 -17.48
N THR F 111 16.25 -13.81 -17.99
CA THR F 111 16.70 -13.38 -19.30
C THR F 111 17.01 -14.58 -20.14
N ALA F 112 16.88 -14.41 -21.47
CA ALA F 112 17.22 -15.44 -22.44
C ALA F 112 17.98 -14.78 -23.58
N ASN F 113 19.19 -15.26 -23.84
CA ASN F 113 20.08 -14.71 -24.83
C ASN F 113 20.61 -15.79 -25.72
N ILE F 114 20.49 -15.63 -27.03
CA ILE F 114 21.03 -16.59 -27.98
C ILE F 114 21.86 -15.95 -29.07
N GLU F 115 22.75 -16.73 -29.66
CA GLU F 115 23.40 -16.37 -30.90
C GLU F 115 22.95 -17.36 -31.94
N PHE F 116 22.81 -16.92 -33.19
CA PHE F 116 22.45 -17.84 -34.25
C PHE F 116 23.12 -17.45 -35.56
N ARG F 117 23.05 -18.34 -36.52
CA ARG F 117 23.64 -18.19 -37.85
C ARG F 117 22.59 -18.61 -38.88
N ARG F 118 22.74 -18.16 -40.10
CA ARG F 118 22.00 -18.73 -41.22
C ARG F 118 22.98 -19.00 -42.35
N LEU F 119 22.87 -20.15 -43.00
CA LEU F 119 23.68 -20.42 -44.21
C LEU F 119 23.38 -19.51 -45.40
N SER F 120 22.15 -18.98 -45.46
CA SER F 120 21.76 -18.08 -46.55
C SER F 120 22.30 -16.66 -46.41
N HIS F 121 22.78 -16.27 -45.22
CA HIS F 121 23.49 -14.99 -45.07
C HIS F 121 24.75 -15.19 -44.28
N SER F 122 25.70 -15.90 -44.86
CA SER F 122 26.95 -16.30 -44.18
C SER F 122 27.74 -15.11 -43.64
N GLN F 123 27.51 -13.94 -44.22
CA GLN F 123 28.16 -12.73 -43.71
C GLN F 123 27.50 -12.10 -42.46
N LEU F 124 26.36 -12.61 -41.99
CA LEU F 124 25.71 -12.06 -40.80
C LEU F 124 25.54 -13.09 -39.66
N THR F 125 25.90 -12.74 -38.44
CA THR F 125 25.57 -13.49 -37.26
C THR F 125 24.45 -12.84 -36.47
N GLY F 126 23.57 -13.65 -35.89
CA GLY F 126 22.39 -13.15 -35.24
C GLY F 126 22.48 -13.17 -33.73
N ARG F 127 21.83 -12.18 -33.08
CA ARG F 127 21.68 -12.14 -31.63
C ARG F 127 20.21 -11.92 -31.32
N GLN F 128 19.73 -12.59 -30.26
CA GLN F 128 18.37 -12.38 -29.75
C GLN F 128 18.39 -12.34 -28.25
N SER F 129 17.92 -11.24 -27.66
CA SER F 129 17.85 -11.10 -26.22
C SER F 129 16.39 -10.93 -25.81
N GLN F 130 16.02 -11.56 -24.69
CA GLN F 130 14.69 -11.44 -24.13
C GLN F 130 14.76 -11.29 -22.62
N THR F 131 13.84 -10.53 -22.04
CA THR F 131 13.63 -10.48 -20.61
C THR F 131 12.24 -11.05 -20.31
N TRP F 132 12.18 -11.99 -19.36
CA TRP F 132 10.95 -12.70 -19.05
C TRP F 132 10.51 -12.39 -17.62
N MET F 133 9.20 -12.32 -17.42
CA MET F 133 8.59 -12.05 -16.12
C MET F 133 7.45 -13.04 -15.89
N ARG F 134 7.33 -13.54 -14.67
CA ARG F 134 6.23 -14.43 -14.35
C ARG F 134 4.99 -13.60 -14.00
N THR F 135 3.95 -13.74 -14.80
CA THR F 135 2.67 -13.09 -14.53
C THR F 135 1.67 -14.11 -14.00
N SER F 136 0.49 -13.64 -13.64
CA SER F 136 -0.57 -14.53 -13.15
C SER F 136 -1.04 -15.48 -14.24
N GLN F 137 -0.78 -15.16 -15.51
CA GLN F 137 -1.12 -16.06 -16.60
C GLN F 137 0.07 -16.87 -17.12
N GLY F 138 1.19 -16.80 -16.41
CA GLY F 138 2.41 -17.49 -16.82
C GLY F 138 3.53 -16.56 -17.23
N TRP F 139 4.62 -17.15 -17.69
CA TRP F 139 5.80 -16.41 -18.09
C TRP F 139 5.54 -15.63 -19.37
N ARG F 140 6.01 -14.38 -19.38
CA ARG F 140 5.85 -13.52 -20.53
C ARG F 140 7.13 -12.73 -20.84
N VAL F 141 7.34 -12.47 -22.12
CA VAL F 141 8.43 -11.63 -22.56
C VAL F 141 7.99 -10.15 -22.40
N VAL F 142 8.79 -9.39 -21.65
CA VAL F 142 8.51 -7.98 -21.44
C VAL F 142 9.31 -7.07 -22.36
N ALA F 143 10.39 -7.59 -22.92
CA ALA F 143 11.24 -6.82 -23.82
C ALA F 143 12.11 -7.78 -24.63
N ALA F 144 12.26 -7.51 -25.93
CA ALA F 144 13.10 -8.31 -26.79
C ALA F 144 13.87 -7.43 -27.76
N HIS F 145 15.01 -7.93 -28.21
CA HIS F 145 15.91 -7.19 -29.08
C HIS F 145 16.63 -8.23 -29.99
N VAL F 146 16.48 -8.07 -31.29
CA VAL F 146 17.09 -8.96 -32.28
C VAL F 146 17.94 -8.12 -33.21
N SER F 147 19.13 -8.62 -33.52
CA SER F 147 20.02 -7.90 -34.44
C SER F 147 20.92 -8.86 -35.18
N LEU F 148 21.26 -8.44 -36.42
CA LEU F 148 22.23 -9.16 -37.22
C LEU F 148 23.43 -8.27 -37.47
N ILE F 149 24.61 -8.83 -37.30
CA ILE F 149 25.84 -8.09 -37.50
C ILE F 149 26.84 -8.94 -38.28
N ALA F 150 27.83 -8.22 -38.82
CA ALA F 150 28.89 -8.80 -39.58
C ALA F 150 29.96 -9.41 -38.69
N LEU F 151 30.59 -10.44 -39.21
CA LEU F 151 31.56 -11.22 -38.46
C LEU F 151 32.89 -10.46 -38.37
N PRO F 152 33.42 -10.34 -37.14
CA PRO F 152 34.69 -9.66 -36.85
C PRO F 152 35.90 -10.00 -37.74
N MET G 26 21.28 -0.66 11.07
CA MET G 26 22.29 0.13 11.83
C MET G 26 22.18 1.63 11.51
N GLN G 27 21.85 2.40 12.51
CA GLN G 27 21.68 3.85 12.38
C GLN G 27 22.99 4.62 12.15
N ILE G 28 23.18 5.18 10.95
CA ILE G 28 24.43 5.77 10.60
C ILE G 28 24.44 7.25 10.99
N ASN G 29 25.46 7.65 11.74
CA ASN G 29 25.67 9.05 12.09
C ASN G 29 24.48 9.69 12.79
N LEU G 30 23.97 9.04 13.81
CA LEU G 30 23.06 9.70 14.73
C LEU G 30 23.72 10.95 15.26
N PRO G 31 23.06 12.11 15.16
CA PRO G 31 23.71 13.38 15.48
C PRO G 31 24.37 13.43 16.86
N GLU G 32 23.70 12.92 17.89
CA GLU G 32 24.27 13.01 19.24
C GLU G 32 25.47 12.09 19.37
N VAL G 33 25.40 10.92 18.75
CA VAL G 33 26.51 9.97 18.78
C VAL G 33 27.70 10.53 18.00
N HIS G 34 27.45 11.02 16.81
CA HIS G 34 28.49 11.62 15.96
C HIS G 34 29.18 12.81 16.71
N ALA G 35 28.39 13.58 17.45
CA ALA G 35 28.95 14.67 18.23
C ALA G 35 29.88 14.16 19.34
N GLU G 36 29.48 13.11 20.03
CA GLU G 36 30.34 12.51 21.08
C GLU G 36 31.64 12.04 20.52
N VAL G 37 31.60 11.33 19.40
CA VAL G 37 32.81 10.75 18.82
C VAL G 37 33.71 11.86 18.29
N THR G 38 33.15 12.86 17.66
CA THR G 38 33.92 14.02 17.20
C THR G 38 34.68 14.67 18.38
N ALA G 39 33.98 14.78 19.51
CA ALA G 39 34.59 15.34 20.72
C ALA G 39 35.77 14.51 21.18
N GLN G 40 35.62 13.20 21.17
CA GLN G 40 36.69 12.26 21.59
C GLN G 40 37.86 12.35 20.62
N PHE G 41 37.59 12.54 19.33
CA PHE G 41 38.64 12.71 18.36
C PHE G 41 39.45 13.99 18.70
N VAL G 42 38.74 15.08 18.99
CA VAL G 42 39.42 16.30 19.34
C VAL G 42 40.25 16.10 20.64
N ARG G 43 39.66 15.38 21.61
CA ARG G 43 40.38 15.04 22.83
C ARG G 43 41.68 14.32 22.51
N TYR G 44 41.63 13.36 21.59
CA TYR G 44 42.81 12.61 21.22
C TYR G 44 43.87 13.51 20.64
N GLU G 45 43.47 14.36 19.70
CA GLU G 45 44.40 15.26 19.05
C GLU G 45 45.05 16.23 20.03
N LYS G 46 44.25 16.74 20.99
CA LYS G 46 44.78 17.62 22.01
C LYS G 46 45.80 16.90 22.90
N ALA G 47 45.53 15.64 23.24
CA ALA G 47 46.43 14.89 24.09
C ALA G 47 47.76 14.57 23.41
N LEU G 48 47.73 14.41 22.08
CA LEU G 48 48.97 14.21 21.35
C LEU G 48 49.86 15.46 21.44
N THR G 49 49.26 16.63 21.25
CA THR G 49 50.02 17.86 21.18
C THR G 49 50.64 18.23 22.52
N SER G 50 49.95 17.91 23.63
CA SER G 50 50.50 18.17 24.95
C SER G 50 51.31 17.02 25.52
N ASN G 51 51.40 15.91 24.75
CA ASN G 51 52.05 14.69 25.26
C ASN G 51 51.56 14.35 26.69
N ASP G 52 50.24 14.46 26.90
CA ASP G 52 49.58 14.03 28.09
C ASP G 52 49.40 12.52 27.96
N THR G 53 50.39 11.76 28.44
CA THR G 53 50.32 10.29 28.33
C THR G 53 49.16 9.68 29.15
N ALA G 54 48.78 10.34 30.23
CA ALA G 54 47.63 9.89 31.02
C ALA G 54 46.36 9.84 30.15
N VAL G 55 46.11 10.91 29.41
CA VAL G 55 44.93 10.98 28.55
C VAL G 55 45.10 10.04 27.35
N LEU G 56 46.32 9.98 26.78
CA LEU G 56 46.57 9.08 25.66
C LEU G 56 46.30 7.62 26.03
N ASN G 57 46.74 7.22 27.20
CA ASN G 57 46.49 5.85 27.67
C ASN G 57 45.02 5.66 28.04
N GLU G 58 44.41 6.66 28.66
CA GLU G 58 42.98 6.59 29.01
C GLU G 58 42.14 6.30 27.77
N LEU G 59 42.48 6.84 26.63
CA LEU G 59 41.63 6.75 25.44
C LEU G 59 41.75 5.44 24.64
N PHE G 60 42.83 4.68 24.89
CA PHE G 60 42.98 3.39 24.24
C PHE G 60 42.34 2.29 25.09
N TRP G 61 41.64 1.39 24.43
CA TRP G 61 40.95 0.29 25.09
C TRP G 61 41.99 -0.60 25.81
N ASN G 62 41.76 -0.81 27.11
CA ASN G 62 42.63 -1.68 27.89
C ASN G 62 42.31 -3.15 27.65
N SER G 63 43.00 -3.74 26.67
CA SER G 63 42.77 -5.12 26.27
C SER G 63 44.01 -5.61 25.50
N PRO G 64 44.31 -6.91 25.56
CA PRO G 64 45.41 -7.41 24.74
C PRO G 64 45.09 -7.35 23.23
N GLN G 65 43.81 -7.26 22.87
CA GLN G 65 43.42 -7.23 21.46
C GLN G 65 43.74 -5.86 20.82
N THR G 66 43.70 -4.79 21.62
CA THR G 66 43.96 -3.46 21.12
C THR G 66 45.31 -3.39 20.41
N LEU G 67 45.37 -2.67 19.30
CA LEU G 67 46.63 -2.56 18.59
C LEU G 67 46.76 -1.21 17.91
N ARG G 68 48.01 -0.84 17.63
CA ARG G 68 48.30 0.40 16.96
C ARG G 68 49.41 0.17 15.94
N TYR G 69 49.08 0.34 14.66
CA TYR G 69 50.09 0.40 13.64
C TYR G 69 50.54 1.85 13.51
N GLY G 70 51.60 2.21 14.22
CA GLY G 70 52.15 3.56 14.17
C GLY G 70 52.88 3.88 12.90
N ALA G 71 53.30 5.13 12.78
CA ALA G 71 54.05 5.57 11.59
C ALA G 71 55.36 4.79 11.42
N THR G 72 55.96 4.36 12.53
CA THR G 72 57.26 3.70 12.51
C THR G 72 57.34 2.41 13.35
N GLU G 73 56.22 2.00 13.96
CA GLU G 73 56.21 0.80 14.79
C GLU G 73 54.88 0.10 14.82
N ASN G 74 54.87 -1.21 15.02
CA ASN G 74 53.65 -1.99 15.20
C ASN G 74 53.56 -2.44 16.65
N LEU G 75 52.49 -2.05 17.34
CA LEU G 75 52.31 -2.40 18.74
C LEU G 75 51.06 -3.27 18.93
N TYR G 76 51.22 -4.40 19.60
CA TYR G 76 50.10 -5.29 19.92
C TYR G 76 49.82 -5.35 21.40
N GLY G 77 48.59 -5.01 21.77
CA GLY G 77 48.15 -5.03 23.17
C GLY G 77 48.26 -3.67 23.81
N TYR G 78 47.35 -3.39 24.71
CA TYR G 78 47.35 -2.13 25.48
C TYR G 78 48.66 -1.92 26.22
N GLU G 79 49.18 -2.96 26.87
CA GLU G 79 50.41 -2.82 27.63
C GLU G 79 51.57 -2.34 26.77
N ALA G 80 51.69 -2.86 25.56
CA ALA G 80 52.72 -2.42 24.64
C ALA G 80 52.49 -0.98 24.20
N ILE G 81 51.23 -0.57 24.04
CA ILE G 81 50.93 0.79 23.60
C ILE G 81 51.25 1.79 24.75
N ALA G 82 50.78 1.46 25.95
CA ALA G 82 51.05 2.28 27.12
C ALA G 82 52.53 2.43 27.41
N GLY G 83 53.27 1.33 27.29
CA GLY G 83 54.71 1.32 27.50
C GLY G 83 55.42 2.19 26.50
N PHE G 84 54.99 2.12 25.24
CA PHE G 84 55.53 2.98 24.21
C PHE G 84 55.34 4.45 24.53
N ARG G 85 54.15 4.80 25.05
CA ARG G 85 53.86 6.19 25.37
C ARG G 85 54.74 6.71 26.51
N ALA G 86 55.09 5.83 27.45
CA ALA G 86 55.93 6.24 28.57
C ALA G 86 57.36 6.56 28.15
N THR G 87 57.85 5.90 27.11
CA THR G 87 59.15 6.21 26.50
C THR G 87 58.99 7.13 25.24
N GLU G 94 53.38 19.34 15.39
CA GLU G 94 52.23 20.04 14.80
C GLU G 94 51.76 19.36 13.50
N LYS G 95 50.45 19.29 13.31
CA LYS G 95 49.92 18.71 12.10
C LYS G 95 48.61 19.39 11.70
N GLU G 96 48.49 19.65 10.41
CA GLU G 96 47.33 20.34 9.85
C GLU G 96 46.38 19.30 9.28
N ILE G 97 45.16 19.29 9.83
CA ILE G 97 44.14 18.37 9.38
C ILE G 97 43.50 18.89 8.10
N VAL G 98 43.37 18.01 7.12
CA VAL G 98 42.94 18.38 5.78
C VAL G 98 41.62 17.71 5.41
N ARG G 99 41.34 16.54 5.99
CA ARG G 99 40.07 15.87 5.79
C ARG G 99 39.76 15.09 7.05
N THR G 100 38.48 15.05 7.40
CA THR G 100 38.02 14.22 8.50
C THR G 100 36.73 13.54 8.08
N VAL G 101 36.70 12.20 8.22
CA VAL G 101 35.45 11.46 8.09
C VAL G 101 35.23 10.65 9.37
N ILE G 102 34.23 11.06 10.13
CA ILE G 102 33.81 10.39 11.34
C ILE G 102 32.45 9.76 11.05
N THR G 103 32.36 8.44 11.27
CA THR G 103 31.15 7.70 10.98
C THR G 103 30.78 6.85 12.18
N THR G 104 29.53 6.99 12.65
CA THR G 104 29.07 6.22 13.80
C THR G 104 28.03 5.24 13.34
N TYR G 105 28.02 4.09 14.01
CA TYR G 105 27.14 2.97 13.67
C TYR G 105 26.39 2.60 14.94
N GLY G 106 25.07 2.83 14.96
CA GLY G 106 24.33 2.68 16.20
C GLY G 106 24.83 3.67 17.24
N HIS G 107 24.79 3.25 18.50
CA HIS G 107 25.13 4.13 19.60
C HIS G 107 26.53 3.89 20.15
N ASP G 108 27.18 2.78 19.78
CA ASP G 108 28.37 2.34 20.52
C ASP G 108 29.64 2.08 19.71
N PHE G 109 29.61 2.36 18.42
CA PHE G 109 30.73 2.07 17.56
C PHE G 109 30.96 3.18 16.57
N ALA G 110 32.23 3.37 16.21
CA ALA G 110 32.56 4.44 15.27
C ALA G 110 33.92 4.22 14.65
N THR G 111 34.12 4.86 13.49
CA THR G 111 35.43 4.99 12.89
C THR G 111 35.74 6.46 12.71
N ALA G 112 37.02 6.79 12.81
CA ALA G 112 37.49 8.17 12.58
C ALA G 112 38.72 8.09 11.70
N ASN G 113 38.63 8.77 10.57
CA ASN G 113 39.68 8.73 9.56
C ASN G 113 40.00 10.13 9.15
N ILE G 114 41.28 10.49 9.23
CA ILE G 114 41.73 11.82 8.83
C ILE G 114 42.91 11.76 7.88
N GLU G 115 43.04 12.84 7.12
CA GLU G 115 44.24 13.12 6.35
C GLU G 115 44.86 14.34 6.98
N PHE G 116 46.18 14.38 7.01
CA PHE G 116 46.86 15.55 7.55
C PHE G 116 48.14 15.82 6.79
N ARG G 117 48.71 16.99 7.05
CA ARG G 117 50.00 17.40 6.50
C ARG G 117 50.86 17.92 7.64
N ARG G 118 52.16 17.76 7.52
CA ARG G 118 53.05 18.04 8.67
C ARG G 118 54.17 18.98 8.22
N LEU G 124 54.91 15.02 2.16
CA LEU G 124 54.26 13.78 2.61
C LEU G 124 52.86 14.04 3.18
N THR G 125 51.89 13.24 2.76
CA THR G 125 50.54 13.30 3.29
C THR G 125 50.31 12.21 4.33
N GLY G 126 49.72 12.60 5.44
CA GLY G 126 49.46 11.68 6.56
C GLY G 126 48.05 11.11 6.55
N ARG G 127 47.92 9.86 7.00
CA ARG G 127 46.62 9.23 7.21
C ARG G 127 46.60 8.65 8.62
N GLN G 128 45.46 8.83 9.29
CA GLN G 128 45.25 8.27 10.61
C GLN G 128 43.85 7.66 10.68
N SER G 129 43.79 6.40 11.04
CA SER G 129 42.51 5.68 11.10
C SER G 129 42.36 5.17 12.53
N GLN G 130 41.16 5.30 13.08
CA GLN G 130 40.83 4.75 14.36
C GLN G 130 39.47 4.09 14.32
N THR G 131 39.31 3.03 15.11
CA THR G 131 38.01 2.44 15.38
C THR G 131 37.72 2.64 16.87
N TRP G 132 36.53 3.19 17.16
CA TRP G 132 36.16 3.54 18.52
C TRP G 132 34.98 2.70 18.97
N MET G 133 34.98 2.36 20.26
CA MET G 133 33.92 1.59 20.90
C MET G 133 33.54 2.27 22.21
N ARG G 134 32.25 2.33 22.50
CA ARG G 134 31.79 2.90 23.76
C ARG G 134 31.84 1.80 24.83
N THR G 135 32.69 1.99 25.82
CA THR G 135 32.78 1.08 26.95
C THR G 135 32.11 1.69 28.19
N SER G 136 32.08 0.93 29.28
CA SER G 136 31.50 1.41 30.52
C SER G 136 32.28 2.59 31.09
N GLN G 137 33.54 2.75 30.68
CA GLN G 137 34.35 3.88 31.12
C GLN G 137 34.41 5.00 30.08
N GLY G 138 33.62 4.90 29.00
CA GLY G 138 33.65 5.88 27.94
C GLY G 138 34.18 5.33 26.62
N TRP G 139 34.30 6.21 25.62
CA TRP G 139 34.76 5.82 24.31
C TRP G 139 36.25 5.46 24.35
N ARG G 140 36.59 4.38 23.67
CA ARG G 140 37.97 3.90 23.59
C ARG G 140 38.35 3.51 22.16
N VAL G 141 39.62 3.71 21.84
CA VAL G 141 40.17 3.26 20.59
C VAL G 141 40.51 1.77 20.72
N VAL G 142 39.97 0.96 19.82
CA VAL G 142 40.24 -0.47 19.81
C VAL G 142 41.32 -0.85 18.81
N ALA G 143 41.54 0.01 17.82
CA ALA G 143 42.56 -0.21 16.80
C ALA G 143 42.86 1.11 16.09
N ALA G 144 44.13 1.34 15.82
CA ALA G 144 44.57 2.55 15.11
C ALA G 144 45.69 2.22 14.14
N HIS G 145 45.80 3.07 13.10
CA HIS G 145 46.76 2.88 12.05
C HIS G 145 47.15 4.27 11.51
N VAL G 146 48.44 4.60 11.56
CA VAL G 146 48.96 5.88 11.07
C VAL G 146 50.04 5.60 10.03
N SER G 147 50.01 6.37 8.94
CA SER G 147 51.01 6.21 7.89
C SER G 147 51.19 7.48 7.07
N LEU G 148 52.39 7.65 6.52
CA LEU G 148 52.71 8.81 5.69
C LEU G 148 53.11 8.33 4.31
N ILE G 149 52.59 8.99 3.29
CA ILE G 149 52.88 8.65 1.91
C ILE G 149 53.12 9.91 1.10
N ALA G 150 53.67 9.75 -0.10
CA ALA G 150 53.84 10.87 -1.03
C ALA G 150 52.57 11.09 -1.83
N LEU G 151 52.20 12.34 -2.01
CA LEU G 151 51.06 12.74 -2.83
C LEU G 151 51.23 14.23 -3.19
N MET H 23 26.76 -3.04 26.03
CA MET H 23 27.24 -4.41 26.33
C MET H 23 28.41 -4.94 25.44
N LEU H 24 28.95 -4.17 24.48
CA LEU H 24 29.88 -4.72 23.48
C LEU H 24 31.15 -5.29 24.11
N GLU H 25 31.74 -4.54 25.03
CA GLU H 25 32.96 -4.98 25.70
C GLU H 25 32.72 -6.26 26.51
N MET H 26 31.45 -6.61 26.76
CA MET H 26 31.17 -7.85 27.45
C MET H 26 31.13 -9.02 26.48
N GLN H 27 31.13 -8.76 25.18
CA GLN H 27 31.01 -9.82 24.18
C GLN H 27 32.12 -9.76 23.16
N ILE H 28 33.33 -10.01 23.62
CA ILE H 28 34.51 -10.03 22.77
C ILE H 28 34.72 -11.42 22.21
N ASN H 29 34.78 -11.52 20.88
CA ASN H 29 35.09 -12.78 20.20
C ASN H 29 34.11 -13.90 20.55
N LEU H 30 32.82 -13.59 20.47
CA LEU H 30 31.80 -14.63 20.58
C LEU H 30 32.08 -15.63 19.47
N PRO H 31 32.17 -16.94 19.83
CA PRO H 31 32.65 -17.94 18.87
C PRO H 31 31.97 -17.94 17.52
N GLU H 32 30.64 -17.85 17.49
CA GLU H 32 29.90 -17.93 16.24
C GLU H 32 30.18 -16.69 15.38
N VAL H 33 30.25 -15.54 16.04
CA VAL H 33 30.50 -14.28 15.34
C VAL H 33 31.93 -14.26 14.81
N HIS H 34 32.89 -14.63 15.67
CA HIS H 34 34.28 -14.66 15.25
C HIS H 34 34.49 -15.62 14.08
N ALA H 35 33.78 -16.74 14.08
CA ALA H 35 33.88 -17.69 12.98
C ALA H 35 33.37 -17.10 11.66
N GLU H 36 32.25 -16.39 11.71
CA GLU H 36 31.72 -15.77 10.50
C GLU H 36 32.68 -14.73 9.93
N VAL H 37 33.21 -13.89 10.79
CA VAL H 37 34.06 -12.81 10.32
C VAL H 37 35.39 -13.36 9.81
N THR H 38 35.94 -14.36 10.50
CA THR H 38 37.20 -14.95 10.05
C THR H 38 37.02 -15.53 8.66
N ALA H 39 35.86 -16.16 8.40
CA ALA H 39 35.62 -16.74 7.08
C ALA H 39 35.63 -15.67 6.02
N GLN H 40 34.96 -14.54 6.29
CA GLN H 40 34.87 -13.48 5.30
C GLN H 40 36.24 -12.83 5.08
N PHE H 41 37.03 -12.75 6.13
CA PHE H 41 38.37 -12.20 6.00
C PHE H 41 39.23 -13.09 5.11
N VAL H 42 39.15 -14.39 5.32
CA VAL H 42 39.87 -15.34 4.47
C VAL H 42 39.38 -15.22 3.02
N ARG H 43 38.07 -15.11 2.84
CA ARG H 43 37.51 -14.85 1.51
C ARG H 43 38.16 -13.63 0.86
N TYR H 44 38.28 -12.55 1.62
CA TYR H 44 38.84 -11.31 1.09
C TYR H 44 40.30 -11.56 0.66
N GLU H 45 41.08 -12.21 1.51
CA GLU H 45 42.49 -12.46 1.22
C GLU H 45 42.67 -13.36 0.00
N LYS H 46 41.81 -14.35 -0.13
CA LYS H 46 41.83 -15.22 -1.32
C LYS H 46 41.50 -14.45 -2.58
N ALA H 47 40.54 -13.54 -2.50
CA ALA H 47 40.14 -12.71 -3.64
C ALA H 47 41.22 -11.75 -4.06
N LEU H 48 42.03 -11.28 -3.12
CA LEU H 48 43.17 -10.43 -3.47
C LEU H 48 44.17 -11.20 -4.32
N THR H 49 44.49 -12.42 -3.90
CA THR H 49 45.50 -13.22 -4.58
C THR H 49 45.08 -13.63 -6.01
N SER H 50 43.80 -13.88 -6.21
CA SER H 50 43.27 -14.20 -7.53
C SER H 50 42.73 -12.97 -8.28
N ASN H 51 42.90 -11.79 -7.70
CA ASN H 51 42.25 -10.56 -8.18
C ASN H 51 40.76 -10.77 -8.57
N ASP H 52 40.03 -11.46 -7.71
CA ASP H 52 38.61 -11.68 -7.90
C ASP H 52 37.84 -10.40 -7.48
N THR H 53 37.68 -9.49 -8.43
CA THR H 53 37.08 -8.19 -8.15
C THR H 53 35.60 -8.29 -7.74
N ALA H 54 34.90 -9.31 -8.23
CA ALA H 54 33.52 -9.52 -7.83
C ALA H 54 33.42 -9.69 -6.31
N VAL H 55 34.27 -10.56 -5.75
CA VAL H 55 34.24 -10.79 -4.31
C VAL H 55 34.79 -9.57 -3.56
N LEU H 56 35.84 -8.93 -4.11
CA LEU H 56 36.42 -7.77 -3.46
C LEU H 56 35.38 -6.66 -3.33
N ASN H 57 34.60 -6.42 -4.38
CA ASN H 57 33.54 -5.41 -4.33
C ASN H 57 32.38 -5.83 -3.46
N GLU H 58 32.02 -7.12 -3.51
CA GLU H 58 30.95 -7.63 -2.67
C GLU H 58 31.20 -7.32 -1.18
N LEU H 59 32.46 -7.42 -0.77
CA LEU H 59 32.78 -7.34 0.65
C LEU H 59 32.89 -5.92 1.23
N PHE H 60 32.99 -4.91 0.36
CA PHE H 60 33.01 -3.53 0.85
C PHE H 60 31.61 -2.96 0.98
N TRP H 61 31.37 -2.25 2.07
CA TRP H 61 30.07 -1.66 2.36
C TRP H 61 29.71 -0.67 1.27
N ASN H 62 28.53 -0.87 0.66
CA ASN H 62 28.04 0.04 -0.34
C ASN H 62 27.43 1.31 0.33
N SER H 63 28.27 2.32 0.47
CA SER H 63 27.88 3.58 1.09
C SER H 63 28.88 4.66 0.70
N PRO H 64 28.44 5.93 0.64
CA PRO H 64 29.41 7.01 0.40
C PRO H 64 30.39 7.19 1.57
N GLN H 65 30.03 6.70 2.76
CA GLN H 65 30.90 6.85 3.93
C GLN H 65 32.10 5.91 3.87
N THR H 66 31.95 4.76 3.23
CA THR H 66 33.01 3.77 3.13
C THR H 66 34.26 4.39 2.55
N LEU H 67 35.42 4.02 3.08
CA LEU H 67 36.66 4.57 2.56
C LEU H 67 37.80 3.60 2.66
N ARG H 68 38.81 3.81 1.85
CA ARG H 68 39.98 2.98 1.82
C ARG H 68 41.21 3.85 1.64
N TYR H 69 42.06 3.88 2.66
CA TYR H 69 43.36 4.49 2.55
C TYR H 69 44.32 3.42 2.03
N GLY H 70 44.51 3.38 0.72
CA GLY H 70 45.44 2.42 0.10
C GLY H 70 46.90 2.78 0.33
N ALA H 71 47.77 1.91 -0.13
CA ALA H 71 49.21 2.10 -0.02
C ALA H 71 49.68 3.39 -0.68
N THR H 72 49.02 3.78 -1.77
CA THR H 72 49.45 4.95 -2.54
C THR H 72 48.31 5.94 -2.89
N GLU H 73 47.09 5.68 -2.42
CA GLU H 73 45.93 6.47 -2.83
C GLU H 73 44.86 6.46 -1.74
N ASN H 74 44.11 7.56 -1.65
CA ASN H 74 43.01 7.68 -0.70
C ASN H 74 41.70 7.70 -1.47
N LEU H 75 40.82 6.74 -1.19
CA LEU H 75 39.56 6.62 -1.88
C LEU H 75 38.37 6.80 -0.94
N TYR H 76 37.48 7.72 -1.31
CA TYR H 76 36.30 8.02 -0.53
C TYR H 76 35.03 7.60 -1.26
N GLY H 77 34.25 6.74 -0.58
CA GLY H 77 32.99 6.26 -1.10
C GLY H 77 33.16 4.92 -1.81
N TYR H 78 32.12 4.10 -1.71
CA TYR H 78 32.11 2.80 -2.35
C TYR H 78 32.35 2.87 -3.86
N GLU H 79 31.71 3.82 -4.53
CA GLU H 79 31.82 3.95 -5.97
C GLU H 79 33.29 4.15 -6.39
N ALA H 80 34.03 4.98 -5.65
CA ALA H 80 35.42 5.20 -5.95
C ALA H 80 36.25 3.94 -5.69
N ILE H 81 35.89 3.17 -4.65
CA ILE H 81 36.65 1.97 -4.34
C ILE H 81 36.39 0.87 -5.38
N ALA H 82 35.11 0.67 -5.72
CA ALA H 82 34.76 -0.31 -6.74
C ALA H 82 35.34 0.00 -8.09
N GLY H 83 35.34 1.29 -8.47
CA GLY H 83 35.93 1.73 -9.73
C GLY H 83 37.40 1.46 -9.77
N PHE H 84 38.08 1.74 -8.67
CA PHE H 84 39.51 1.44 -8.56
C PHE H 84 39.79 -0.04 -8.76
N ARG H 85 38.95 -0.91 -8.19
CA ARG H 85 39.15 -2.35 -8.30
C ARG H 85 39.01 -2.83 -9.73
N ALA H 86 38.11 -2.19 -10.49
CA ALA H 86 37.87 -2.61 -11.88
C ALA H 86 39.06 -2.28 -12.76
N THR H 87 39.80 -1.21 -12.45
CA THR H 87 40.90 -0.76 -13.29
C THR H 87 42.29 -1.14 -12.79
N ARG H 88 42.40 -1.90 -11.70
CA ARG H 88 43.74 -2.17 -11.13
C ARG H 88 44.44 -3.32 -11.82
N SER H 89 45.73 -3.16 -12.05
CA SER H 89 46.52 -4.26 -12.55
C SER H 89 46.92 -5.12 -11.35
N PRO H 90 46.66 -6.43 -11.43
CA PRO H 90 47.07 -7.30 -10.33
C PRO H 90 48.59 -7.50 -10.27
N GLU H 94 52.64 -10.44 -4.50
CA GLU H 94 52.83 -11.45 -3.46
C GLU H 94 52.93 -10.83 -2.06
N LYS H 95 52.31 -11.45 -1.07
CA LYS H 95 52.54 -11.01 0.31
C LYS H 95 52.45 -12.17 1.27
N GLU H 96 53.40 -12.21 2.19
CA GLU H 96 53.48 -13.25 3.24
C GLU H 96 52.87 -12.64 4.50
N ILE H 97 51.83 -13.27 5.00
CA ILE H 97 51.14 -12.79 6.19
C ILE H 97 51.92 -13.30 7.41
N VAL H 98 52.17 -12.40 8.36
CA VAL H 98 53.03 -12.71 9.50
C VAL H 98 52.26 -12.64 10.81
N ARG H 99 51.23 -11.80 10.86
CA ARG H 99 50.38 -11.67 12.03
C ARG H 99 48.98 -11.33 11.60
N THR H 100 48.02 -11.89 12.30
CA THR H 100 46.60 -11.72 11.95
C THR H 100 45.80 -11.67 13.22
N VAL H 101 45.11 -10.56 13.44
CA VAL H 101 44.28 -10.38 14.64
C VAL H 101 42.87 -10.00 14.22
N ILE H 102 41.92 -10.91 14.43
CA ILE H 102 40.53 -10.66 14.16
C ILE H 102 39.79 -10.59 15.49
N THR H 103 39.10 -9.48 15.73
CA THR H 103 38.40 -9.27 17.00
C THR H 103 36.97 -8.83 16.72
N THR H 104 36.01 -9.50 17.35
CA THR H 104 34.61 -9.16 17.20
C THR H 104 34.06 -8.59 18.48
N TYR H 105 33.13 -7.66 18.34
CA TYR H 105 32.55 -6.91 19.45
C TYR H 105 31.03 -7.03 19.34
N GLY H 106 30.41 -7.71 20.28
CA GLY H 106 28.98 -7.99 20.17
C GLY H 106 28.74 -8.90 18.98
N HIS H 107 27.60 -8.71 18.34
CA HIS H 107 27.21 -9.58 17.24
C HIS H 107 27.46 -8.96 15.87
N ASP H 108 27.72 -7.67 15.78
CA ASP H 108 27.63 -6.93 14.51
C ASP H 108 28.84 -6.13 14.08
N PHE H 109 29.92 -6.18 14.85
CA PHE H 109 31.09 -5.34 14.55
C PHE H 109 32.38 -6.11 14.75
N ALA H 110 33.37 -5.75 13.96
CA ALA H 110 34.67 -6.42 14.04
C ALA H 110 35.78 -5.56 13.46
N THR H 111 37.00 -5.88 13.88
CA THR H 111 38.21 -5.35 13.24
C THR H 111 39.06 -6.51 12.77
N ALA H 112 39.79 -6.30 11.68
CA ALA H 112 40.76 -7.27 11.19
C ALA H 112 42.05 -6.54 10.85
N ASN H 113 43.13 -6.97 11.48
CA ASN H 113 44.42 -6.34 11.35
C ASN H 113 45.47 -7.36 11.04
N ILE H 114 46.26 -7.12 9.99
CA ILE H 114 47.36 -8.01 9.66
C ILE H 114 48.66 -7.26 9.44
N GLU H 115 49.75 -7.97 9.62
CA GLU H 115 51.07 -7.53 9.20
C GLU H 115 51.51 -8.49 8.11
N PHE H 116 52.21 -7.96 7.12
CA PHE H 116 52.72 -8.78 6.06
C PHE H 116 54.06 -8.30 5.58
N ARG H 117 54.72 -9.14 4.79
CA ARG H 117 56.09 -8.93 4.30
C ARG H 117 56.09 -9.29 2.82
N ARG H 118 57.06 -8.73 2.10
CA ARG H 118 57.14 -8.98 0.66
C ARG H 118 58.52 -9.47 0.28
N GLN H 123 62.18 -6.05 3.21
CA GLN H 123 62.72 -4.74 3.43
C GLN H 123 61.60 -3.88 4.07
N LEU H 124 60.44 -3.82 3.43
CA LEU H 124 59.27 -3.15 4.02
C LEU H 124 58.35 -4.05 4.76
N THR H 125 57.84 -3.61 5.90
CA THR H 125 56.75 -4.32 6.60
C THR H 125 55.41 -3.68 6.27
N GLY H 126 54.45 -4.52 5.93
CA GLY H 126 53.11 -4.08 5.52
C GLY H 126 52.11 -4.18 6.66
N ARG H 127 51.17 -3.23 6.72
CA ARG H 127 50.07 -3.27 7.67
C ARG H 127 48.77 -3.09 6.89
N GLN H 128 47.75 -3.83 7.29
CA GLN H 128 46.43 -3.72 6.67
C GLN H 128 45.39 -3.80 7.77
N SER H 129 44.57 -2.75 7.90
CA SER H 129 43.54 -2.70 8.92
C SER H 129 42.20 -2.57 8.27
N GLN H 130 41.21 -3.26 8.82
CA GLN H 130 39.84 -3.18 8.36
C GLN H 130 38.90 -3.12 9.54
N THR H 131 37.78 -2.42 9.37
CA THR H 131 36.66 -2.47 10.30
C THR H 131 35.48 -3.08 9.56
N TRP H 132 34.84 -4.08 10.17
CA TRP H 132 33.75 -4.82 9.56
C TRP H 132 32.45 -4.59 10.32
N MET H 133 31.35 -4.55 9.60
CA MET H 133 30.01 -4.38 10.16
C MET H 133 29.08 -5.39 9.52
N ARG H 134 28.20 -5.97 10.33
CA ARG H 134 27.20 -6.89 9.81
C ARG H 134 26.03 -6.11 9.28
N THR H 135 25.79 -6.22 7.97
CA THR H 135 24.62 -5.60 7.35
C THR H 135 23.58 -6.68 7.08
N SER H 136 22.42 -6.25 6.61
CA SER H 136 21.35 -7.20 6.27
C SER H 136 21.76 -8.10 5.11
N GLN H 137 22.74 -7.71 4.32
CA GLN H 137 23.26 -8.57 3.25
C GLN H 137 24.55 -9.31 3.62
N GLY H 138 24.93 -9.24 4.89
CA GLY H 138 26.17 -9.87 5.35
C GLY H 138 27.24 -8.90 5.80
N TRP H 139 28.38 -9.46 6.16
CA TRP H 139 29.49 -8.68 6.67
C TRP H 139 30.11 -7.83 5.59
N ARG H 140 30.41 -6.58 5.93
CA ARG H 140 31.02 -5.65 5.00
C ARG H 140 32.13 -4.83 5.65
N VAL H 141 33.14 -4.49 4.87
CA VAL H 141 34.19 -3.59 5.30
C VAL H 141 33.70 -2.15 5.19
N VAL H 142 33.74 -1.41 6.29
CA VAL H 142 33.29 -0.03 6.31
C VAL H 142 34.44 0.96 6.19
N ALA H 143 35.66 0.51 6.50
CA ALA H 143 36.84 1.36 6.40
C ALA H 143 38.09 0.48 6.41
N ALA H 144 39.06 0.82 5.58
CA ALA H 144 40.30 0.09 5.46
C ALA H 144 41.47 1.02 5.27
N HIS H 145 42.66 0.54 5.65
CA HIS H 145 43.88 1.33 5.63
C HIS H 145 45.07 0.39 5.42
N VAL H 146 45.85 0.62 4.38
CA VAL H 146 47.03 -0.19 4.06
C VAL H 146 48.24 0.72 3.98
N SER H 147 49.35 0.27 4.55
CA SER H 147 50.58 1.06 4.51
C SER H 147 51.81 0.18 4.65
N LEU H 148 52.91 0.65 4.08
CA LEU H 148 54.20 -0.03 4.16
C LEU H 148 55.21 0.87 4.83
N ILE H 149 55.98 0.32 5.75
CA ILE H 149 57.00 1.06 6.46
C ILE H 149 58.27 0.23 6.58
N ALA H 150 59.36 0.88 6.96
CA ALA H 150 60.58 0.17 7.35
C ALA H 150 60.52 -0.15 8.84
N MET I 26 -52.44 -11.48 -15.76
CA MET I 26 -52.45 -10.70 -17.04
C MET I 26 -51.91 -11.56 -18.18
N GLN I 27 -50.80 -11.12 -18.76
CA GLN I 27 -49.93 -11.96 -19.60
C GLN I 27 -48.51 -11.95 -19.01
N ILE I 28 -48.37 -12.68 -17.92
CA ILE I 28 -47.16 -12.64 -17.12
C ILE I 28 -46.19 -13.70 -17.62
N ASN I 29 -44.98 -13.27 -17.96
CA ASN I 29 -43.90 -14.18 -18.36
C ASN I 29 -44.27 -15.06 -19.55
N LEU I 30 -44.81 -14.42 -20.60
CA LEU I 30 -44.95 -15.10 -21.87
C LEU I 30 -43.56 -15.61 -22.29
N PRO I 31 -43.47 -16.91 -22.62
CA PRO I 31 -42.15 -17.53 -22.79
C PRO I 31 -41.22 -16.82 -23.76
N GLU I 32 -41.72 -16.41 -24.90
CA GLU I 32 -40.90 -15.76 -25.93
C GLU I 32 -40.44 -14.40 -25.46
N VAL I 33 -41.32 -13.68 -24.78
CA VAL I 33 -40.99 -12.35 -24.26
C VAL I 33 -39.97 -12.47 -23.14
N HIS I 34 -40.21 -13.37 -22.20
CA HIS I 34 -39.28 -13.59 -21.09
C HIS I 34 -37.90 -13.98 -21.62
N ALA I 35 -37.85 -14.79 -22.67
CA ALA I 35 -36.59 -15.18 -23.24
C ALA I 35 -35.83 -13.98 -23.86
N GLU I 36 -36.55 -13.11 -24.56
CA GLU I 36 -35.91 -11.93 -25.14
C GLU I 36 -35.32 -11.02 -24.08
N VAL I 37 -36.09 -10.79 -23.03
CA VAL I 37 -35.64 -9.86 -21.99
C VAL I 37 -34.46 -10.46 -21.22
N THR I 38 -34.53 -11.76 -20.92
CA THR I 38 -33.44 -12.41 -20.23
C THR I 38 -32.15 -12.28 -21.04
N ALA I 39 -32.25 -12.43 -22.36
CA ALA I 39 -31.07 -12.33 -23.22
C ALA I 39 -30.45 -10.95 -23.12
N GLN I 40 -31.29 -9.92 -23.16
CA GLN I 40 -30.78 -8.54 -23.09
C GLN I 40 -30.19 -8.25 -21.74
N PHE I 41 -30.78 -8.83 -20.69
CA PHE I 41 -30.24 -8.65 -19.36
C PHE I 41 -28.86 -9.27 -19.25
N VAL I 42 -28.68 -10.47 -19.80
CA VAL I 42 -27.37 -11.09 -19.81
C VAL I 42 -26.38 -10.24 -20.61
N ARG I 43 -26.83 -9.72 -21.75
CA ARG I 43 -26.00 -8.79 -22.53
C ARG I 43 -25.53 -7.62 -21.66
N TYR I 44 -26.46 -7.05 -20.89
CA TYR I 44 -26.12 -5.91 -20.04
C TYR I 44 -25.06 -6.29 -19.01
N GLU I 45 -25.26 -7.42 -18.36
CA GLU I 45 -24.34 -7.87 -17.31
C GLU I 45 -22.95 -8.16 -17.88
N LYS I 46 -22.92 -8.74 -19.09
CA LYS I 46 -21.63 -8.98 -19.77
C LYS I 46 -20.92 -7.67 -20.10
N ALA I 47 -21.68 -6.66 -20.52
CA ALA I 47 -21.09 -5.37 -20.86
C ALA I 47 -20.55 -4.64 -19.62
N LEU I 48 -21.16 -4.86 -18.46
CA LEU I 48 -20.64 -4.30 -17.23
C LEU I 48 -19.28 -4.88 -16.90
N THR I 49 -19.14 -6.19 -17.02
CA THR I 49 -17.90 -6.87 -16.64
C THR I 49 -16.73 -6.49 -17.57
N SER I 50 -17.00 -6.27 -18.85
CA SER I 50 -15.98 -5.83 -19.79
C SER I 50 -15.91 -4.31 -19.95
N ASN I 51 -16.70 -3.59 -19.16
CA ASN I 51 -16.89 -2.14 -19.33
C ASN I 51 -17.09 -1.74 -20.80
N ASP I 52 -17.95 -2.48 -21.49
CA ASP I 52 -18.30 -2.17 -22.87
C ASP I 52 -19.35 -1.05 -22.86
N THR I 53 -18.87 0.19 -22.84
CA THR I 53 -19.70 1.38 -22.72
C THR I 53 -20.65 1.54 -23.93
N ALA I 54 -20.22 1.09 -25.12
CA ALA I 54 -21.07 1.15 -26.28
C ALA I 54 -22.35 0.36 -26.06
N VAL I 55 -22.22 -0.87 -25.56
CA VAL I 55 -23.39 -1.71 -25.29
C VAL I 55 -24.17 -1.16 -24.10
N LEU I 56 -23.48 -0.68 -23.07
CA LEU I 56 -24.16 -0.13 -21.89
C LEU I 56 -25.03 1.06 -22.29
N ASN I 57 -24.53 1.93 -23.13
CA ASN I 57 -25.32 3.06 -23.62
C ASN I 57 -26.43 2.63 -24.57
N GLU I 58 -26.13 1.66 -25.44
CA GLU I 58 -27.14 1.13 -26.35
C GLU I 58 -28.39 0.64 -25.60
N LEU I 59 -28.18 0.04 -24.44
CA LEU I 59 -29.27 -0.63 -23.72
C LEU I 59 -30.14 0.29 -22.86
N PHE I 60 -29.67 1.50 -22.60
CA PHE I 60 -30.46 2.48 -21.87
C PHE I 60 -31.29 3.29 -22.84
N TRP I 61 -32.55 3.52 -22.47
CA TRP I 61 -33.47 4.25 -23.30
C TRP I 61 -32.96 5.69 -23.51
N ASN I 62 -32.85 6.09 -24.77
CA ASN I 62 -32.34 7.42 -25.08
C ASN I 62 -33.47 8.43 -24.98
N SER I 63 -33.63 9.01 -23.79
CA SER I 63 -34.72 9.91 -23.48
C SER I 63 -34.34 10.75 -22.27
N PRO I 64 -34.84 11.98 -22.17
CA PRO I 64 -34.59 12.76 -20.95
C PRO I 64 -35.31 12.16 -19.73
N GLN I 65 -36.33 11.33 -19.94
CA GLN I 65 -37.05 10.75 -18.82
C GLN I 65 -36.27 9.62 -18.14
N THR I 66 -35.41 8.94 -18.89
CA THR I 66 -34.63 7.85 -18.36
C THR I 66 -33.82 8.31 -17.15
N LEU I 67 -33.72 7.47 -16.13
CA LEU I 67 -32.94 7.85 -14.95
C LEU I 67 -32.29 6.65 -14.30
N ARG I 68 -31.24 6.95 -13.54
CA ARG I 68 -30.50 5.92 -12.85
C ARG I 68 -30.12 6.41 -11.47
N TYR I 69 -30.68 5.75 -10.45
CA TYR I 69 -30.25 5.98 -9.09
C TYR I 69 -29.11 5.01 -8.80
N GLY I 70 -27.89 5.48 -9.00
CA GLY I 70 -26.70 4.68 -8.79
C GLY I 70 -26.38 4.45 -7.33
N ALA I 71 -25.35 3.65 -7.09
CA ALA I 71 -24.92 3.35 -5.73
C ALA I 71 -24.48 4.60 -4.98
N THR I 72 -23.95 5.59 -5.69
CA THR I 72 -23.45 6.81 -5.03
C THR I 72 -23.91 8.11 -5.68
N GLU I 73 -24.74 8.03 -6.72
CA GLU I 73 -25.13 9.23 -7.48
C GLU I 73 -26.53 9.07 -8.09
N ASN I 74 -27.24 10.18 -8.25
CA ASN I 74 -28.55 10.20 -8.91
C ASN I 74 -28.43 10.91 -10.24
N LEU I 75 -28.75 10.22 -11.33
CA LEU I 75 -28.63 10.78 -12.67
C LEU I 75 -29.97 10.84 -13.37
N TYR I 76 -30.30 12.02 -13.90
CA TYR I 76 -31.53 12.24 -14.66
C TYR I 76 -31.24 12.49 -16.13
N GLY I 77 -31.83 11.67 -16.98
CA GLY I 77 -31.71 11.81 -18.43
C GLY I 77 -30.62 10.92 -18.97
N TYR I 78 -30.84 10.42 -20.19
CA TYR I 78 -29.87 9.56 -20.87
C TYR I 78 -28.49 10.23 -20.99
N GLU I 79 -28.47 11.52 -21.35
CA GLU I 79 -27.19 12.22 -21.53
C GLU I 79 -26.35 12.21 -20.28
N ALA I 80 -26.99 12.41 -19.13
CA ALA I 80 -26.27 12.35 -17.86
C ALA I 80 -25.77 10.94 -17.57
N ILE I 81 -26.55 9.93 -17.94
CA ILE I 81 -26.14 8.54 -17.68
C ILE I 81 -24.98 8.13 -18.59
N ALA I 82 -25.09 8.46 -19.87
CA ALA I 82 -24.03 8.15 -20.85
C ALA I 82 -22.73 8.89 -20.49
N GLY I 83 -22.84 10.14 -20.06
CA GLY I 83 -21.67 10.93 -19.65
C GLY I 83 -20.98 10.32 -18.45
N PHE I 84 -21.79 9.88 -17.49
CA PHE I 84 -21.26 9.18 -16.33
C PHE I 84 -20.50 7.93 -16.70
N ARG I 85 -21.00 7.18 -17.68
CA ARG I 85 -20.36 5.94 -18.11
C ARG I 85 -19.01 6.21 -18.76
N ALA I 86 -18.89 7.33 -19.46
CA ALA I 86 -17.64 7.67 -20.13
C ALA I 86 -16.53 8.01 -19.12
N THR I 87 -16.89 8.57 -17.97
CA THR I 87 -15.91 9.02 -16.99
C THR I 87 -15.72 8.08 -15.81
N ARG I 88 -16.36 6.91 -15.80
CA ARG I 88 -16.16 5.95 -14.69
C ARG I 88 -14.86 5.15 -14.86
N SER I 89 -14.15 4.95 -13.76
CA SER I 89 -13.18 3.90 -13.67
C SER I 89 -13.90 2.53 -13.72
N PRO I 90 -13.43 1.62 -14.57
CA PRO I 90 -13.91 0.25 -14.50
C PRO I 90 -13.36 -0.48 -13.26
N GLU I 94 -15.08 -7.65 -10.32
CA GLU I 94 -16.34 -7.98 -10.96
C GLU I 94 -17.52 -7.92 -9.98
N LYS I 95 -18.57 -8.65 -10.33
CA LYS I 95 -19.72 -8.77 -9.47
C LYS I 95 -20.39 -10.13 -9.61
N GLU I 96 -20.74 -10.71 -8.50
CA GLU I 96 -21.34 -12.05 -8.48
C GLU I 96 -22.84 -11.91 -8.28
N ILE I 97 -23.61 -12.35 -9.26
CA ILE I 97 -25.07 -12.32 -9.15
C ILE I 97 -25.52 -13.52 -8.33
N VAL I 98 -26.40 -13.28 -7.38
CA VAL I 98 -26.81 -14.29 -6.40
C VAL I 98 -28.29 -14.62 -6.51
N ARG I 99 -29.09 -13.68 -6.98
CA ARG I 99 -30.52 -13.87 -7.17
C ARG I 99 -31.00 -13.05 -8.33
N THR I 100 -31.89 -13.60 -9.14
CA THR I 100 -32.35 -12.93 -10.35
C THR I 100 -33.83 -13.20 -10.52
N VAL I 101 -34.64 -12.15 -10.60
CA VAL I 101 -36.05 -12.28 -10.94
C VAL I 101 -36.35 -11.38 -12.15
N ILE I 102 -36.65 -12.01 -13.27
CA ILE I 102 -37.07 -11.32 -14.48
C ILE I 102 -38.56 -11.60 -14.70
N THR I 103 -39.36 -10.53 -14.81
CA THR I 103 -40.79 -10.67 -14.98
C THR I 103 -41.26 -9.81 -16.14
N THR I 104 -41.99 -10.39 -17.09
CA THR I 104 -42.50 -9.67 -18.24
C THR I 104 -44.00 -9.54 -18.14
N TYR I 105 -44.50 -8.42 -18.66
CA TYR I 105 -45.91 -8.08 -18.58
C TYR I 105 -46.37 -7.76 -20.00
N GLY I 106 -47.25 -8.58 -20.56
CA GLY I 106 -47.61 -8.44 -21.96
C GLY I 106 -46.39 -8.64 -22.84
N HIS I 107 -46.35 -7.92 -23.96
CA HIS I 107 -45.29 -8.13 -24.92
C HIS I 107 -44.16 -7.11 -24.86
N ASP I 108 -44.37 -6.00 -24.14
CA ASP I 108 -43.49 -4.83 -24.29
C ASP I 108 -42.88 -4.26 -23.02
N PHE I 109 -43.10 -4.91 -21.88
N PHE I 109 -43.10 -4.90 -21.88
CA PHE I 109 -42.65 -4.34 -20.61
CA PHE I 109 -42.66 -4.32 -20.61
C PHE I 109 -42.10 -5.41 -19.69
C PHE I 109 -42.11 -5.40 -19.69
N ALA I 110 -41.13 -5.03 -18.88
CA ALA I 110 -40.50 -5.99 -17.98
C ALA I 110 -39.82 -5.31 -16.82
N THR I 111 -39.60 -6.07 -15.76
CA THR I 111 -38.71 -5.67 -14.67
C THR I 111 -37.63 -6.72 -14.52
N ALA I 112 -36.47 -6.27 -14.08
CA ALA I 112 -35.36 -7.16 -13.73
C ALA I 112 -34.79 -6.74 -12.40
N ASN I 113 -34.80 -7.66 -11.46
CA ASN I 113 -34.35 -7.40 -10.10
C ASN I 113 -33.36 -8.45 -9.69
N ILE I 114 -32.17 -8.00 -9.29
CA ILE I 114 -31.12 -8.91 -8.88
C ILE I 114 -30.53 -8.54 -7.52
N GLU I 115 -29.95 -9.52 -6.87
CA GLU I 115 -29.08 -9.32 -5.73
C GLU I 115 -27.69 -9.73 -6.19
N PHE I 116 -26.68 -9.02 -5.72
CA PHE I 116 -25.32 -9.37 -6.08
C PHE I 116 -24.37 -9.14 -4.90
N ARG I 117 -23.15 -9.62 -5.06
CA ARG I 117 -22.04 -9.21 -4.22
C ARG I 117 -20.90 -8.64 -5.05
N ARG I 118 -20.25 -7.62 -4.57
CA ARG I 118 -19.22 -6.98 -5.36
C ARG I 118 -17.84 -7.34 -4.86
N LEU I 119 -16.95 -7.69 -5.77
CA LEU I 119 -15.66 -8.27 -5.43
C LEU I 119 -14.76 -7.05 -5.46
N SER I 120 -14.87 -6.24 -4.42
CA SER I 120 -14.02 -5.06 -4.23
C SER I 120 -14.23 -4.54 -2.82
N HIS I 121 -13.15 -4.38 -2.07
CA HIS I 121 -13.19 -4.04 -0.62
C HIS I 121 -14.13 -4.94 0.21
N SER I 122 -15.09 -4.32 0.90
CA SER I 122 -16.05 -5.02 1.72
C SER I 122 -16.99 -5.87 0.87
N GLN I 123 -17.37 -7.05 1.39
CA GLN I 123 -18.54 -7.78 0.93
C GLN I 123 -19.85 -7.16 1.51
N LEU I 124 -20.53 -6.43 0.66
CA LEU I 124 -21.83 -5.82 0.92
C LEU I 124 -22.85 -6.46 0.03
N THR I 125 -24.11 -6.55 0.43
CA THR I 125 -25.15 -7.09 -0.47
C THR I 125 -25.68 -6.00 -1.40
N GLY I 126 -25.60 -6.26 -2.69
CA GLY I 126 -26.03 -5.31 -3.72
C GLY I 126 -27.46 -5.64 -4.21
N ARG I 127 -28.22 -4.61 -4.53
CA ARG I 127 -29.53 -4.75 -5.16
C ARG I 127 -29.55 -3.88 -6.41
N GLN I 128 -30.09 -4.42 -7.48
CA GLN I 128 -30.22 -3.70 -8.74
C GLN I 128 -31.63 -3.96 -9.29
N SER I 129 -32.38 -2.87 -9.50
CA SER I 129 -33.69 -2.96 -10.12
C SER I 129 -33.66 -2.22 -11.44
N GLN I 130 -34.29 -2.82 -12.44
CA GLN I 130 -34.42 -2.21 -13.75
C GLN I 130 -35.86 -2.38 -14.24
N THR I 131 -36.34 -1.38 -14.97
CA THR I 131 -37.57 -1.51 -15.73
C THR I 131 -37.21 -1.45 -17.22
N TRP I 132 -37.71 -2.43 -17.98
CA TRP I 132 -37.39 -2.55 -19.40
C TRP I 132 -38.62 -2.32 -20.24
N MET I 133 -38.43 -1.69 -21.40
CA MET I 133 -39.50 -1.41 -22.35
C MET I 133 -39.02 -1.79 -23.74
N ARG I 134 -39.90 -2.39 -24.54
CA ARG I 134 -39.56 -2.71 -25.91
C ARG I 134 -39.78 -1.49 -26.79
N THR I 135 -38.71 -0.99 -27.37
CA THR I 135 -38.81 0.14 -28.31
C THR I 135 -38.64 -0.39 -29.73
N SER I 136 -38.79 0.50 -30.69
CA SER I 136 -38.59 0.17 -32.09
C SER I 136 -37.16 -0.27 -32.38
N GLN I 137 -36.21 0.13 -31.54
CA GLN I 137 -34.82 -0.30 -31.71
C GLN I 137 -34.43 -1.45 -30.77
N GLY I 138 -35.41 -2.04 -30.10
CA GLY I 138 -35.15 -3.14 -29.18
C GLY I 138 -35.45 -2.78 -27.72
N TRP I 139 -35.15 -3.71 -26.84
CA TRP I 139 -35.41 -3.55 -25.43
C TRP I 139 -34.47 -2.51 -24.83
N ARG I 140 -35.03 -1.64 -23.98
CA ARG I 140 -34.25 -0.60 -23.33
C ARG I 140 -34.61 -0.46 -21.86
N VAL I 141 -33.61 -0.10 -21.06
CA VAL I 141 -33.83 0.22 -19.67
C VAL I 141 -34.36 1.66 -19.57
N VAL I 142 -35.53 1.83 -18.95
CA VAL I 142 -36.12 3.15 -18.79
C VAL I 142 -35.85 3.76 -17.41
N ALA I 143 -35.50 2.91 -16.45
CA ALA I 143 -35.19 3.37 -15.10
C ALA I 143 -34.43 2.28 -14.37
N ALA I 144 -33.42 2.66 -13.61
CA ALA I 144 -32.64 1.71 -12.83
C ALA I 144 -32.27 2.31 -11.48
N HIS I 145 -32.07 1.42 -10.51
CA HIS I 145 -31.78 1.80 -9.14
C HIS I 145 -30.86 0.72 -8.55
N VAL I 146 -29.68 1.16 -8.09
CA VAL I 146 -28.69 0.26 -7.49
C VAL I 146 -28.35 0.75 -6.11
N SER I 147 -28.27 -0.17 -5.16
CA SER I 147 -27.90 0.16 -3.79
C SER I 147 -27.21 -0.99 -3.08
N LEU I 148 -26.36 -0.65 -2.12
CA LEU I 148 -25.62 -1.61 -1.33
C LEU I 148 -25.98 -1.47 0.13
N ILE I 149 -26.16 -2.60 0.79
CA ILE I 149 -26.43 -2.68 2.22
C ILE I 149 -25.66 -3.84 2.81
N ALA I 150 -25.60 -3.95 4.12
CA ALA I 150 -24.86 -5.00 4.79
C ALA I 150 -25.66 -6.30 4.85
N LEU I 151 -24.96 -7.39 4.58
CA LEU I 151 -25.48 -8.73 4.80
C LEU I 151 -26.00 -9.02 6.22
N LEU J 24 -45.36 1.40 -27.62
CA LEU J 24 -45.36 2.02 -26.26
C LEU J 24 -44.53 3.30 -26.24
N GLU J 25 -43.34 3.28 -26.84
CA GLU J 25 -42.50 4.47 -26.86
C GLU J 25 -43.14 5.62 -27.62
N MET J 26 -44.21 5.33 -28.37
CA MET J 26 -44.96 6.39 -29.02
C MET J 26 -45.98 7.01 -28.10
N GLN J 27 -46.20 6.41 -26.92
CA GLN J 27 -47.24 6.89 -26.00
C GLN J 27 -46.66 7.10 -24.61
N ILE J 28 -45.76 8.05 -24.52
CA ILE J 28 -45.14 8.43 -23.27
C ILE J 28 -45.98 9.53 -22.62
N ASN J 29 -46.39 9.28 -21.38
CA ASN J 29 -47.10 10.29 -20.59
C ASN J 29 -48.38 10.78 -21.26
N LEU J 30 -49.19 9.84 -21.73
CA LEU J 30 -50.52 10.16 -22.20
C LEU J 30 -51.25 10.82 -21.02
N PRO J 31 -51.83 12.02 -21.25
CA PRO J 31 -52.35 12.82 -20.15
C PRO J 31 -53.28 12.10 -19.18
N GLU J 32 -54.23 11.34 -19.70
CA GLU J 32 -55.21 10.68 -18.85
C GLU J 32 -54.55 9.57 -18.02
N VAL J 33 -53.61 8.85 -18.64
CA VAL J 33 -52.91 7.77 -17.96
C VAL J 33 -51.98 8.37 -16.89
N HIS J 34 -51.21 9.40 -17.26
CA HIS J 34 -50.32 10.04 -16.32
C HIS J 34 -51.08 10.60 -15.12
N ALA J 35 -52.27 11.13 -15.37
CA ALA J 35 -53.09 11.64 -14.27
C ALA J 35 -53.52 10.52 -13.31
N GLU J 36 -53.93 9.38 -13.85
CA GLU J 36 -54.34 8.27 -12.99
C GLU J 36 -53.18 7.78 -12.11
N VAL J 37 -52.01 7.62 -12.74
CA VAL J 37 -50.88 7.07 -12.02
C VAL J 37 -50.36 8.06 -10.98
N THR J 38 -50.34 9.34 -11.33
CA THR J 38 -49.87 10.34 -10.37
C THR J 38 -50.78 10.32 -9.15
N ALA J 39 -52.10 10.17 -9.37
CA ALA J 39 -53.02 10.11 -8.25
C ALA J 39 -52.71 8.96 -7.33
N GLN J 40 -52.45 7.78 -7.92
CA GLN J 40 -52.18 6.59 -7.11
C GLN J 40 -50.87 6.74 -6.37
N PHE J 41 -49.90 7.38 -6.99
CA PHE J 41 -48.63 7.60 -6.33
C PHE J 41 -48.81 8.52 -5.11
N VAL J 42 -49.58 9.58 -5.30
CA VAL J 42 -49.89 10.47 -4.16
C VAL J 42 -50.64 9.71 -3.07
N ARG J 43 -51.59 8.87 -3.46
CA ARG J 43 -52.28 8.01 -2.51
C ARG J 43 -51.29 7.18 -1.71
N TYR J 44 -50.30 6.60 -2.39
CA TYR J 44 -49.32 5.77 -1.72
C TYR J 44 -48.54 6.58 -0.70
N GLU J 45 -48.08 7.77 -1.10
CA GLU J 45 -47.29 8.62 -0.23
C GLU J 45 -48.10 9.07 0.99
N LYS J 46 -49.36 9.38 0.78
CA LYS J 46 -50.26 9.74 1.90
C LYS J 46 -50.45 8.56 2.87
N ALA J 47 -50.57 7.36 2.34
CA ALA J 47 -50.73 6.17 3.18
C ALA J 47 -49.48 5.84 3.98
N LEU J 48 -48.32 6.18 3.45
CA LEU J 48 -47.07 6.01 4.21
C LEU J 48 -47.06 6.93 5.42
N THR J 49 -47.46 8.19 5.23
CA THR J 49 -47.39 9.16 6.31
C THR J 49 -48.39 8.87 7.43
N SER J 50 -49.55 8.32 7.08
CA SER J 50 -50.55 7.92 8.09
C SER J 50 -50.42 6.44 8.49
N ASN J 51 -49.40 5.76 7.99
CA ASN J 51 -49.26 4.31 8.12
C ASN J 51 -50.59 3.57 7.89
N ASP J 52 -51.27 3.92 6.82
CA ASP J 52 -52.48 3.24 6.41
C ASP J 52 -52.11 1.94 5.68
N THR J 53 -51.94 0.87 6.46
CA THR J 53 -51.47 -0.40 5.92
C THR J 53 -52.47 -1.05 4.95
N ALA J 54 -53.77 -0.79 5.17
CA ALA J 54 -54.79 -1.29 4.26
C ALA J 54 -54.55 -0.75 2.84
N VAL J 55 -54.32 0.54 2.71
CA VAL J 55 -54.06 1.15 1.41
C VAL J 55 -52.68 0.71 0.89
N LEU J 56 -51.69 0.62 1.76
CA LEU J 56 -50.35 0.22 1.34
C LEU J 56 -50.39 -1.20 0.74
N ASN J 57 -51.12 -2.10 1.37
CA ASN J 57 -51.28 -3.45 0.83
C ASN J 57 -52.15 -3.49 -0.42
N GLU J 58 -53.21 -2.69 -0.44
CA GLU J 58 -54.07 -2.60 -1.61
C GLU J 58 -53.27 -2.23 -2.87
N LEU J 59 -52.28 -1.37 -2.72
CA LEU J 59 -51.56 -0.82 -3.88
C LEU J 59 -50.43 -1.71 -4.41
N PHE J 60 -50.02 -2.71 -3.65
CA PHE J 60 -49.01 -3.65 -4.12
C PHE J 60 -49.70 -4.81 -4.83
N TRP J 61 -49.13 -5.21 -5.96
CA TRP J 61 -49.67 -6.30 -6.76
C TRP J 61 -49.64 -7.60 -5.94
N ASN J 62 -50.80 -8.25 -5.83
CA ASN J 62 -50.89 -9.51 -5.11
C ASN J 62 -50.42 -10.66 -5.99
N SER J 63 -49.13 -10.97 -5.90
CA SER J 63 -48.49 -11.99 -6.72
C SER J 63 -47.21 -12.44 -6.02
N PRO J 64 -46.80 -13.71 -6.22
CA PRO J 64 -45.50 -14.11 -5.68
C PRO J 64 -44.33 -13.41 -6.40
N GLN J 65 -44.55 -12.88 -7.60
CA GLN J 65 -43.49 -12.21 -8.33
C GLN J 65 -43.16 -10.83 -7.76
N THR J 66 -44.15 -10.17 -7.16
CA THR J 66 -43.96 -8.84 -6.60
C THR J 66 -42.82 -8.85 -5.59
N LEU J 67 -42.00 -7.80 -5.61
CA LEU J 67 -40.90 -7.74 -4.67
C LEU J 67 -40.59 -6.32 -4.26
N ARG J 68 -39.95 -6.21 -3.10
CA ARG J 68 -39.57 -4.93 -2.55
C ARG J 68 -38.18 -5.02 -1.96
N TYR J 69 -37.24 -4.30 -2.58
CA TYR J 69 -35.93 -4.11 -1.98
C TYR J 69 -36.02 -2.89 -1.07
N GLY J 70 -36.27 -3.14 0.21
CA GLY J 70 -36.35 -2.08 1.22
C GLY J 70 -35.01 -1.50 1.58
N ALA J 71 -35.05 -0.46 2.43
CA ALA J 71 -33.82 0.20 2.87
C ALA J 71 -32.85 -0.75 3.55
N THR J 72 -33.37 -1.74 4.27
CA THR J 72 -32.53 -2.67 5.03
C THR J 72 -32.88 -4.14 4.84
N GLU J 73 -33.85 -4.46 3.98
CA GLU J 73 -34.35 -5.83 3.83
C GLU J 73 -34.86 -6.10 2.42
N ASN J 74 -34.75 -7.34 1.97
CA ASN J 74 -35.20 -7.78 0.66
C ASN J 74 -36.39 -8.70 0.85
N LEU J 75 -37.53 -8.34 0.28
CA LEU J 75 -38.75 -9.12 0.42
C LEU J 75 -39.25 -9.62 -0.94
N TYR J 76 -39.47 -10.93 -1.02
CA TYR J 76 -39.95 -11.58 -2.24
C TYR J 76 -41.38 -12.10 -2.05
N GLY J 77 -42.28 -11.62 -2.90
CA GLY J 77 -43.67 -12.02 -2.87
C GLY J 77 -44.53 -11.06 -2.07
N TYR J 78 -45.77 -10.91 -2.51
CA TYR J 78 -46.75 -10.07 -1.83
C TYR J 78 -46.92 -10.44 -0.35
N GLU J 79 -47.02 -11.72 -0.05
CA GLU J 79 -47.24 -12.17 1.32
C GLU J 79 -46.13 -11.65 2.26
N ALA J 80 -44.89 -11.72 1.80
CA ALA J 80 -43.78 -11.23 2.59
C ALA J 80 -43.85 -9.70 2.74
N ILE J 81 -44.30 -8.99 1.71
CA ILE J 81 -44.40 -7.55 1.79
C ILE J 81 -45.54 -7.12 2.73
N ALA J 82 -46.69 -7.74 2.59
CA ALA J 82 -47.84 -7.46 3.46
C ALA J 82 -47.52 -7.77 4.93
N GLY J 83 -46.83 -8.88 5.17
CA GLY J 83 -46.41 -9.26 6.52
C GLY J 83 -45.47 -8.24 7.14
N PHE J 84 -44.53 -7.77 6.33
CA PHE J 84 -43.63 -6.71 6.74
C PHE J 84 -44.38 -5.43 7.14
N ARG J 85 -45.41 -5.08 6.39
CA ARG J 85 -46.18 -3.88 6.68
C ARG J 85 -46.93 -4.00 7.99
N ALA J 86 -47.37 -5.21 8.34
CA ALA J 86 -48.10 -5.41 9.59
C ALA J 86 -47.21 -5.23 10.81
N THR J 87 -45.92 -5.55 10.68
CA THR J 87 -45.00 -5.49 11.81
C THR J 87 -44.10 -4.26 11.85
N ARG J 88 -44.27 -3.32 10.94
CA ARG J 88 -43.37 -2.16 10.86
C ARG J 88 -43.71 -1.06 11.86
N SER J 89 -42.66 -0.49 12.43
CA SER J 89 -42.86 0.62 13.34
C SER J 89 -42.74 1.92 12.53
N PRO J 90 -43.76 2.77 12.60
CA PRO J 90 -43.70 4.04 11.85
C PRO J 90 -42.66 5.02 12.43
N ASN J 91 -41.84 5.65 11.57
CA ASN J 91 -40.89 6.62 12.10
C ASN J 91 -41.53 7.95 12.51
N ASN J 92 -42.52 8.41 11.75
CA ASN J 92 -43.21 9.70 11.95
C ASN J 92 -42.31 10.93 11.86
N LEU J 93 -41.22 10.81 11.11
CA LEU J 93 -40.35 11.93 10.80
C LEU J 93 -40.97 12.65 9.59
N GLU J 94 -40.38 13.78 9.18
CA GLU J 94 -40.78 14.32 7.88
C GLU J 94 -39.76 13.78 6.90
N LYS J 95 -40.24 12.99 5.97
CA LYS J 95 -39.47 12.62 4.76
C LYS J 95 -39.86 13.73 3.80
N GLU J 96 -38.89 14.59 3.45
CA GLU J 96 -39.13 15.69 2.55
C GLU J 96 -38.76 15.27 1.11
N ILE J 97 -39.74 15.34 0.22
CA ILE J 97 -39.57 14.91 -1.14
C ILE J 97 -38.89 16.05 -1.91
N VAL J 98 -37.89 15.70 -2.69
CA VAL J 98 -37.03 16.69 -3.36
C VAL J 98 -37.14 16.60 -4.87
N ARG J 99 -37.45 15.40 -5.38
CA ARG J 99 -37.69 15.23 -6.80
C ARG J 99 -38.65 14.10 -7.00
N THR J 100 -39.52 14.25 -8.01
CA THR J 100 -40.55 13.27 -8.30
C THR J 100 -40.71 13.16 -9.80
N VAL J 101 -40.50 11.97 -10.34
CA VAL J 101 -40.64 11.74 -11.78
C VAL J 101 -41.59 10.56 -11.98
N ILE J 102 -42.73 10.85 -12.58
CA ILE J 102 -43.73 9.82 -12.92
C ILE J 102 -43.77 9.73 -14.44
N THR J 103 -43.56 8.53 -14.99
CA THR J 103 -43.56 8.34 -16.43
C THR J 103 -44.45 7.15 -16.80
N THR J 104 -45.37 7.34 -17.74
CA THR J 104 -46.26 6.29 -18.17
C THR J 104 -45.95 5.90 -19.59
N TYR J 105 -46.16 4.62 -19.88
CA TYR J 105 -45.80 4.01 -21.17
C TYR J 105 -47.04 3.28 -21.68
N GLY J 106 -47.62 3.78 -22.77
CA GLY J 106 -48.90 3.23 -23.20
C GLY J 106 -49.97 3.48 -22.16
N HIS J 107 -50.91 2.57 -22.06
CA HIS J 107 -52.06 2.73 -21.20
C HIS J 107 -51.94 2.00 -19.86
N ASP J 108 -50.99 1.06 -19.74
CA ASP J 108 -51.03 0.10 -18.65
C ASP J 108 -49.77 -0.03 -17.79
N PHE J 109 -48.75 0.78 -18.05
N PHE J 109 -48.75 0.79 -18.05
CA PHE J 109 -47.48 0.64 -17.35
CA PHE J 109 -47.48 0.64 -17.35
C PHE J 109 -46.89 1.98 -16.97
C PHE J 109 -46.88 1.98 -16.97
N ALA J 110 -46.16 2.00 -15.88
CA ALA J 110 -45.58 3.25 -15.39
C ALA J 110 -44.41 3.00 -14.45
N THR J 111 -43.57 4.01 -14.30
CA THR J 111 -42.58 4.05 -13.25
C THR J 111 -42.77 5.30 -12.42
N ALA J 112 -42.36 5.22 -11.15
CA ALA J 112 -42.39 6.35 -10.25
C ALA J 112 -41.08 6.36 -9.48
N ASN J 113 -40.35 7.49 -9.56
CA ASN J 113 -39.07 7.64 -8.95
C ASN J 113 -39.03 8.94 -8.16
N ILE J 114 -38.60 8.86 -6.90
CA ILE J 114 -38.43 10.04 -6.07
C ILE J 114 -37.07 10.08 -5.39
N GLU J 115 -36.65 11.28 -5.03
CA GLU J 115 -35.57 11.49 -4.09
C GLU J 115 -36.16 12.15 -2.87
N PHE J 116 -35.63 11.84 -1.68
CA PHE J 116 -36.10 12.48 -0.48
C PHE J 116 -34.98 12.66 0.52
N ARG J 117 -35.25 13.45 1.54
CA ARG J 117 -34.28 13.82 2.58
C ARG J 117 -34.97 13.72 3.92
N ARG J 118 -34.20 13.51 4.97
CA ARG J 118 -34.74 13.63 6.33
C ARG J 118 -33.81 14.48 7.16
N LEU J 119 -34.36 15.41 7.94
CA LEU J 119 -33.51 16.20 8.85
C LEU J 119 -32.85 15.42 9.98
N SER J 120 -33.44 14.28 10.36
CA SER J 120 -32.87 13.44 11.42
C SER J 120 -31.67 12.60 10.94
N HIS J 121 -31.48 12.45 9.63
CA HIS J 121 -30.28 11.80 9.11
C HIS J 121 -29.68 12.59 7.99
N SER J 122 -29.20 13.78 8.30
CA SER J 122 -28.71 14.76 7.31
C SER J 122 -27.60 14.20 6.44
N GLN J 123 -26.90 13.18 6.93
CA GLN J 123 -25.87 12.53 6.12
C GLN J 123 -26.40 11.50 5.08
N LEU J 124 -27.71 11.22 5.06
CA LEU J 124 -28.27 10.27 4.09
C LEU J 124 -29.34 10.89 3.19
N THR J 125 -29.28 10.68 1.90
CA THR J 125 -30.30 11.02 0.95
C THR J 125 -31.02 9.77 0.48
N GLY J 126 -32.36 9.87 0.32
CA GLY J 126 -33.16 8.72 0.00
C GLY J 126 -33.56 8.64 -1.46
N ARG J 127 -33.69 7.41 -1.96
CA ARG J 127 -34.23 7.14 -3.30
C ARG J 127 -35.32 6.10 -3.17
N GLN J 128 -36.40 6.25 -3.94
CA GLN J 128 -37.46 5.26 -4.02
C GLN J 128 -37.88 5.09 -5.47
N SER J 129 -37.80 3.85 -5.98
CA SER J 129 -38.23 3.56 -7.33
C SER J 129 -39.36 2.55 -7.29
N GLN J 130 -40.35 2.73 -8.14
CA GLN J 130 -41.50 1.83 -8.25
C GLN J 130 -41.83 1.60 -9.72
N THR J 131 -42.28 0.39 -10.04
CA THR J 131 -42.86 0.08 -11.33
C THR J 131 -44.34 -0.27 -11.12
N TRP J 132 -45.21 0.38 -11.91
CA TRP J 132 -46.66 0.23 -11.73
C TRP J 132 -47.27 -0.41 -12.96
N MET J 133 -48.30 -1.22 -12.74
CA MET J 133 -49.03 -1.92 -13.80
C MET J 133 -50.52 -1.78 -13.55
N ARG J 134 -51.29 -1.56 -14.61
CA ARG J 134 -52.74 -1.48 -14.49
C ARG J 134 -53.33 -2.89 -14.48
N THR J 135 -53.94 -3.28 -13.37
CA THR J 135 -54.66 -4.54 -13.30
C THR J 135 -56.15 -4.30 -13.38
N SER J 136 -56.92 -5.38 -13.40
CA SER J 136 -58.39 -5.28 -13.44
C SER J 136 -58.93 -4.65 -12.17
N GLN J 137 -58.16 -4.66 -11.08
CA GLN J 137 -58.58 -3.99 -9.85
C GLN J 137 -57.93 -2.61 -9.65
N GLY J 138 -57.25 -2.12 -10.68
CA GLY J 138 -56.58 -0.84 -10.60
C GLY J 138 -55.06 -0.94 -10.68
N TRP J 139 -54.41 0.21 -10.53
CA TRP J 139 -52.97 0.29 -10.61
C TRP J 139 -52.33 -0.37 -9.41
N ARG J 140 -51.27 -1.14 -9.67
CA ARG J 140 -50.54 -1.82 -8.62
C ARG J 140 -49.03 -1.71 -8.81
N VAL J 141 -48.31 -1.68 -7.70
CA VAL J 141 -46.87 -1.71 -7.71
C VAL J 141 -46.42 -3.18 -7.88
N VAL J 142 -45.61 -3.43 -8.91
CA VAL J 142 -45.10 -4.76 -9.17
C VAL J 142 -43.69 -4.97 -8.63
N ALA J 143 -42.98 -3.88 -8.40
CA ALA J 143 -41.62 -3.93 -7.87
C ALA J 143 -41.24 -2.58 -7.31
N ALA J 144 -40.58 -2.57 -6.16
CA ALA J 144 -40.11 -1.33 -5.54
C ALA J 144 -38.73 -1.53 -4.94
N HIS J 145 -37.99 -0.42 -4.86
CA HIS J 145 -36.62 -0.43 -4.38
C HIS J 145 -36.37 0.92 -3.67
N VAL J 146 -35.99 0.82 -2.41
CA VAL J 146 -35.73 2.01 -1.57
C VAL J 146 -34.30 1.88 -1.04
N SER J 147 -33.58 3.00 -1.08
CA SER J 147 -32.22 3.02 -0.56
C SER J 147 -31.83 4.39 -0.04
N LEU J 148 -30.95 4.36 0.97
CA LEU J 148 -30.38 5.58 1.53
C LEU J 148 -28.89 5.55 1.31
N ILE J 149 -28.36 6.67 0.83
CA ILE J 149 -26.95 6.77 0.55
C ILE J 149 -26.42 8.11 1.07
N ALA J 150 -25.09 8.15 1.20
CA ALA J 150 -24.39 9.33 1.61
C ALA J 150 -24.26 10.34 0.48
N LEU J 151 -24.52 11.60 0.79
CA LEU J 151 -24.76 12.58 -0.29
C LEU J 151 -23.42 13.11 -0.73
N PRO J 152 -23.20 13.11 -2.07
CA PRO J 152 -21.94 13.56 -2.67
C PRO J 152 -21.91 15.08 -2.81
N MET K 26 6.90 -28.02 27.76
CA MET K 26 5.51 -28.54 27.73
C MET K 26 5.42 -29.97 27.11
N GLN K 27 5.08 -30.91 27.94
CA GLN K 27 5.23 -32.33 27.64
C GLN K 27 4.19 -32.87 26.65
N ILE K 28 4.67 -33.30 25.49
CA ILE K 28 3.81 -33.70 24.41
C ILE K 28 3.49 -35.18 24.51
N ASN K 29 2.20 -35.50 24.53
CA ASN K 29 1.73 -36.88 24.48
C ASN K 29 2.28 -37.75 25.60
N LEU K 30 2.16 -37.25 26.82
CA LEU K 30 2.42 -38.09 28.00
C LEU K 30 1.46 -39.29 27.89
N PRO K 31 2.01 -40.52 28.02
CA PRO K 31 1.19 -41.70 27.74
C PRO K 31 -0.14 -41.78 28.50
N GLU K 32 -0.14 -41.46 29.77
CA GLU K 32 -1.36 -41.56 30.57
C GLU K 32 -2.37 -40.50 30.16
N VAL K 33 -1.90 -39.31 29.83
CA VAL K 33 -2.76 -38.22 29.39
C VAL K 33 -3.34 -38.55 28.01
N HIS K 34 -2.47 -38.97 27.10
CA HIS K 34 -2.91 -39.34 25.75
C HIS K 34 -3.96 -40.49 25.81
N ALA K 35 -3.76 -41.42 26.73
CA ALA K 35 -4.72 -42.50 26.91
C ALA K 35 -6.08 -42.00 27.39
N GLU K 36 -6.09 -41.08 28.33
CA GLU K 36 -7.36 -40.51 28.83
C GLU K 36 -8.12 -39.81 27.73
N VAL K 37 -7.41 -39.00 26.95
CA VAL K 37 -8.07 -38.19 25.92
C VAL K 37 -8.58 -39.11 24.80
N THR K 38 -7.78 -40.11 24.43
CA THR K 38 -8.21 -41.05 23.40
C THR K 38 -9.49 -41.77 23.86
N ALA K 39 -9.57 -42.12 25.12
CA ALA K 39 -10.78 -42.76 25.68
C ALA K 39 -11.98 -41.88 25.53
N GLN K 40 -11.84 -40.60 25.86
CA GLN K 40 -12.95 -39.66 25.76
C GLN K 40 -13.35 -39.43 24.33
N PHE K 41 -12.38 -39.45 23.43
CA PHE K 41 -12.68 -39.32 22.00
C PHE K 41 -13.51 -40.52 21.54
N VAL K 42 -13.12 -41.73 21.95
CA VAL K 42 -13.90 -42.90 21.59
C VAL K 42 -15.30 -42.80 22.18
N ARG K 43 -15.42 -42.34 23.43
CA ARG K 43 -16.71 -42.11 24.05
C ARG K 43 -17.56 -41.18 23.17
N TYR K 44 -16.96 -40.11 22.69
CA TYR K 44 -17.68 -39.15 21.86
C TYR K 44 -18.18 -39.81 20.59
N GLU K 45 -17.32 -40.53 19.91
CA GLU K 45 -17.66 -41.19 18.66
C GLU K 45 -18.77 -42.23 18.86
N LYS K 46 -18.71 -42.97 19.96
CA LYS K 46 -19.77 -43.93 20.29
C LYS K 46 -21.11 -43.23 20.52
N ALA K 47 -21.09 -42.08 21.19
CA ALA K 47 -22.31 -41.34 21.47
C ALA K 47 -22.93 -40.76 20.19
N LEU K 48 -22.10 -40.41 19.22
CA LEU K 48 -22.61 -39.95 17.93
C LEU K 48 -23.37 -41.05 17.22
N THR K 49 -22.81 -42.26 17.20
CA THR K 49 -23.44 -43.36 16.47
C THR K 49 -24.76 -43.80 17.09
N SER K 50 -24.87 -43.74 18.41
CA SER K 50 -26.13 -44.07 19.08
C SER K 50 -27.01 -42.84 19.33
N ASN K 51 -26.60 -41.68 18.83
CA ASN K 51 -27.24 -40.40 19.16
C ASN K 51 -27.55 -40.27 20.66
N ASP K 52 -26.57 -40.61 21.49
CA ASP K 52 -26.68 -40.46 22.93
C ASP K 52 -26.42 -39.00 23.29
N THR K 53 -27.48 -38.19 23.25
CA THR K 53 -27.39 -36.75 23.49
C THR K 53 -26.92 -36.41 24.89
N ALA K 54 -27.25 -37.25 25.87
CA ALA K 54 -26.78 -37.03 27.24
C ALA K 54 -25.26 -37.01 27.29
N VAL K 55 -24.62 -38.00 26.66
CA VAL K 55 -23.17 -38.06 26.63
C VAL K 55 -22.60 -36.95 25.74
N LEU K 56 -23.24 -36.68 24.62
CA LEU K 56 -22.77 -35.63 23.71
C LEU K 56 -22.76 -34.28 24.42
N ASN K 57 -23.80 -33.97 25.18
CA ASN K 57 -23.84 -32.74 25.95
C ASN K 57 -22.87 -32.75 27.13
N GLU K 58 -22.74 -33.90 27.80
CA GLU K 58 -21.79 -34.04 28.90
C GLU K 58 -20.38 -33.67 28.46
N LEU K 59 -20.01 -34.02 27.23
CA LEU K 59 -18.62 -33.89 26.79
C LEU K 59 -18.25 -32.49 26.28
N PHE K 60 -19.23 -31.66 26.00
CA PHE K 60 -18.97 -30.28 25.61
C PHE K 60 -18.89 -29.38 26.83
N TRP K 61 -17.91 -28.50 26.83
CA TRP K 61 -17.69 -27.60 27.95
C TRP K 61 -18.92 -26.69 28.13
N ASN K 62 -19.46 -26.67 29.34
CA ASN K 62 -20.63 -25.81 29.64
C ASN K 62 -20.18 -24.38 29.89
N SER K 63 -20.15 -23.58 28.83
CA SER K 63 -19.69 -22.21 28.88
C SER K 63 -20.26 -21.46 27.67
N PRO K 64 -20.49 -20.14 27.79
CA PRO K 64 -20.88 -19.39 26.59
C PRO K 64 -19.76 -19.30 25.56
N GLN K 65 -18.51 -19.53 25.96
CA GLN K 65 -17.38 -19.42 25.04
C GLN K 65 -17.31 -20.63 24.10
N THR K 66 -17.78 -21.78 24.57
CA THR K 66 -17.76 -22.99 23.76
C THR K 66 -18.44 -22.77 22.42
N LEU K 67 -17.89 -23.32 21.35
CA LEU K 67 -18.51 -23.16 20.04
C LEU K 67 -18.27 -24.35 19.17
N ARG K 68 -19.12 -24.50 18.17
CA ARG K 68 -19.04 -25.59 17.22
C ARG K 68 -19.36 -25.07 15.83
N TYR K 69 -18.36 -25.12 14.95
CA TYR K 69 -18.59 -24.88 13.54
C TYR K 69 -18.96 -26.23 12.90
N GLY K 70 -20.26 -26.48 12.81
CA GLY K 70 -20.78 -27.72 12.28
C GLY K 70 -20.66 -27.80 10.76
N ALA K 71 -21.02 -28.96 10.22
CA ALA K 71 -20.99 -29.16 8.77
C ALA K 71 -21.89 -28.17 8.04
N THR K 72 -22.99 -27.76 8.67
CA THR K 72 -24.00 -26.93 8.03
C THR K 72 -24.44 -25.71 8.86
N GLU K 73 -23.85 -25.50 10.03
CA GLU K 73 -24.23 -24.35 10.87
C GLU K 73 -23.09 -23.92 11.79
N ASN K 74 -23.15 -22.68 12.26
CA ASN K 74 -22.23 -22.16 13.25
C ASN K 74 -22.99 -21.93 14.56
N LEU K 75 -22.55 -22.59 15.64
CA LEU K 75 -23.22 -22.47 16.93
C LEU K 75 -22.28 -21.88 17.97
N TYR K 76 -22.74 -20.82 18.64
CA TYR K 76 -21.97 -20.15 19.69
C TYR K 76 -22.62 -20.35 21.06
N GLY K 77 -21.85 -20.90 21.98
CA GLY K 77 -22.30 -21.15 23.35
C GLY K 77 -22.80 -22.56 23.54
N TYR K 78 -22.59 -23.09 24.73
CA TYR K 78 -23.05 -24.43 25.09
C TYR K 78 -24.57 -24.57 24.91
N GLU K 79 -25.35 -23.59 25.33
CA GLU K 79 -26.80 -23.67 25.23
C GLU K 79 -27.25 -23.87 23.78
N ALA K 80 -26.61 -23.17 22.84
CA ALA K 80 -26.94 -23.34 21.44
C ALA K 80 -26.54 -24.72 20.95
N ILE K 81 -25.42 -25.25 21.44
CA ILE K 81 -24.96 -26.57 21.00
C ILE K 81 -25.88 -27.67 21.58
N ALA K 82 -26.19 -27.59 22.85
CA ALA K 82 -27.10 -28.54 23.50
C ALA K 82 -28.48 -28.54 22.86
N GLY K 83 -28.99 -27.34 22.55
CA GLY K 83 -30.29 -27.21 21.90
C GLY K 83 -30.30 -27.85 20.52
N PHE K 84 -29.22 -27.64 19.78
CA PHE K 84 -29.05 -28.28 18.49
C PHE K 84 -29.08 -29.80 18.58
N ARG K 85 -28.44 -30.35 19.61
CA ARG K 85 -28.39 -31.80 19.79
C ARG K 85 -29.76 -32.38 20.10
N ALA K 86 -30.60 -31.61 20.79
CA ALA K 86 -31.95 -32.08 21.11
C ALA K 86 -32.84 -32.17 19.87
N THR K 87 -32.60 -31.33 18.88
CA THR K 87 -33.42 -31.24 17.67
C THR K 87 -32.83 -31.96 16.45
N ARG K 88 -31.70 -32.67 16.58
CA ARG K 88 -31.01 -33.20 15.39
C ARG K 88 -31.60 -34.50 14.89
N LYS K 95 -20.06 -43.24 9.96
CA LYS K 95 -18.85 -42.72 9.36
C LYS K 95 -17.68 -43.64 9.63
N GLU K 96 -16.82 -43.79 8.63
CA GLU K 96 -15.58 -44.54 8.75
C GLU K 96 -14.45 -43.55 9.03
N ILE K 97 -13.77 -43.76 10.16
CA ILE K 97 -12.61 -42.96 10.50
C ILE K 97 -11.41 -43.47 9.72
N VAL K 98 -10.67 -42.55 9.12
CA VAL K 98 -9.60 -42.88 8.18
C VAL K 98 -8.26 -42.38 8.69
N ARG K 99 -8.26 -41.30 9.48
CA ARG K 99 -7.04 -40.81 10.10
C ARG K 99 -7.41 -40.20 11.43
N THR K 100 -6.55 -40.36 12.43
CA THR K 100 -6.72 -39.76 13.72
C THR K 100 -5.35 -39.23 14.20
N VAL K 101 -5.32 -37.96 14.60
CA VAL K 101 -4.19 -37.40 15.32
C VAL K 101 -4.68 -36.82 16.64
N ILE K 102 -4.31 -37.46 17.75
CA ILE K 102 -4.62 -36.95 19.08
C ILE K 102 -3.29 -36.49 19.71
N THR K 103 -3.24 -35.23 20.14
CA THR K 103 -2.04 -34.67 20.71
C THR K 103 -2.37 -33.99 22.04
N THR K 104 -1.63 -34.35 23.09
CA THR K 104 -1.84 -33.76 24.40
C THR K 104 -0.65 -32.90 24.75
N TYR K 105 -0.94 -31.83 25.48
CA TYR K 105 0.05 -30.82 25.86
C TYR K 105 -0.02 -30.66 27.37
N GLY K 106 1.03 -31.06 28.08
CA GLY K 106 0.97 -31.11 29.53
C GLY K 106 -0.08 -32.12 29.97
N HIS K 107 -0.72 -31.82 31.09
CA HIS K 107 -1.68 -32.73 31.68
C HIS K 107 -3.13 -32.36 31.39
N ASP K 108 -3.40 -31.16 30.89
CA ASP K 108 -4.78 -30.62 30.90
C ASP K 108 -5.34 -30.13 29.58
N PHE K 109 -4.60 -30.28 28.49
CA PHE K 109 -5.02 -29.76 27.20
C PHE K 109 -4.73 -30.73 26.08
N ALA K 110 -5.57 -30.70 25.06
CA ALA K 110 -5.41 -31.62 23.94
C ALA K 110 -6.15 -31.14 22.71
N THR K 111 -5.70 -31.64 21.56
CA THR K 111 -6.45 -31.52 20.32
C THR K 111 -6.71 -32.90 19.77
N ALA K 112 -7.82 -33.03 19.06
CA ALA K 112 -8.17 -34.28 18.36
C ALA K 112 -8.64 -33.92 16.96
N ASN K 113 -7.97 -34.48 15.97
CA ASN K 113 -8.23 -34.20 14.58
C ASN K 113 -8.37 -35.49 13.82
N ILE K 114 -9.50 -35.66 13.13
CA ILE K 114 -9.75 -36.85 12.35
C ILE K 114 -10.20 -36.55 10.93
N GLU K 115 -10.00 -37.52 10.06
CA GLU K 115 -10.59 -37.54 8.74
C GLU K 115 -11.56 -38.71 8.72
N PHE K 116 -12.67 -38.53 8.03
CA PHE K 116 -13.62 -39.62 7.91
C PHE K 116 -14.27 -39.63 6.54
N ARG K 117 -14.94 -40.74 6.26
CA ARG K 117 -15.57 -41.00 4.96
C ARG K 117 -16.95 -41.57 5.26
N ARG K 118 -17.87 -41.45 4.32
CA ARG K 118 -19.15 -42.12 4.42
C ARG K 118 -19.42 -42.87 3.13
N LEU K 119 -19.95 -44.08 3.20
CA LEU K 119 -20.44 -44.79 2.01
C LEU K 119 -21.64 -44.15 1.33
N SER K 120 -22.41 -43.32 2.03
CA SER K 120 -23.53 -42.60 1.46
C SER K 120 -23.15 -41.29 0.77
N HIS K 121 -21.95 -40.76 0.98
CA HIS K 121 -21.47 -39.58 0.28
C HIS K 121 -20.05 -39.78 -0.20
N SER K 122 -19.87 -40.74 -1.12
CA SER K 122 -18.54 -41.18 -1.57
C SER K 122 -17.71 -40.06 -2.15
N GLN K 123 -18.37 -39.00 -2.62
CA GLN K 123 -17.66 -37.86 -3.17
C GLN K 123 -17.12 -36.87 -2.12
N LEU K 124 -17.41 -37.07 -0.82
CA LEU K 124 -16.98 -36.10 0.21
C LEU K 124 -16.09 -36.74 1.26
N THR K 125 -14.95 -36.12 1.57
CA THR K 125 -14.14 -36.50 2.71
C THR K 125 -14.40 -35.54 3.87
N GLY K 126 -14.57 -36.10 5.06
CA GLY K 126 -14.87 -35.32 6.25
C GLY K 126 -13.65 -34.99 7.10
N ARG K 127 -13.67 -33.83 7.74
CA ARG K 127 -12.68 -33.43 8.73
C ARG K 127 -13.39 -32.99 9.99
N GLN K 128 -12.84 -33.37 11.14
CA GLN K 128 -13.37 -33.00 12.44
C GLN K 128 -12.22 -32.61 13.35
N SER K 129 -12.28 -31.41 13.89
CA SER K 129 -11.22 -30.91 14.78
C SER K 129 -11.86 -30.55 16.10
N GLN K 130 -11.19 -30.91 17.19
CA GLN K 130 -11.65 -30.61 18.53
C GLN K 130 -10.48 -30.16 19.38
N THR K 131 -10.76 -29.20 20.29
CA THR K 131 -9.81 -28.85 21.33
C THR K 131 -10.41 -29.25 22.67
N TRP K 132 -9.63 -29.99 23.47
CA TRP K 132 -10.12 -30.54 24.73
C TRP K 132 -9.35 -29.93 25.89
N MET K 133 -10.08 -29.75 27.01
CA MET K 133 -9.53 -29.21 28.24
C MET K 133 -9.99 -30.07 29.41
N ARG K 134 -9.09 -30.33 30.34
CA ARG K 134 -9.47 -31.09 31.54
C ARG K 134 -10.09 -30.14 32.55
N THR K 135 -11.36 -30.36 32.87
CA THR K 135 -12.05 -29.59 33.90
C THR K 135 -12.19 -30.44 35.16
N SER K 136 -12.74 -29.84 36.21
CA SER K 136 -12.97 -30.56 37.46
C SER K 136 -13.98 -31.67 37.29
N GLN K 137 -14.81 -31.61 36.24
CA GLN K 137 -15.75 -32.69 35.97
C GLN K 137 -15.27 -33.65 34.88
N GLY K 138 -14.02 -33.50 34.45
CA GLY K 138 -13.46 -34.33 33.39
C GLY K 138 -13.14 -33.55 32.12
N TRP K 139 -12.72 -34.29 31.09
CA TRP K 139 -12.33 -33.69 29.83
C TRP K 139 -13.57 -33.15 29.11
N ARG K 140 -13.41 -31.95 28.54
CA ARG K 140 -14.48 -31.31 27.79
C ARG K 140 -13.96 -30.70 26.49
N VAL K 141 -14.84 -30.71 25.48
CA VAL K 141 -14.54 -30.05 24.23
C VAL K 141 -14.86 -28.54 24.39
N VAL K 142 -13.87 -27.69 24.12
CA VAL K 142 -14.05 -26.27 24.23
C VAL K 142 -14.35 -25.60 22.88
N ALA K 143 -14.00 -26.29 21.80
CA ALA K 143 -14.26 -25.79 20.45
C ALA K 143 -14.15 -26.94 19.46
N ALA K 144 -15.06 -26.99 18.49
CA ALA K 144 -15.05 -28.00 17.45
C ALA K 144 -15.38 -27.39 16.09
N HIS K 145 -14.92 -28.07 15.05
CA HIS K 145 -15.10 -27.62 13.68
C HIS K 145 -15.18 -28.88 12.78
N VAL K 146 -16.30 -29.02 12.07
N VAL K 146 -16.31 -29.05 12.09
CA VAL K 146 -16.50 -30.15 11.15
CA VAL K 146 -16.50 -30.16 11.16
C VAL K 146 -16.79 -29.63 9.77
C VAL K 146 -16.75 -29.59 9.77
N SER K 147 -16.16 -30.22 8.75
CA SER K 147 -16.37 -29.82 7.38
C SER K 147 -16.17 -30.96 6.40
N LEU K 148 -16.86 -30.87 5.28
CA LEU K 148 -16.81 -31.90 4.23
C LEU K 148 -16.33 -31.25 2.95
N ILE K 149 -15.39 -31.90 2.28
CA ILE K 149 -14.83 -31.39 1.05
C ILE K 149 -14.65 -32.52 0.04
N ALA K 150 -14.48 -32.13 -1.21
CA ALA K 150 -14.29 -33.10 -2.28
C ALA K 150 -12.79 -33.22 -2.50
N LEU K 151 -12.33 -34.44 -2.76
CA LEU K 151 -11.00 -34.62 -3.41
C LEU K 151 -10.96 -35.88 -4.26
N LEU L 24 -7.50 -24.74 34.76
CA LEU L 24 -7.62 -23.85 33.56
C LEU L 24 -9.00 -23.18 33.48
N GLU L 25 -10.05 -23.96 33.72
CA GLU L 25 -11.40 -23.44 33.70
C GLU L 25 -11.61 -22.31 34.74
N MET L 26 -10.66 -22.14 35.64
CA MET L 26 -10.72 -21.10 36.62
C MET L 26 -10.11 -19.82 36.10
N GLN L 27 -9.33 -19.87 35.00
CA GLN L 27 -8.69 -18.71 34.46
C GLN L 27 -9.03 -18.54 32.98
N ILE L 28 -10.28 -18.18 32.73
CA ILE L 28 -10.73 -17.92 31.37
C ILE L 28 -10.51 -16.47 31.02
N ASN L 29 -9.79 -16.22 29.94
CA ASN L 29 -9.58 -14.86 29.44
C ASN L 29 -8.95 -13.93 30.46
N LEU L 30 -7.87 -14.39 31.09
CA LEU L 30 -7.05 -13.52 31.90
C LEU L 30 -6.60 -12.36 31.00
N PRO L 31 -6.81 -11.11 31.44
CA PRO L 31 -6.59 -9.97 30.54
C PRO L 31 -5.23 -9.93 29.86
N GLU L 32 -4.16 -10.19 30.59
CA GLU L 32 -2.83 -10.09 30.02
C GLU L 32 -2.58 -11.20 29.00
N VAL L 33 -3.09 -12.39 29.30
CA VAL L 33 -2.96 -13.53 28.40
C VAL L 33 -3.79 -13.30 27.13
N HIS L 34 -5.03 -12.89 27.31
CA HIS L 34 -5.92 -12.61 26.17
C HIS L 34 -5.31 -11.52 25.27
N ALA L 35 -4.68 -10.52 25.88
CA ALA L 35 -4.04 -9.47 25.10
C ALA L 35 -2.86 -10.02 24.26
N GLU L 36 -2.05 -10.88 24.84
CA GLU L 36 -0.91 -11.44 24.10
C GLU L 36 -1.39 -12.27 22.92
N VAL L 37 -2.40 -13.11 23.15
CA VAL L 37 -2.87 -13.99 22.09
C VAL L 37 -3.55 -13.18 20.98
N THR L 38 -4.33 -12.19 21.37
CA THR L 38 -5.00 -11.34 20.37
C THR L 38 -3.95 -10.67 19.51
N ALA L 39 -2.85 -10.21 20.10
CA ALA L 39 -1.78 -9.57 19.33
C ALA L 39 -1.20 -10.51 18.30
N GLN L 40 -0.94 -11.76 18.71
CA GLN L 40 -0.36 -12.74 17.80
C GLN L 40 -1.34 -13.10 16.70
N PHE L 41 -2.62 -13.15 17.03
CA PHE L 41 -3.63 -13.41 16.04
C PHE L 41 -3.68 -12.32 14.99
N VAL L 42 -3.62 -11.07 15.44
CA VAL L 42 -3.56 -9.94 14.49
C VAL L 42 -2.30 -10.03 13.65
N ARG L 43 -1.18 -10.36 14.27
CA ARG L 43 0.06 -10.59 13.51
C ARG L 43 -0.16 -11.62 12.41
N TYR L 44 -0.83 -12.72 12.74
CA TYR L 44 -1.07 -13.78 11.76
C TYR L 44 -1.90 -13.25 10.60
N GLU L 45 -2.98 -12.54 10.91
CA GLU L 45 -3.85 -12.00 9.88
C GLU L 45 -3.14 -10.99 8.98
N LYS L 46 -2.29 -10.16 9.58
CA LYS L 46 -1.47 -9.22 8.81
C LYS L 46 -0.50 -9.94 7.88
N ALA L 47 0.10 -11.03 8.35
CA ALA L 47 1.03 -11.80 7.53
C ALA L 47 0.34 -12.50 6.36
N LEU L 48 -0.91 -12.88 6.55
CA LEU L 48 -1.68 -13.44 5.43
C LEU L 48 -1.87 -12.40 4.33
N THR L 49 -2.25 -11.20 4.71
CA THR L 49 -2.54 -10.12 3.77
C THR L 49 -1.31 -9.72 2.94
N SER L 50 -0.14 -9.71 3.58
CA SER L 50 1.11 -9.37 2.89
C SER L 50 1.84 -10.61 2.37
N ASN L 51 1.23 -11.78 2.51
CA ASN L 51 1.89 -13.07 2.24
C ASN L 51 3.31 -13.13 2.81
N ASP L 52 3.45 -12.70 4.06
CA ASP L 52 4.72 -12.77 4.77
C ASP L 52 4.92 -14.20 5.29
N THR L 53 5.48 -15.05 4.45
CA THR L 53 5.66 -16.47 4.77
C THR L 53 6.60 -16.70 5.96
N ALA L 54 7.57 -15.81 6.14
CA ALA L 54 8.47 -15.91 7.30
C ALA L 54 7.67 -15.85 8.60
N VAL L 55 6.77 -14.88 8.71
CA VAL L 55 5.94 -14.74 9.91
C VAL L 55 4.91 -15.88 9.99
N LEU L 56 4.34 -16.27 8.84
CA LEU L 56 3.35 -17.35 8.83
C LEU L 56 3.97 -18.65 9.34
N ASN L 57 5.19 -18.94 8.91
CA ASN L 57 5.90 -20.13 9.40
C ASN L 57 6.35 -19.99 10.85
N GLU L 58 6.80 -18.80 11.23
CA GLU L 58 7.19 -18.53 12.61
C GLU L 58 6.05 -18.87 13.58
N LEU L 59 4.82 -18.57 13.19
CA LEU L 59 3.68 -18.68 14.10
C LEU L 59 3.08 -20.08 14.24
N PHE L 60 3.42 -21.00 13.33
CA PHE L 60 3.00 -22.37 13.43
C PHE L 60 4.02 -23.17 14.23
N TRP L 61 3.51 -24.01 15.13
CA TRP L 61 4.36 -24.82 15.99
C TRP L 61 5.22 -25.76 15.13
N ASN L 62 6.53 -25.71 15.35
CA ASN L 62 7.46 -26.56 14.59
C ASN L 62 7.49 -27.95 15.22
N SER L 63 6.63 -28.83 14.73
CA SER L 63 6.48 -30.18 15.25
C SER L 63 5.82 -31.04 14.19
N PRO L 64 6.13 -32.35 14.16
CA PRO L 64 5.39 -33.22 13.23
C PRO L 64 3.91 -33.38 13.61
N GLN L 65 3.56 -33.08 14.86
CA GLN L 65 2.16 -33.19 15.28
C GLN L 65 1.28 -32.07 14.74
N THR L 66 1.87 -30.90 14.51
CA THR L 66 1.13 -29.75 13.99
C THR L 66 0.40 -30.12 12.71
N LEU L 67 -0.83 -29.64 12.56
CA LEU L 67 -1.57 -29.94 11.35
C LEU L 67 -2.50 -28.82 10.96
N ARG L 68 -2.85 -28.81 9.69
CA ARG L 68 -3.75 -27.80 9.13
C ARG L 68 -4.70 -28.46 8.16
N TYR L 69 -5.98 -28.48 8.52
CA TYR L 69 -7.03 -28.86 7.59
C TYR L 69 -7.45 -27.60 6.83
N GLY L 70 -6.85 -27.41 5.66
CA GLY L 70 -7.15 -26.27 4.81
C GLY L 70 -8.50 -26.40 4.11
N ALA L 71 -8.86 -25.35 3.38
CA ALA L 71 -10.13 -25.30 2.67
C ALA L 71 -10.26 -26.44 1.67
N THR L 72 -9.16 -26.87 1.06
CA THR L 72 -9.20 -27.91 0.04
C THR L 72 -8.15 -29.01 0.22
N GLU L 73 -7.34 -28.96 1.29
CA GLU L 73 -6.24 -29.89 1.47
C GLU L 73 -5.95 -30.15 2.95
N ASN L 74 -5.47 -31.35 3.26
CA ASN L 74 -5.11 -31.73 4.62
C ASN L 74 -3.60 -31.85 4.71
N LEU L 75 -2.98 -31.09 5.61
CA LEU L 75 -1.54 -31.13 5.79
C LEU L 75 -1.18 -31.60 7.19
N TYR L 76 -0.30 -32.60 7.25
CA TYR L 76 0.20 -33.14 8.52
C TYR L 76 1.69 -32.82 8.70
N GLY L 77 1.99 -32.15 9.79
CA GLY L 77 3.37 -31.81 10.15
C GLY L 77 3.74 -30.41 9.71
N TYR L 78 4.58 -29.77 10.50
CA TYR L 78 5.08 -28.43 10.19
C TYR L 78 5.74 -28.36 8.82
N GLU L 79 6.57 -29.34 8.48
CA GLU L 79 7.26 -29.32 7.19
C GLU L 79 6.30 -29.26 6.02
N ALA L 80 5.22 -30.02 6.10
CA ALA L 80 4.21 -29.98 5.04
C ALA L 80 3.50 -28.63 5.01
N ILE L 81 3.28 -28.02 6.16
CA ILE L 81 2.61 -26.71 6.21
C ILE L 81 3.53 -25.61 5.66
N ALA L 82 4.78 -25.61 6.08
CA ALA L 82 5.77 -24.64 5.58
C ALA L 82 5.99 -24.77 4.08
N GLY L 83 6.05 -26.00 3.59
CA GLY L 83 6.20 -26.27 2.16
C GLY L 83 5.03 -25.75 1.36
N PHE L 84 3.84 -25.95 1.89
CA PHE L 84 2.62 -25.41 1.29
C PHE L 84 2.66 -23.88 1.19
N ARG L 85 3.17 -23.22 2.22
CA ARG L 85 3.27 -21.77 2.24
C ARG L 85 4.23 -21.25 1.19
N ALA L 86 5.31 -22.01 0.91
CA ALA L 86 6.28 -21.59 -0.07
C ALA L 86 5.72 -21.63 -1.49
N THR L 87 4.79 -22.54 -1.76
CA THR L 87 4.18 -22.68 -3.09
C THR L 87 2.80 -21.93 -3.23
N LYS L 95 -9.37 -11.92 2.62
CA LYS L 95 -10.52 -12.34 3.36
C LYS L 95 -11.06 -11.19 4.22
N GLU L 96 -12.38 -11.08 4.26
CA GLU L 96 -13.05 -10.14 5.14
C GLU L 96 -13.52 -10.83 6.40
N ILE L 97 -12.95 -10.47 7.56
CA ILE L 97 -13.30 -11.09 8.82
C ILE L 97 -14.60 -10.48 9.32
N VAL L 98 -15.50 -11.33 9.77
CA VAL L 98 -16.86 -10.92 10.13
C VAL L 98 -17.13 -11.17 11.63
N ARG L 99 -16.48 -12.18 12.20
CA ARG L 99 -16.60 -12.50 13.60
C ARG L 99 -15.33 -13.07 14.13
N THR L 100 -14.97 -12.72 15.37
CA THR L 100 -13.73 -13.20 15.98
C THR L 100 -13.95 -13.51 17.44
N VAL L 101 -13.67 -14.73 17.86
CA VAL L 101 -13.76 -15.13 19.27
C VAL L 101 -12.42 -15.72 19.69
N ILE L 102 -11.72 -15.02 20.57
CA ILE L 102 -10.46 -15.48 21.13
C ILE L 102 -10.69 -15.82 22.59
N THR L 103 -10.35 -17.03 23.00
CA THR L 103 -10.55 -17.48 24.37
C THR L 103 -9.25 -18.11 24.89
N THR L 104 -8.80 -17.65 26.07
CA THR L 104 -7.59 -18.16 26.66
C THR L 104 -7.94 -18.94 27.92
N TYR L 105 -7.14 -19.97 28.18
CA TYR L 105 -7.37 -20.91 29.28
C TYR L 105 -6.06 -20.98 30.07
N GLY L 106 -6.07 -20.50 31.30
CA GLY L 106 -4.84 -20.39 32.06
C GLY L 106 -3.89 -19.43 31.38
N HIS L 107 -2.60 -19.71 31.49
CA HIS L 107 -1.58 -18.82 30.97
C HIS L 107 -1.01 -19.26 29.64
N ASP L 108 -1.25 -20.51 29.21
CA ASP L 108 -0.48 -21.09 28.10
C ASP L 108 -1.26 -21.66 26.94
N PHE L 109 -2.57 -21.54 26.94
CA PHE L 109 -3.40 -22.16 25.89
C PHE L 109 -4.52 -21.23 25.45
N ALA L 110 -4.89 -21.37 24.19
CA ALA L 110 -5.94 -20.52 23.63
C ALA L 110 -6.55 -21.16 22.39
N THR L 111 -7.77 -20.72 22.09
CA THR L 111 -8.38 -20.98 20.80
C THR L 111 -8.73 -19.66 20.13
N ALA L 112 -8.70 -19.66 18.81
CA ALA L 112 -9.12 -18.50 18.02
C ALA L 112 -10.02 -18.98 16.90
N ASN L 113 -11.23 -18.45 16.89
CA ASN L 113 -12.24 -18.87 15.93
C ASN L 113 -12.82 -17.67 15.25
N ILE L 114 -12.79 -17.68 13.91
CA ILE L 114 -13.31 -16.58 13.14
C ILE L 114 -14.28 -17.06 12.07
N GLU L 115 -15.15 -16.15 11.64
CA GLU L 115 -15.92 -16.29 10.44
C GLU L 115 -15.42 -15.26 9.47
N PHE L 116 -15.40 -15.61 8.19
CA PHE L 116 -14.97 -14.65 7.18
C PHE L 116 -15.78 -14.83 5.89
N ARG L 117 -15.58 -13.90 4.96
CA ARG L 117 -15.95 -14.09 3.58
C ARG L 117 -14.74 -13.92 2.66
N ARG L 118 -14.74 -14.62 1.57
CA ARG L 118 -13.73 -14.44 0.57
C ARG L 118 -14.30 -13.67 -0.60
N LEU L 119 -13.52 -12.75 -1.13
CA LEU L 119 -13.91 -12.02 -2.35
C LEU L 119 -14.12 -12.88 -3.59
N SER L 120 -13.46 -14.05 -3.66
CA SER L 120 -13.65 -14.94 -4.81
C SER L 120 -14.98 -15.72 -4.79
N HIS L 121 -15.60 -15.87 -3.62
CA HIS L 121 -16.78 -16.73 -3.48
C HIS L 121 -17.74 -16.07 -2.50
N SER L 122 -18.32 -14.98 -2.97
CA SER L 122 -19.32 -14.21 -2.20
C SER L 122 -20.50 -15.05 -1.72
N GLN L 123 -20.75 -16.18 -2.38
CA GLN L 123 -21.79 -17.10 -1.97
C GLN L 123 -21.43 -18.02 -0.77
N LEU L 124 -20.19 -17.97 -0.28
CA LEU L 124 -19.73 -18.94 0.76
C LEU L 124 -19.27 -18.19 2.02
N THR L 125 -19.63 -18.71 3.17
CA THR L 125 -19.12 -18.19 4.45
C THR L 125 -17.98 -19.08 4.96
N GLY L 126 -16.89 -18.45 5.36
CA GLY L 126 -15.70 -19.13 5.82
C GLY L 126 -15.63 -19.28 7.34
N ARG L 127 -15.06 -20.39 7.80
CA ARG L 127 -14.76 -20.62 9.21
C ARG L 127 -13.30 -21.01 9.34
N GLN L 128 -12.64 -20.45 10.34
CA GLN L 128 -11.25 -20.75 10.62
C GLN L 128 -11.10 -20.93 12.12
N SER L 129 -10.61 -22.12 12.52
CA SER L 129 -10.36 -22.41 13.91
C SER L 129 -8.88 -22.66 14.11
N GLN L 130 -8.36 -22.16 15.21
CA GLN L 130 -6.95 -22.35 15.56
C GLN L 130 -6.87 -22.65 17.05
N THR L 131 -5.92 -23.53 17.41
CA THR L 131 -5.57 -23.75 18.80
C THR L 131 -4.13 -23.26 19.00
N TRP L 132 -3.95 -22.43 20.02
CA TRP L 132 -2.66 -21.79 20.27
C TRP L 132 -2.07 -22.27 21.59
N MET L 133 -0.75 -22.41 21.61
CA MET L 133 -0.02 -22.84 22.80
C MET L 133 1.18 -21.92 23.00
N ARG L 134 1.46 -21.57 24.24
CA ARG L 134 2.63 -20.76 24.53
C ARG L 134 3.85 -21.66 24.64
N THR L 135 4.80 -21.47 23.74
CA THR L 135 6.08 -22.19 23.80
C THR L 135 7.17 -21.26 24.33
N SER L 136 8.36 -21.82 24.50
CA SER L 136 9.49 -21.02 24.96
C SER L 136 9.89 -19.96 23.95
N GLN L 137 9.49 -20.12 22.68
CA GLN L 137 9.75 -19.11 21.66
C GLN L 137 8.55 -18.23 21.36
N GLY L 138 7.49 -18.34 22.18
CA GLY L 138 6.28 -17.57 21.99
C GLY L 138 5.08 -18.41 21.61
N TRP L 139 3.97 -17.73 21.34
CA TRP L 139 2.72 -18.39 21.01
C TRP L 139 2.80 -19.03 19.63
N ARG L 140 2.28 -20.25 19.53
CA ARG L 140 2.28 -20.99 18.28
C ARG L 140 0.94 -21.68 18.03
N VAL L 141 0.59 -21.77 16.76
CA VAL L 141 -0.57 -22.54 16.35
C VAL L 141 -0.20 -24.03 16.30
N VAL L 142 -0.94 -24.84 17.04
CA VAL L 142 -0.68 -26.29 17.07
C VAL L 142 -1.61 -27.07 16.13
N ALA L 143 -2.74 -26.46 15.77
CA ALA L 143 -3.69 -27.09 14.87
C ALA L 143 -4.64 -26.04 14.33
N ALA L 144 -4.97 -26.16 13.06
CA ALA L 144 -5.88 -25.22 12.39
C ALA L 144 -6.78 -25.96 11.43
N HIS L 145 -7.95 -25.37 11.19
CA HIS L 145 -8.98 -25.97 10.35
C HIS L 145 -9.78 -24.84 9.69
N VAL L 146 -9.80 -24.83 8.36
CA VAL L 146 -10.50 -23.84 7.56
C VAL L 146 -11.49 -24.54 6.65
N SER L 147 -12.68 -23.97 6.54
CA SER L 147 -13.71 -24.52 5.66
C SER L 147 -14.67 -23.43 5.20
N LEU L 148 -15.25 -23.62 4.02
CA LEU L 148 -16.27 -22.76 3.46
C LEU L 148 -17.57 -23.53 3.29
N ILE L 149 -18.65 -22.88 3.67
CA ILE L 149 -19.98 -23.46 3.50
C ILE L 149 -20.97 -22.40 3.00
N ALA L 150 -22.10 -22.85 2.51
CA ALA L 150 -23.20 -21.98 2.15
C ALA L 150 -24.28 -22.22 3.21
N LEU L 151 -25.04 -21.17 3.52
CA LEU L 151 -26.35 -21.31 4.16
C LEU L 151 -27.39 -22.18 3.40
CAA 6JN M . 18.42 23.11 -12.70
CAB 6JN M . 17.52 23.50 -13.85
CAC 6JN M . 17.88 23.94 -11.60
CAD 6JN M . 17.17 23.24 -10.52
CAE 6JN M . 17.96 22.10 -9.97
OAF 6JN M . 19.13 22.42 -9.57
OAG 6JN M . 17.30 21.02 -10.03
OAH 6JN M . 17.95 25.14 -11.60
OAI 6JN M . 17.53 24.72 -14.19
OAJ 6JN M . 16.87 22.52 -14.30
CAA 6JN N . -3.54 27.12 -3.70
CAB 6JN N . -3.50 26.50 -5.08
CAC 6JN N . -2.24 27.73 -3.31
CAD 6JN N . -0.94 26.99 -3.39
CAE 6JN N . -0.43 26.42 -2.07
OAF 6JN N . 0.03 25.25 -2.08
OAG 6JN N . -0.52 27.22 -1.09
OAH 6JN N . -2.21 28.89 -2.93
OAI 6JN N . -3.18 27.28 -6.02
OAJ 6JN N . -3.79 25.27 -5.09
CAA 6JN O . -42.01 2.96 2.58
CAB 6JN O . -41.84 2.40 1.19
CAC 6JN O . -40.70 3.48 3.05
CAD 6JN O . -40.77 4.90 3.51
CAE 6JN O . -39.35 5.38 3.55
OAF 6JN O . -38.94 5.88 2.48
OAG 6JN O . -38.78 5.17 4.65
OAH 6JN O . -39.68 2.79 3.06
OAI 6JN O . -42.17 3.19 0.28
OAJ 6JN O . -41.40 1.21 1.18
#